data_2GBG
#
_entry.id   2GBG
#
_cell.length_a   207.500
_cell.length_b   207.500
_cell.length_c   207.500
_cell.angle_alpha   90.00
_cell.angle_beta   90.00
_cell.angle_gamma   90.00
#
_symmetry.space_group_name_H-M   'P 21 3'
#
loop_
_entity.id
_entity.type
_entity.pdbx_description
1 polymer 'Dipeptidyl peptidase 4'
2 non-polymer 'SULFATE ION'
3 non-polymer (1S)-2-[(2S,5R)-2-(AMINOMETHYL)-5-PROP-1-YN-1-YLPYRROLIDIN-1-YL]-1-CYCLOPENTYL-2-OXOETHANAMINE
#
_entity_poly.entity_id   1
_entity_poly.type   'polypeptide(L)'
_entity_poly.pdbx_seq_one_letter_code
;RRTYTLADYLKNTFRVKSYSLRWVSDSEYLYKQENNILLFNAEHGNSSIFLENSTFEIFGDSISDYSVSPDRLFVLLEYN
YVKQWRHSYTASYSIYDLNKRQLITEEKIPNNTQWITWSQEGHKLAYVWKNDIYVKIEPHLPSHRITSTGKENVIFNGIN
DWVYEEEIFGAYSALWWSPNGTFLAYAQFNDTGVPLIEYSFYSDESLQYPKTVWIPYPKAGAVNPTVKFFIVNTDSLSST
TTTIPMQITAPASVTTGDHYLCDVAWVSEDRISLQWLRRIQNYSVMAICDYDKTTLVWNCPTTQEHIETSATGWCGRFRP
AEPHFTSDGSSFYKIVSDKDGYKHICQFQKDRKPEQVCTFITKGAWEVISIEALTSDYLYYISNEYKEMPGGRNLYKIQL
TDHTNKKCLSCDLNPERCQYYSVSLSKEAKYYQLGCRGPGLPLYTLHRSTDQKELRVLEDNSALDKMLQDVQMPSKKLDF
IVLNETRFWYQMILPPHFDKSKKYPLLIDVYAGPCSQKADAAFRLNWATYLASTENIIVASFDGRGSGYQGDKIMHAINK
RLGTLEVEDQIEAARQFLKMGFVDSKRVAIWGWSYGGYVTSMVLGSGSGVFKCGIAVAPVSRWEYYDSVYTERYMGLPTP
EDNLDHYRNSTVMSRAENFKQVEYLLIHGTADDNVHFQQSAQISKALVDAGVDFQAMWYTDEDHGIASSTAHQHIYSHMS
HFLQQCFSLR
;
_entity_poly.pdbx_strand_id   A,B
#
# COMPACT_ATOMS: atom_id res chain seq x y z
N ARG A 1 -33.08 0.66 30.78
CA ARG A 1 -33.29 -0.54 29.94
C ARG A 1 -32.53 -0.43 28.60
N ARG A 2 -31.78 0.65 28.41
CA ARG A 2 -31.00 0.86 27.18
C ARG A 2 -29.59 0.26 27.34
N THR A 3 -29.06 -0.33 26.26
CA THR A 3 -27.72 -0.94 26.26
C THR A 3 -26.67 0.12 25.85
N TYR A 4 -25.39 -0.24 25.94
CA TYR A 4 -24.29 0.67 25.56
C TYR A 4 -23.96 0.37 24.10
N THR A 5 -24.50 1.22 23.21
CA THR A 5 -24.34 1.11 21.75
C THR A 5 -22.91 1.36 21.22
N LEU A 6 -22.58 0.85 20.03
CA LEU A 6 -21.25 1.10 19.46
C LEU A 6 -21.21 2.59 19.19
N ALA A 7 -22.38 3.18 18.98
CA ALA A 7 -22.49 4.61 18.73
C ALA A 7 -22.11 5.38 19.98
N ASP A 8 -22.48 4.85 21.14
CA ASP A 8 -22.15 5.50 22.41
C ASP A 8 -20.65 5.62 22.51
N TYR A 9 -19.96 4.55 22.13
CA TYR A 9 -18.52 4.47 22.15
C TYR A 9 -17.88 5.39 21.10
N LEU A 10 -18.28 5.22 19.84
CA LEU A 10 -17.73 6.02 18.77
C LEU A 10 -18.03 7.52 18.85
N LYS A 11 -19.16 7.89 19.46
CA LYS A 11 -19.52 9.30 19.58
C LYS A 11 -19.20 9.84 20.96
N ASN A 12 -18.50 9.04 21.76
CA ASN A 12 -18.14 9.41 23.12
C ASN A 12 -19.33 10.06 23.84
N THR A 13 -20.45 9.34 23.85
CA THR A 13 -21.68 9.80 24.47
C THR A 13 -21.54 10.01 25.97
N PHE A 14 -20.95 9.03 26.65
CA PHE A 14 -20.76 9.12 28.07
C PHE A 14 -19.35 9.51 28.45
N ARG A 15 -19.15 10.81 28.60
CA ARG A 15 -17.86 11.39 28.96
C ARG A 15 -17.42 11.10 30.41
N VAL A 16 -16.16 10.72 30.58
CA VAL A 16 -15.59 10.44 31.90
C VAL A 16 -14.66 11.60 32.28
N LYS A 17 -14.96 12.27 33.39
CA LYS A 17 -14.15 13.39 33.80
C LYS A 17 -12.94 13.06 34.65
N SER A 18 -12.11 14.08 34.85
CA SER A 18 -10.90 13.96 35.65
C SER A 18 -10.50 15.33 36.16
N TYR A 19 -9.36 15.40 36.84
CA TYR A 19 -8.91 16.67 37.38
C TYR A 19 -7.41 16.76 37.15
N SER A 20 -7.04 17.24 35.97
CA SER A 20 -5.64 17.39 35.64
C SER A 20 -5.21 18.78 36.05
N LEU A 21 -4.50 18.85 37.17
CA LEU A 21 -4.02 20.12 37.69
C LEU A 21 -2.53 20.26 37.44
N ARG A 22 -2.01 21.45 37.69
CA ARG A 22 -0.61 21.70 37.48
C ARG A 22 -0.04 22.40 38.69
N TRP A 23 0.70 21.68 39.51
CA TRP A 23 1.28 22.29 40.70
C TRP A 23 2.22 23.44 40.32
N VAL A 24 1.84 24.65 40.70
CA VAL A 24 2.66 25.82 40.40
C VAL A 24 3.61 26.10 41.55
N SER A 25 3.34 25.51 42.71
CA SER A 25 4.17 25.69 43.89
C SER A 25 3.95 24.57 44.88
N ASP A 26 4.32 24.79 46.13
CA ASP A 26 4.14 23.76 47.13
C ASP A 26 2.73 23.88 47.72
N SER A 27 1.95 24.83 47.23
CA SER A 27 0.62 25.04 47.80
C SER A 27 -0.46 25.58 46.87
N GLU A 28 -0.09 25.86 45.62
CA GLU A 28 -1.05 26.35 44.63
C GLU A 28 -0.93 25.57 43.35
N TYR A 29 -2.04 25.46 42.63
CA TYR A 29 -2.00 24.73 41.38
C TYR A 29 -2.86 25.42 40.33
N LEU A 30 -2.58 25.13 39.06
CA LEU A 30 -3.34 25.71 37.97
C LEU A 30 -4.36 24.69 37.52
N TYR A 31 -5.49 25.19 37.05
CA TYR A 31 -6.55 24.31 36.57
C TYR A 31 -7.40 25.01 35.54
N LYS A 32 -7.60 24.31 34.42
CA LYS A 32 -8.38 24.81 33.28
C LYS A 32 -9.86 24.61 33.58
N GLN A 33 -10.61 25.70 33.64
CA GLN A 33 -12.04 25.62 33.91
C GLN A 33 -12.81 26.53 32.96
N GLU A 34 -13.66 25.92 32.13
CA GLU A 34 -14.44 26.67 31.15
C GLU A 34 -13.46 27.54 30.37
N ASN A 35 -12.42 26.89 29.86
CA ASN A 35 -11.37 27.56 29.10
C ASN A 35 -10.84 28.81 29.77
N ASN A 36 -10.60 28.68 31.07
CA ASN A 36 -10.05 29.74 31.89
C ASN A 36 -9.09 29.05 32.82
N ILE A 37 -7.86 29.52 32.87
CA ILE A 37 -6.92 28.89 33.76
C ILE A 37 -7.08 29.56 35.12
N LEU A 38 -7.44 28.76 36.12
CA LEU A 38 -7.63 29.28 37.46
C LEU A 38 -6.55 28.79 38.37
N LEU A 39 -6.12 29.67 39.27
CA LEU A 39 -5.11 29.35 40.26
C LEU A 39 -5.88 28.95 41.50
N PHE A 40 -5.62 27.76 42.02
CA PHE A 40 -6.30 27.31 43.21
C PHE A 40 -5.31 27.21 44.35
N ASN A 41 -5.82 27.37 45.57
CA ASN A 41 -5.01 27.27 46.77
C ASN A 41 -5.34 25.93 47.41
N ALA A 42 -4.37 25.03 47.53
CA ALA A 42 -4.63 23.75 48.18
C ALA A 42 -4.76 24.15 49.63
N GLU A 43 -5.79 23.64 50.30
CA GLU A 43 -6.09 23.96 51.70
C GLU A 43 -7.51 24.48 51.63
N HIS A 44 -7.66 25.77 51.40
CA HIS A 44 -8.98 26.37 51.29
C HIS A 44 -9.26 26.44 49.80
N GLY A 45 -10.43 25.96 49.38
CA GLY A 45 -10.77 26.00 47.97
C GLY A 45 -10.44 27.31 47.24
N ASN A 46 -9.99 28.30 48.01
CA ASN A 46 -9.57 29.63 47.54
C ASN A 46 -9.14 29.55 46.06
N SER A 47 -9.86 30.19 45.16
CA SER A 47 -9.47 30.15 43.75
C SER A 47 -9.05 31.54 43.26
N SER A 48 -8.97 31.70 41.94
CA SER A 48 -8.58 32.99 41.35
C SER A 48 -8.22 32.84 39.87
N ILE A 49 -8.70 33.76 39.04
CA ILE A 49 -8.41 33.72 37.61
C ILE A 49 -6.94 33.96 37.30
N PHE A 50 -6.40 33.17 36.39
CA PHE A 50 -5.00 33.30 35.99
C PHE A 50 -4.95 33.80 34.54
N LEU A 51 -5.64 33.10 33.65
CA LEU A 51 -5.73 33.45 32.23
C LEU A 51 -7.21 33.32 31.89
N GLU A 52 -7.74 34.25 31.09
CA GLU A 52 -9.16 34.23 30.78
C GLU A 52 -9.67 33.55 29.53
N ASN A 53 -11.00 33.38 29.48
CA ASN A 53 -11.70 32.79 28.35
C ASN A 53 -11.06 33.55 27.20
N SER A 54 -10.69 34.79 27.52
CA SER A 54 -10.05 35.71 26.60
C SER A 54 -8.71 35.12 26.13
N THR A 55 -7.69 35.96 26.01
CA THR A 55 -6.36 35.54 25.58
C THR A 55 -6.41 34.44 24.53
N PHE A 56 -6.63 33.20 24.98
CA PHE A 56 -6.73 32.03 24.10
C PHE A 56 -7.44 32.29 22.76
N GLU A 57 -8.42 33.19 22.74
CA GLU A 57 -9.16 33.46 21.51
C GLU A 57 -8.40 34.26 20.44
N ILE A 58 -7.44 35.07 20.86
CA ILE A 58 -6.67 35.86 19.88
C ILE A 58 -6.17 34.89 18.82
N PHE A 59 -5.47 33.85 19.28
CA PHE A 59 -4.93 32.84 18.39
C PHE A 59 -6.10 31.93 17.97
N GLY A 60 -7.28 32.54 17.87
CA GLY A 60 -8.47 31.82 17.46
C GLY A 60 -8.78 30.52 18.19
N ASP A 61 -9.02 29.48 17.40
CA ASP A 61 -9.35 28.16 17.93
C ASP A 61 -8.21 27.18 17.74
N SER A 62 -7.06 27.67 17.31
CA SER A 62 -5.90 26.81 17.08
C SER A 62 -4.95 26.74 18.27
N ILE A 63 -5.36 27.29 19.41
CA ILE A 63 -4.51 27.25 20.61
C ILE A 63 -4.43 25.81 21.08
N SER A 64 -3.39 25.13 20.65
CA SER A 64 -3.15 23.76 20.98
C SER A 64 -2.83 23.49 22.45
N ASP A 65 -2.07 24.38 23.08
CA ASP A 65 -1.68 24.15 24.47
C ASP A 65 -1.01 25.40 25.07
N TYR A 66 -0.74 25.35 26.36
CA TYR A 66 -0.12 26.50 27.04
C TYR A 66 0.90 26.06 28.08
N SER A 67 1.96 26.84 28.26
CA SER A 67 2.98 26.50 29.24
C SER A 67 3.38 27.72 30.05
N VAL A 68 3.16 27.67 31.36
CA VAL A 68 3.50 28.79 32.21
C VAL A 68 4.92 28.72 32.75
N SER A 69 5.67 29.82 32.58
CA SER A 69 7.04 29.87 33.07
C SER A 69 7.01 29.56 34.56
N PRO A 70 8.03 28.88 35.07
CA PRO A 70 8.03 28.56 36.49
C PRO A 70 7.84 29.74 37.45
N ASP A 71 8.31 30.92 37.09
CA ASP A 71 8.16 32.10 37.95
C ASP A 71 6.81 32.79 37.65
N ARG A 72 5.93 32.05 36.99
CA ARG A 72 4.61 32.51 36.61
C ARG A 72 4.54 33.90 35.97
N LEU A 73 5.62 34.35 35.34
CA LEU A 73 5.60 35.66 34.73
C LEU A 73 5.14 35.67 33.26
N PHE A 74 5.37 34.57 32.55
CA PHE A 74 4.97 34.48 31.15
C PHE A 74 4.25 33.19 30.84
N VAL A 75 3.56 33.18 29.70
CA VAL A 75 2.84 32.00 29.26
C VAL A 75 3.14 31.73 27.79
N LEU A 76 3.49 30.48 27.52
CA LEU A 76 3.80 30.03 26.17
C LEU A 76 2.47 29.56 25.56
N LEU A 77 2.13 30.11 24.40
CA LEU A 77 0.89 29.70 23.76
C LEU A 77 1.20 28.94 22.49
N GLU A 78 0.88 27.64 22.52
CA GLU A 78 1.11 26.74 21.40
C GLU A 78 -0.08 26.73 20.45
N TYR A 79 0.17 26.78 19.15
CA TYR A 79 -0.88 26.76 18.15
C TYR A 79 -0.28 26.31 16.82
N ASN A 80 -1.11 25.79 15.92
CA ASN A 80 -0.63 25.30 14.63
C ASN A 80 0.11 23.98 14.82
N TYR A 81 -0.42 23.17 15.73
CA TYR A 81 0.14 21.88 16.07
C TYR A 81 0.06 20.94 14.88
N VAL A 82 1.19 20.39 14.46
CA VAL A 82 1.24 19.45 13.35
C VAL A 82 1.95 18.19 13.83
N LYS A 83 1.19 17.14 14.10
CA LYS A 83 1.75 15.88 14.60
C LYS A 83 2.75 15.26 13.64
N GLN A 84 3.54 14.32 14.17
CA GLN A 84 4.58 13.61 13.46
C GLN A 84 5.10 12.58 14.46
N TRP A 85 4.85 11.29 14.20
CA TRP A 85 5.30 10.20 15.09
C TRP A 85 4.51 10.22 16.40
N ARG A 86 4.83 9.27 17.27
CA ARG A 86 4.15 9.12 18.55
C ARG A 86 4.11 10.35 19.44
N HIS A 87 5.23 11.04 19.57
CA HIS A 87 5.30 12.21 20.44
C HIS A 87 5.75 13.50 19.76
N SER A 88 6.42 13.37 18.61
CA SER A 88 6.92 14.52 17.86
C SER A 88 5.81 15.32 17.20
N TYR A 89 6.10 16.59 16.93
CA TYR A 89 5.17 17.49 16.28
C TYR A 89 5.81 18.87 16.25
N THR A 90 5.33 19.73 15.36
CA THR A 90 5.85 21.08 15.26
C THR A 90 4.70 22.06 15.45
N ALA A 91 4.98 23.19 16.08
CA ALA A 91 3.95 24.19 16.31
C ALA A 91 4.48 25.61 16.14
N SER A 92 3.61 26.57 16.42
CA SER A 92 3.94 27.99 16.35
C SER A 92 3.77 28.46 17.78
N TYR A 93 4.54 29.47 18.18
CA TYR A 93 4.44 29.92 19.56
C TYR A 93 4.36 31.42 19.74
N SER A 94 3.85 31.80 20.90
CA SER A 94 3.72 33.20 21.30
C SER A 94 3.93 33.24 22.80
N ILE A 95 4.66 34.24 23.28
CA ILE A 95 4.90 34.41 24.69
C ILE A 95 4.02 35.56 25.18
N TYR A 96 3.14 35.28 26.13
CA TYR A 96 2.27 36.32 26.66
C TYR A 96 2.85 36.79 27.98
N ASP A 97 2.98 38.10 28.14
CA ASP A 97 3.53 38.67 29.36
C ASP A 97 2.37 38.94 30.32
N LEU A 98 2.26 38.11 31.36
CA LEU A 98 1.18 38.29 32.32
C LEU A 98 1.24 39.69 32.91
N ASN A 99 2.42 40.06 33.39
CA ASN A 99 2.63 41.37 34.00
C ASN A 99 2.21 42.56 33.12
N LYS A 100 2.92 42.76 32.00
CA LYS A 100 2.64 43.84 31.06
C LYS A 100 1.27 43.62 30.38
N ARG A 101 0.69 42.45 30.62
CA ARG A 101 -0.61 42.07 30.08
C ARG A 101 -0.77 42.07 28.57
N GLN A 102 0.19 41.54 27.84
CA GLN A 102 0.08 41.47 26.39
C GLN A 102 1.16 40.61 25.74
N LEU A 103 0.89 40.22 24.50
CA LEU A 103 1.80 39.36 23.75
C LEU A 103 3.10 40.01 23.37
N ILE A 104 4.20 39.36 23.74
CA ILE A 104 5.53 39.82 23.39
C ILE A 104 5.57 39.67 21.88
N THR A 105 6.03 40.70 21.19
CA THR A 105 6.04 40.65 19.74
C THR A 105 7.41 40.92 19.12
N GLU A 106 8.40 41.21 19.95
CA GLU A 106 9.74 41.49 19.44
C GLU A 106 10.47 40.29 18.85
N GLU A 107 11.38 39.71 19.61
CA GLU A 107 12.15 38.57 19.16
C GLU A 107 11.27 37.33 19.20
N LYS A 108 10.34 37.21 18.26
CA LYS A 108 9.43 36.06 18.24
C LYS A 108 10.16 34.74 18.11
N ILE A 109 9.42 33.65 18.30
CA ILE A 109 9.99 32.32 18.20
C ILE A 109 9.57 31.70 16.85
N PRO A 110 10.54 31.24 16.06
CA PRO A 110 10.35 30.63 14.74
C PRO A 110 9.03 29.90 14.56
N ASN A 111 8.39 30.14 13.42
CA ASN A 111 7.09 29.54 13.16
C ASN A 111 7.04 28.06 12.88
N ASN A 112 8.14 27.35 13.08
CA ASN A 112 8.07 25.91 12.87
C ASN A 112 8.83 25.09 13.90
N THR A 113 8.85 25.61 15.12
CA THR A 113 9.56 24.98 16.22
C THR A 113 9.18 23.53 16.47
N GLN A 114 10.22 22.70 16.65
CA GLN A 114 10.08 21.28 16.89
C GLN A 114 9.98 20.97 18.36
N TRP A 115 10.48 21.87 19.20
CA TRP A 115 10.40 21.68 20.64
C TRP A 115 10.84 22.93 21.37
N ILE A 116 10.21 23.19 22.51
CA ILE A 116 10.54 24.36 23.33
C ILE A 116 10.27 24.05 24.80
N THR A 117 10.94 24.75 25.69
CA THR A 117 10.71 24.53 27.11
C THR A 117 11.30 25.62 27.97
N TRP A 118 10.69 25.86 29.13
CA TRP A 118 11.21 26.86 30.04
C TRP A 118 12.33 26.18 30.79
N SER A 119 13.09 26.97 31.52
CA SER A 119 14.15 26.46 32.37
C SER A 119 13.35 25.92 33.55
N GLN A 120 14.00 25.42 34.59
CA GLN A 120 13.25 24.95 35.75
C GLN A 120 13.04 26.14 36.69
N GLU A 121 13.81 27.21 36.47
CA GLU A 121 13.80 28.41 37.31
C GLU A 121 12.97 29.59 36.84
N GLY A 122 13.60 30.50 36.14
CA GLY A 122 12.90 31.70 35.71
C GLY A 122 12.14 31.64 34.41
N HIS A 123 12.52 32.49 33.47
CA HIS A 123 11.85 32.55 32.19
C HIS A 123 12.82 32.27 31.05
N LYS A 124 13.74 31.35 31.29
CA LYS A 124 14.70 31.02 30.24
C LYS A 124 14.03 30.03 29.30
N LEU A 125 14.25 30.21 28.01
CA LEU A 125 13.66 29.33 27.02
C LEU A 125 14.73 28.65 26.18
N ALA A 126 14.51 27.38 25.87
CA ALA A 126 15.43 26.61 25.01
C ALA A 126 14.51 25.94 24.00
N TYR A 127 14.79 26.12 22.71
CA TYR A 127 13.94 25.49 21.70
C TYR A 127 14.73 24.97 20.51
N VAL A 128 14.17 23.96 19.86
CA VAL A 128 14.81 23.35 18.70
C VAL A 128 14.01 23.76 17.49
N TRP A 129 14.73 24.17 16.46
CA TRP A 129 14.14 24.62 15.21
C TRP A 129 15.13 24.22 14.14
N LYS A 130 14.65 23.59 13.07
CA LYS A 130 15.52 23.12 11.99
C LYS A 130 16.67 22.24 12.58
N ASN A 131 16.33 21.42 13.57
CA ASN A 131 17.29 20.53 14.21
C ASN A 131 18.44 21.17 14.99
N ASP A 132 18.35 22.48 15.23
CA ASP A 132 19.38 23.19 15.99
C ASP A 132 18.77 23.79 17.25
N ILE A 133 19.59 23.92 18.30
CA ILE A 133 19.14 24.45 19.58
C ILE A 133 19.38 25.95 19.68
N TYR A 134 18.40 26.65 20.28
CA TYR A 134 18.47 28.09 20.46
C TYR A 134 18.09 28.41 21.90
N VAL A 135 18.60 29.52 22.42
CA VAL A 135 18.30 29.92 23.78
C VAL A 135 17.96 31.39 23.87
N LYS A 136 16.99 31.73 24.71
CA LYS A 136 16.60 33.11 24.92
C LYS A 136 16.57 33.30 26.42
N ILE A 137 17.58 33.99 26.97
CA ILE A 137 17.66 34.21 28.42
C ILE A 137 16.38 34.81 29.00
N GLU A 138 15.65 35.55 28.18
CA GLU A 138 14.42 36.19 28.61
C GLU A 138 13.57 36.37 27.34
N PRO A 139 12.23 36.25 27.47
CA PRO A 139 11.28 36.39 26.36
C PRO A 139 11.44 37.55 25.38
N HIS A 140 11.77 38.73 25.89
CA HIS A 140 11.92 39.91 25.04
C HIS A 140 13.20 39.91 24.22
N LEU A 141 14.22 39.25 24.76
CA LEU A 141 15.55 39.17 24.16
C LEU A 141 15.67 38.24 22.97
N PRO A 142 16.69 38.46 22.14
CA PRO A 142 16.95 37.65 20.94
C PRO A 142 17.49 36.26 21.23
N SER A 143 17.32 35.38 20.26
CA SER A 143 17.78 34.01 20.38
C SER A 143 19.26 33.86 20.12
N HIS A 144 19.91 33.04 20.93
CA HIS A 144 21.33 32.71 20.81
C HIS A 144 21.39 31.29 20.26
N ARG A 145 21.89 31.14 19.05
CA ARG A 145 21.99 29.82 18.45
C ARG A 145 23.10 28.99 19.10
N ILE A 146 22.74 27.81 19.63
CA ILE A 146 23.69 26.92 20.33
C ILE A 146 24.39 25.87 19.44
N THR A 147 23.69 25.40 18.41
CA THR A 147 24.26 24.40 17.49
C THR A 147 23.98 24.82 16.05
N SER A 148 24.69 24.24 15.10
CA SER A 148 24.46 24.57 13.70
C SER A 148 24.74 23.38 12.79
N THR A 149 25.06 22.25 13.40
CA THR A 149 25.33 21.00 12.69
C THR A 149 23.99 20.39 12.27
N GLY A 150 22.91 20.94 12.84
CA GLY A 150 21.56 20.47 12.59
C GLY A 150 21.22 20.26 11.14
N LYS A 151 20.66 19.09 10.83
CA LYS A 151 20.28 18.76 9.47
C LYS A 151 19.22 17.66 9.46
N GLU A 152 18.18 17.86 8.66
CA GLU A 152 17.07 16.91 8.57
C GLU A 152 17.47 15.45 8.28
N ASN A 153 16.85 14.53 9.02
CA ASN A 153 17.11 13.11 8.89
C ASN A 153 18.56 12.71 9.02
N VAL A 154 19.39 13.64 9.49
CA VAL A 154 20.80 13.33 9.64
C VAL A 154 21.34 13.70 11.01
N ILE A 155 21.31 14.99 11.32
CA ILE A 155 21.82 15.42 12.62
C ILE A 155 20.76 16.03 13.50
N PHE A 156 20.52 15.39 14.63
CA PHE A 156 19.50 15.89 15.55
C PHE A 156 20.12 16.50 16.79
N ASN A 157 19.83 17.78 17.02
CA ASN A 157 20.36 18.48 18.18
C ASN A 157 19.25 18.88 19.11
N GLY A 158 19.16 18.24 20.26
CA GLY A 158 18.12 18.61 21.21
C GLY A 158 16.79 17.94 21.06
N ILE A 159 16.63 17.13 20.02
CA ILE A 159 15.41 16.37 19.78
C ILE A 159 15.87 14.95 19.45
N ASN A 160 15.00 13.97 19.57
CA ASN A 160 15.37 12.58 19.29
C ASN A 160 15.08 12.15 17.85
N ASP A 161 15.90 11.25 17.31
CA ASP A 161 15.66 10.72 15.96
C ASP A 161 14.49 9.73 16.15
N TRP A 162 14.05 9.05 15.09
CA TRP A 162 12.90 8.16 15.24
C TRP A 162 12.91 7.10 16.33
N VAL A 163 13.91 6.24 16.30
CA VAL A 163 14.02 5.15 17.27
C VAL A 163 14.19 5.62 18.71
N TYR A 164 14.95 6.69 18.93
CA TYR A 164 15.13 7.20 20.30
C TYR A 164 13.83 7.74 20.86
N GLU A 165 13.11 8.48 20.04
CA GLU A 165 11.85 9.05 20.46
C GLU A 165 10.84 7.96 20.83
N GLU A 166 10.85 6.88 20.07
CA GLU A 166 9.93 5.78 20.28
C GLU A 166 10.30 4.76 21.35
N GLU A 167 11.51 4.23 21.26
CA GLU A 167 11.98 3.18 22.16
C GLU A 167 12.79 3.51 23.40
N ILE A 168 13.48 4.65 23.42
CA ILE A 168 14.30 5.01 24.57
C ILE A 168 13.69 6.06 25.48
N PHE A 169 13.46 7.24 24.95
CA PHE A 169 12.90 8.33 25.76
C PHE A 169 11.38 8.47 25.74
N GLY A 170 10.73 7.97 24.69
CA GLY A 170 9.30 8.08 24.61
C GLY A 170 8.86 9.53 24.66
N ALA A 171 9.70 10.41 24.11
CA ALA A 171 9.43 11.84 24.05
C ALA A 171 10.26 12.40 22.91
N TYR A 172 9.89 13.58 22.42
CA TYR A 172 10.61 14.19 21.33
C TYR A 172 11.85 14.93 21.84
N SER A 173 11.72 15.47 23.04
CA SER A 173 12.77 16.24 23.67
C SER A 173 14.06 15.56 24.13
N ALA A 174 15.18 16.20 23.80
CA ALA A 174 16.51 15.73 24.17
C ALA A 174 17.30 16.91 24.76
N LEU A 175 16.61 17.72 25.56
CA LEU A 175 17.19 18.89 26.25
C LEU A 175 16.97 18.70 27.75
N TRP A 176 17.86 19.24 28.57
CA TRP A 176 17.73 19.14 30.02
C TRP A 176 18.36 20.36 30.70
N TRP A 177 17.52 21.25 31.20
CA TRP A 177 18.02 22.43 31.90
C TRP A 177 18.51 21.98 33.27
N SER A 178 19.58 22.59 33.76
CA SER A 178 20.11 22.25 35.07
C SER A 178 19.31 23.09 36.06
N PRO A 179 19.33 22.71 37.35
CA PRO A 179 18.58 23.51 38.32
C PRO A 179 19.33 24.84 38.43
N ASN A 180 18.61 25.94 38.55
CA ASN A 180 19.23 27.27 38.63
C ASN A 180 19.56 27.77 37.22
N GLY A 181 19.38 26.89 36.23
CA GLY A 181 19.58 27.25 34.83
C GLY A 181 20.91 27.73 34.27
N THR A 182 22.00 27.40 34.94
CA THR A 182 23.30 27.80 34.43
C THR A 182 23.59 27.02 33.15
N PHE A 183 23.44 25.70 33.23
CA PHE A 183 23.70 24.87 32.07
C PHE A 183 22.47 24.35 31.36
N LEU A 184 22.71 23.85 30.16
CA LEU A 184 21.69 23.25 29.33
C LEU A 184 22.37 22.06 28.69
N ALA A 185 21.99 20.87 29.10
CA ALA A 185 22.56 19.66 28.54
C ALA A 185 21.66 19.21 27.41
N TYR A 186 22.24 18.55 26.41
CA TYR A 186 21.47 18.07 25.27
C TYR A 186 22.20 16.91 24.59
N ALA A 187 21.44 16.11 23.88
CA ALA A 187 22.01 14.98 23.18
C ALA A 187 21.96 15.28 21.69
N GLN A 188 22.88 14.67 20.97
CA GLN A 188 22.97 14.84 19.54
C GLN A 188 22.96 13.47 18.89
N PHE A 189 22.20 13.31 17.82
CA PHE A 189 22.16 12.02 17.15
C PHE A 189 22.52 12.13 15.68
N ASN A 190 23.32 11.17 15.21
CA ASN A 190 23.77 11.12 13.82
C ASN A 190 23.09 9.87 13.25
N ASP A 191 22.20 10.08 12.28
CA ASP A 191 21.46 8.97 11.65
C ASP A 191 22.14 8.53 10.37
N THR A 192 23.37 8.99 10.15
CA THR A 192 24.06 8.68 8.92
C THR A 192 24.04 7.26 8.39
N GLY A 193 24.62 6.31 9.09
CA GLY A 193 24.57 4.97 8.54
C GLY A 193 23.22 4.25 8.63
N VAL A 194 22.25 4.83 9.33
CA VAL A 194 20.95 4.20 9.48
C VAL A 194 20.23 4.16 8.15
N PRO A 195 19.68 2.99 7.78
CA PRO A 195 18.93 2.76 6.52
C PRO A 195 17.57 3.46 6.53
N LEU A 196 16.98 3.62 5.36
CA LEU A 196 15.69 4.27 5.28
C LEU A 196 14.51 3.35 4.94
N ILE A 197 13.32 3.73 5.40
CA ILE A 197 12.09 3.00 5.09
C ILE A 197 11.32 4.08 4.35
N GLU A 198 10.58 3.70 3.31
CA GLU A 198 9.84 4.70 2.56
C GLU A 198 8.44 4.24 2.24
N TYR A 199 7.46 5.01 2.70
CA TYR A 199 6.08 4.67 2.40
C TYR A 199 5.38 5.79 1.61
N SER A 200 4.31 5.45 0.90
CA SER A 200 3.58 6.43 0.13
C SER A 200 2.50 7.15 0.92
N PHE A 201 2.31 8.41 0.58
CA PHE A 201 1.28 9.23 1.20
C PHE A 201 0.44 9.82 0.07
N TYR A 202 -0.84 9.52 0.06
CA TYR A 202 -1.70 9.99 -1.03
C TYR A 202 -2.32 11.36 -0.88
N SER A 203 -2.56 11.76 0.36
CA SER A 203 -3.13 13.08 0.61
C SER A 203 -4.47 13.30 -0.10
N ASP A 204 -4.93 14.55 -0.15
CA ASP A 204 -6.21 14.86 -0.81
C ASP A 204 -6.25 14.31 -2.21
N GLU A 205 -7.45 13.93 -2.63
CA GLU A 205 -7.58 13.35 -3.96
C GLU A 205 -7.11 14.30 -5.03
N SER A 206 -6.87 15.56 -4.66
CA SER A 206 -6.41 16.55 -5.63
C SER A 206 -4.92 16.37 -5.98
N LEU A 207 -4.14 15.81 -5.06
CA LEU A 207 -2.72 15.58 -5.34
C LEU A 207 -2.60 14.56 -6.46
N GLN A 208 -2.04 14.98 -7.58
CA GLN A 208 -1.93 14.06 -8.71
C GLN A 208 -0.90 12.95 -8.51
N TYR A 209 0.25 13.26 -7.93
CA TYR A 209 1.26 12.23 -7.70
C TYR A 209 1.48 12.08 -6.20
N PRO A 210 1.35 10.86 -5.68
CA PRO A 210 1.55 10.63 -4.24
C PRO A 210 2.96 10.95 -3.75
N LYS A 211 3.05 11.41 -2.50
CA LYS A 211 4.32 11.75 -1.89
C LYS A 211 5.02 10.48 -1.40
N THR A 212 6.30 10.60 -1.10
CA THR A 212 7.06 9.49 -0.56
C THR A 212 7.75 10.00 0.68
N VAL A 213 7.46 9.39 1.81
CA VAL A 213 8.04 9.77 3.08
C VAL A 213 9.16 8.79 3.38
N TRP A 214 10.36 9.30 3.65
CA TRP A 214 11.45 8.40 4.00
C TRP A 214 11.89 8.73 5.41
N ILE A 215 12.23 7.70 6.17
CA ILE A 215 12.63 7.88 7.55
C ILE A 215 13.78 6.98 7.91
N PRO A 216 14.85 7.55 8.48
CA PRO A 216 15.96 6.67 8.86
C PRO A 216 15.42 5.88 10.06
N TYR A 217 15.23 4.59 9.81
CA TYR A 217 14.66 3.63 10.75
C TYR A 217 15.50 2.37 10.79
N PRO A 218 16.10 2.07 11.96
CA PRO A 218 16.92 0.86 12.04
C PRO A 218 16.13 -0.39 12.41
N LYS A 219 16.09 -1.35 11.49
CA LYS A 219 15.39 -2.61 11.73
C LYS A 219 16.36 -3.54 12.48
N ALA A 220 15.83 -4.56 13.15
CA ALA A 220 16.68 -5.45 13.93
C ALA A 220 17.99 -5.81 13.20
N GLY A 221 19.11 -5.56 13.89
CA GLY A 221 20.42 -5.85 13.33
C GLY A 221 21.05 -4.76 12.47
N ALA A 222 20.27 -3.80 12.03
CA ALA A 222 20.79 -2.73 11.18
C ALA A 222 21.70 -1.75 11.93
N VAL A 223 22.39 -0.90 11.16
CA VAL A 223 23.28 0.09 11.73
C VAL A 223 22.44 1.11 12.48
N ASN A 224 22.77 1.37 13.74
CA ASN A 224 22.00 2.32 14.55
C ASN A 224 22.51 3.75 14.51
N PRO A 225 21.72 4.68 15.04
CA PRO A 225 22.19 6.06 15.04
C PRO A 225 23.22 6.14 16.15
N THR A 226 24.03 7.18 16.17
CA THR A 226 25.04 7.33 17.20
C THR A 226 24.71 8.54 18.07
N VAL A 227 25.27 8.58 19.29
CA VAL A 227 24.98 9.65 20.23
C VAL A 227 26.19 10.42 20.74
N LYS A 228 25.91 11.60 21.27
CA LYS A 228 26.91 12.46 21.89
C LYS A 228 26.18 13.33 22.88
N PHE A 229 26.81 13.55 24.03
CA PHE A 229 26.17 14.37 25.05
C PHE A 229 26.96 15.64 25.28
N PHE A 230 26.26 16.77 25.29
CA PHE A 230 26.89 18.06 25.51
C PHE A 230 26.19 18.83 26.60
N ILE A 231 26.93 19.74 27.24
CA ILE A 231 26.42 20.61 28.28
C ILE A 231 26.99 21.96 27.89
N VAL A 232 26.14 22.97 27.74
CA VAL A 232 26.65 24.27 27.37
C VAL A 232 26.36 25.28 28.46
N ASN A 233 27.31 26.19 28.70
CA ASN A 233 27.15 27.20 29.72
C ASN A 233 26.27 28.36 29.23
N THR A 234 25.02 28.32 29.66
CA THR A 234 24.04 29.30 29.26
C THR A 234 24.30 30.74 29.72
N ASP A 235 25.13 30.92 30.74
CA ASP A 235 25.42 32.25 31.27
C ASP A 235 26.30 33.13 30.39
N SER A 236 27.32 32.53 29.81
CA SER A 236 28.26 33.24 28.94
C SER A 236 27.71 33.69 27.59
N LEU A 237 26.48 33.32 27.28
CA LEU A 237 25.89 33.68 25.99
C LEU A 237 25.95 35.15 25.58
N SER A 238 25.85 36.06 26.54
CA SER A 238 25.87 37.49 26.25
C SER A 238 27.24 38.10 25.94
N SER A 239 28.29 37.32 26.18
CA SER A 239 29.65 37.79 25.97
C SER A 239 30.36 37.16 24.80
N THR A 240 29.67 36.33 24.03
CA THR A 240 30.27 35.69 22.87
C THR A 240 29.31 35.76 21.71
N THR A 241 29.80 35.36 20.55
CA THR A 241 28.95 35.29 19.38
C THR A 241 28.65 33.79 19.37
N THR A 242 29.62 33.01 19.85
CA THR A 242 29.49 31.56 19.90
C THR A 242 30.02 31.00 21.22
N THR A 243 29.26 30.11 21.84
CA THR A 243 29.76 29.49 23.06
C THR A 243 30.18 28.10 22.64
N ILE A 244 31.12 27.53 23.37
CA ILE A 244 31.58 26.20 23.04
C ILE A 244 31.09 25.21 24.07
N PRO A 245 30.13 24.36 23.68
CA PRO A 245 29.58 23.37 24.59
C PRO A 245 30.61 22.29 24.89
N MET A 246 30.67 21.86 26.14
CA MET A 246 31.58 20.80 26.51
C MET A 246 30.85 19.47 26.32
N GLN A 247 31.59 18.44 25.91
CA GLN A 247 31.01 17.16 25.68
C GLN A 247 31.37 16.10 26.73
N ILE A 248 30.40 15.28 27.09
CA ILE A 248 30.65 14.21 28.03
C ILE A 248 30.72 12.94 27.19
N THR A 249 31.71 12.11 27.44
CA THR A 249 31.83 10.91 26.64
C THR A 249 31.42 9.72 27.47
N ALA A 250 30.66 8.81 26.86
CA ALA A 250 30.17 7.63 27.57
C ALA A 250 31.28 6.82 28.24
N PRO A 251 30.94 6.10 29.32
CA PRO A 251 31.93 5.29 30.01
C PRO A 251 32.60 4.25 29.12
N ALA A 252 33.87 3.96 29.41
CA ALA A 252 34.66 3.00 28.66
C ALA A 252 34.00 1.65 28.42
N SER A 253 33.33 1.14 29.44
CA SER A 253 32.67 -0.15 29.35
C SER A 253 31.45 -0.15 28.42
N VAL A 254 31.28 0.92 27.65
CA VAL A 254 30.12 1.05 26.77
C VAL A 254 30.50 1.47 25.33
N THR A 255 31.69 2.03 25.21
CA THR A 255 32.27 2.54 23.97
C THR A 255 32.83 1.54 22.97
N THR A 256 33.11 0.31 23.42
CA THR A 256 33.70 -0.70 22.53
C THR A 256 32.85 -1.03 21.33
N GLY A 257 31.53 -0.87 21.45
CA GLY A 257 30.63 -1.17 20.35
C GLY A 257 29.36 -0.33 20.43
N ASP A 258 28.35 -0.71 19.66
CA ASP A 258 27.08 0.03 19.63
C ASP A 258 26.47 0.26 21.04
N HIS A 259 25.96 1.45 21.30
CA HIS A 259 25.35 1.71 22.61
C HIS A 259 24.27 2.80 22.55
N TYR A 260 23.57 3.01 23.66
CA TYR A 260 22.54 4.03 23.68
C TYR A 260 22.65 4.91 24.92
N LEU A 261 22.03 6.08 24.85
CA LEU A 261 21.98 7.00 25.98
C LEU A 261 20.60 6.66 26.60
N CYS A 262 20.65 6.06 27.78
CA CYS A 262 19.47 5.60 28.53
C CYS A 262 18.59 6.66 29.16
N ASP A 263 19.19 7.52 29.98
CA ASP A 263 18.45 8.54 30.69
C ASP A 263 19.36 9.65 31.22
N VAL A 264 18.81 10.86 31.35
CA VAL A 264 19.53 12.01 31.85
C VAL A 264 18.81 12.51 33.11
N ALA A 265 19.58 12.93 34.11
CA ALA A 265 18.97 13.40 35.35
C ALA A 265 19.88 14.34 36.10
N TRP A 266 19.54 15.62 36.11
CA TRP A 266 20.36 16.60 36.84
C TRP A 266 20.31 16.34 38.35
N VAL A 267 21.46 16.23 39.02
CA VAL A 267 21.44 16.02 40.46
C VAL A 267 21.38 17.36 41.16
N SER A 268 22.35 18.21 40.87
CA SER A 268 22.38 19.54 41.44
C SER A 268 22.90 20.34 40.28
N GLU A 269 23.35 21.57 40.49
CA GLU A 269 23.83 22.31 39.34
C GLU A 269 25.30 22.11 39.00
N ASP A 270 25.97 21.19 39.67
CA ASP A 270 27.36 20.90 39.41
C ASP A 270 27.50 19.40 39.28
N ARG A 271 26.36 18.72 39.23
CA ARG A 271 26.35 17.27 39.12
C ARG A 271 25.18 16.84 38.27
N ILE A 272 25.46 15.92 37.35
CA ILE A 272 24.44 15.41 36.46
C ILE A 272 24.57 13.88 36.41
N SER A 273 23.45 13.20 36.19
CA SER A 273 23.42 11.75 36.13
C SER A 273 23.09 11.29 34.73
N LEU A 274 23.89 10.37 34.20
CA LEU A 274 23.68 9.84 32.86
C LEU A 274 23.71 8.32 32.86
N GLN A 275 22.72 7.70 32.20
CA GLN A 275 22.68 6.24 32.11
C GLN A 275 22.93 5.81 30.67
N TRP A 276 23.81 4.82 30.52
CA TRP A 276 24.16 4.31 29.20
C TRP A 276 23.83 2.84 29.11
N LEU A 277 23.50 2.38 27.91
CA LEU A 277 23.13 1.00 27.71
C LEU A 277 23.90 0.44 26.51
N ARG A 278 24.27 -0.84 26.55
CA ARG A 278 24.95 -1.48 25.42
C ARG A 278 23.86 -1.89 24.45
N ARG A 279 24.20 -2.04 23.16
CA ARG A 279 23.21 -2.43 22.17
C ARG A 279 22.52 -3.70 22.62
N ILE A 280 23.28 -4.56 23.28
CA ILE A 280 22.73 -5.79 23.86
C ILE A 280 22.46 -5.32 25.29
N GLN A 281 21.20 -4.92 25.54
CA GLN A 281 20.75 -4.38 26.82
C GLN A 281 20.91 -5.28 28.07
N ASN A 282 21.99 -6.06 28.03
CA ASN A 282 22.46 -7.01 29.05
C ASN A 282 23.06 -6.18 30.19
N TYR A 283 23.85 -5.20 29.78
CA TYR A 283 24.64 -4.32 30.65
C TYR A 283 24.27 -2.82 30.58
N SER A 284 24.30 -2.15 31.73
CA SER A 284 23.99 -0.73 31.84
C SER A 284 24.94 -0.04 32.83
N VAL A 285 25.29 1.22 32.54
CA VAL A 285 26.15 1.98 33.45
C VAL A 285 25.55 3.35 33.69
N MET A 286 25.50 3.76 34.96
CA MET A 286 24.96 5.06 35.32
C MET A 286 26.08 5.89 35.90
N ALA A 287 26.63 6.80 35.11
CA ALA A 287 27.72 7.64 35.60
C ALA A 287 27.20 8.93 36.24
N ILE A 288 27.91 9.38 37.25
CA ILE A 288 27.57 10.62 37.93
C ILE A 288 28.71 11.57 37.61
N CYS A 289 28.41 12.68 36.95
CA CYS A 289 29.46 13.60 36.58
C CYS A 289 29.43 14.93 37.33
N ASP A 290 30.62 15.38 37.69
CA ASP A 290 30.81 16.62 38.45
C ASP A 290 31.45 17.72 37.63
N TYR A 291 31.01 18.95 37.87
CA TYR A 291 31.57 20.09 37.17
C TYR A 291 32.83 20.64 37.83
N ASP A 292 33.93 20.63 37.10
CA ASP A 292 35.21 21.14 37.59
C ASP A 292 35.26 22.64 37.32
N LYS A 293 35.17 23.46 38.36
CA LYS A 293 35.18 24.91 38.19
C LYS A 293 36.50 25.44 37.65
N THR A 294 37.59 24.74 37.95
CA THR A 294 38.91 25.16 37.48
C THR A 294 39.05 24.97 35.97
N THR A 295 39.30 23.74 35.57
CA THR A 295 39.49 23.40 34.17
C THR A 295 38.19 23.47 33.36
N LEU A 296 37.14 24.05 33.93
CA LEU A 296 35.83 24.20 33.29
C LEU A 296 35.52 22.98 32.42
N VAL A 297 35.45 21.84 33.07
CA VAL A 297 35.20 20.56 32.41
C VAL A 297 34.33 19.70 33.31
N TRP A 298 33.63 18.73 32.73
CA TRP A 298 32.82 17.84 33.55
C TRP A 298 33.60 16.55 33.69
N ASN A 299 33.64 15.98 34.89
CA ASN A 299 34.35 14.74 35.11
C ASN A 299 33.40 13.63 35.53
N CYS A 300 33.59 12.46 34.94
CA CYS A 300 32.76 11.34 35.31
C CYS A 300 33.67 10.21 35.77
N PRO A 301 34.24 10.35 36.98
CA PRO A 301 35.14 9.34 37.54
C PRO A 301 34.51 7.96 37.67
N THR A 302 35.25 6.92 37.29
CA THR A 302 34.73 5.56 37.38
C THR A 302 34.42 5.14 38.82
N THR A 303 34.81 5.99 39.78
CA THR A 303 34.55 5.71 41.18
C THR A 303 33.05 5.88 41.42
N GLN A 304 32.39 6.66 40.57
CA GLN A 304 30.97 6.93 40.66
C GLN A 304 30.27 6.28 39.47
N GLU A 305 30.82 5.18 38.99
CA GLU A 305 30.29 4.50 37.83
C GLU A 305 28.93 3.82 38.01
N HIS A 306 28.82 2.87 38.93
CA HIS A 306 27.54 2.15 39.13
C HIS A 306 27.06 1.28 37.95
N ILE A 307 27.22 -0.03 38.08
CA ILE A 307 26.81 -0.96 37.03
C ILE A 307 25.53 -1.74 37.30
N GLU A 308 24.66 -1.82 36.30
CA GLU A 308 23.40 -2.58 36.43
C GLU A 308 23.47 -3.72 35.43
N THR A 309 23.05 -4.90 35.84
CA THR A 309 23.12 -6.05 34.95
C THR A 309 21.94 -7.00 34.99
N SER A 310 21.90 -7.96 34.08
CA SER A 310 20.82 -8.92 34.04
C SER A 310 21.27 -10.22 33.37
N ALA A 311 21.17 -11.32 34.09
CA ALA A 311 21.58 -12.59 33.52
C ALA A 311 20.36 -13.34 33.04
N THR A 312 19.18 -12.73 33.20
CA THR A 312 17.93 -13.36 32.81
C THR A 312 17.34 -12.75 31.56
N GLY A 313 17.69 -11.49 31.29
CA GLY A 313 17.17 -10.82 30.12
C GLY A 313 17.77 -9.47 29.85
N TRP A 314 16.99 -8.43 30.08
CA TRP A 314 17.42 -7.07 29.83
C TRP A 314 17.38 -6.24 31.09
N CYS A 315 17.77 -4.97 31.01
CA CYS A 315 17.76 -4.09 32.18
C CYS A 315 16.53 -3.24 32.32
N GLY A 316 15.93 -3.30 33.50
CA GLY A 316 14.72 -2.54 33.77
C GLY A 316 13.52 -3.13 33.09
N ARG A 317 12.39 -2.44 33.19
CA ARG A 317 11.17 -2.92 32.57
C ARG A 317 11.24 -2.67 31.05
N PHE A 318 11.58 -1.44 30.66
CA PHE A 318 11.73 -1.10 29.25
C PHE A 318 13.05 -0.37 29.05
N ARG A 319 13.73 -0.18 30.17
CA ARG A 319 15.04 0.49 30.22
C ARG A 319 15.33 0.76 31.70
N PRO A 320 16.61 0.89 32.06
CA PRO A 320 16.99 1.16 33.44
C PRO A 320 16.07 2.21 34.06
N ALA A 321 15.72 2.02 35.33
CA ALA A 321 14.84 2.95 36.03
C ALA A 321 15.58 4.25 36.33
N GLU A 322 14.83 5.33 36.57
CA GLU A 322 15.45 6.60 36.86
C GLU A 322 15.91 6.83 38.33
N PRO A 323 17.06 7.49 38.52
CA PRO A 323 17.55 7.75 39.88
C PRO A 323 16.87 8.96 40.51
N HIS A 324 16.77 8.94 41.84
CA HIS A 324 16.17 10.03 42.61
C HIS A 324 17.17 10.37 43.71
N PHE A 325 17.88 11.49 43.51
CA PHE A 325 18.91 11.93 44.44
C PHE A 325 18.41 12.70 45.62
N THR A 326 19.16 12.60 46.72
CA THR A 326 18.81 13.31 47.93
C THR A 326 19.09 14.79 47.66
N SER A 327 18.66 15.67 48.55
CA SER A 327 18.86 17.10 48.38
C SER A 327 20.31 17.46 48.05
N ASP A 328 21.24 16.82 48.75
CA ASP A 328 22.66 17.07 48.56
C ASP A 328 23.33 16.03 47.67
N GLY A 329 22.54 15.40 46.80
CA GLY A 329 23.06 14.41 45.86
C GLY A 329 24.14 13.45 46.33
N SER A 330 24.14 13.14 47.63
CA SER A 330 25.12 12.23 48.21
C SER A 330 24.68 10.78 48.00
N SER A 331 23.35 10.59 47.95
CA SER A 331 22.76 9.27 47.76
C SER A 331 21.62 9.38 46.76
N PHE A 332 21.12 8.24 46.31
CA PHE A 332 19.99 8.22 45.40
C PHE A 332 19.24 6.91 45.52
N TYR A 333 17.92 6.97 45.33
CA TYR A 333 17.08 5.80 45.42
C TYR A 333 16.70 5.42 44.00
N LYS A 334 16.72 4.13 43.68
CA LYS A 334 16.39 3.68 42.34
C LYS A 334 15.75 2.31 42.37
N ILE A 335 14.71 2.10 41.56
CA ILE A 335 14.03 0.81 41.50
C ILE A 335 14.86 -0.20 40.71
N VAL A 336 15.18 -1.33 41.34
CA VAL A 336 15.98 -2.37 40.68
C VAL A 336 15.52 -3.73 41.16
N SER A 337 15.83 -4.79 40.41
CA SER A 337 15.42 -6.13 40.82
C SER A 337 16.21 -6.62 42.01
N ASP A 338 15.53 -7.23 42.98
CA ASP A 338 16.24 -7.76 44.13
C ASP A 338 16.67 -9.20 43.86
N LYS A 339 17.34 -9.81 44.84
CA LYS A 339 17.82 -11.18 44.69
C LYS A 339 16.76 -12.13 44.14
N ASP A 340 15.49 -11.90 44.49
CA ASP A 340 14.40 -12.76 44.02
C ASP A 340 13.78 -12.35 42.70
N GLY A 341 14.32 -11.30 42.09
CA GLY A 341 13.80 -10.85 40.81
C GLY A 341 12.60 -9.95 40.93
N TYR A 342 12.49 -9.20 42.02
CA TYR A 342 11.37 -8.28 42.21
C TYR A 342 11.84 -6.84 42.21
N LYS A 343 11.27 -6.07 41.31
CA LYS A 343 11.61 -4.65 41.19
C LYS A 343 11.23 -3.90 42.49
N HIS A 344 12.26 -3.51 43.26
CA HIS A 344 12.07 -2.79 44.51
C HIS A 344 12.99 -1.57 44.60
N ILE A 345 12.78 -0.79 45.64
CA ILE A 345 13.57 0.42 45.86
C ILE A 345 14.80 0.18 46.73
N CYS A 346 15.97 0.59 46.27
CA CYS A 346 17.14 0.49 47.13
C CYS A 346 18.04 1.71 47.02
N GLN A 347 18.79 1.94 48.10
CA GLN A 347 19.70 3.07 48.23
C GLN A 347 21.07 2.83 47.66
N PHE A 348 21.64 3.93 47.18
CA PHE A 348 22.96 3.96 46.58
C PHE A 348 23.70 5.17 47.14
N GLN A 349 25.02 5.08 47.12
CA GLN A 349 25.86 6.18 47.57
C GLN A 349 26.49 6.68 46.28
N LYS A 350 26.74 7.98 46.19
CA LYS A 350 27.37 8.53 45.00
C LYS A 350 28.48 7.59 44.50
N ASP A 351 29.45 7.30 45.37
CA ASP A 351 30.55 6.40 45.01
C ASP A 351 30.07 4.95 45.06
N ARG A 352 30.35 4.19 44.01
CA ARG A 352 29.94 2.80 43.98
C ARG A 352 30.67 2.01 45.08
N LYS A 353 30.10 0.87 45.46
CA LYS A 353 30.70 0.03 46.48
C LYS A 353 30.77 -1.39 45.92
N PRO A 354 31.93 -2.03 46.02
CA PRO A 354 32.15 -3.40 45.54
C PRO A 354 31.11 -4.45 45.93
N GLU A 355 30.19 -4.73 45.01
CA GLU A 355 29.13 -5.72 45.21
C GLU A 355 28.27 -5.51 46.46
N GLN A 356 27.86 -4.26 46.69
CA GLN A 356 27.03 -3.87 47.81
C GLN A 356 26.57 -2.44 47.51
N VAL A 357 26.48 -2.10 46.22
CA VAL A 357 26.10 -0.73 45.82
C VAL A 357 24.68 -0.39 46.29
N CYS A 358 23.90 -1.42 46.61
CA CYS A 358 22.54 -1.21 47.04
C CYS A 358 22.17 -1.70 48.43
N THR A 359 21.04 -1.20 48.91
CA THR A 359 20.46 -1.57 50.20
C THR A 359 18.97 -1.50 49.94
N PHE A 360 18.33 -2.64 49.71
CA PHE A 360 16.91 -2.59 49.45
C PHE A 360 16.11 -2.06 50.62
N ILE A 361 15.21 -1.13 50.31
CA ILE A 361 14.35 -0.49 51.28
C ILE A 361 12.93 -1.06 51.20
N THR A 362 12.78 -2.05 50.32
CA THR A 362 11.52 -2.72 50.08
C THR A 362 11.78 -4.20 49.74
N LYS A 363 10.93 -5.08 50.27
CA LYS A 363 11.03 -6.52 50.04
C LYS A 363 9.62 -6.99 49.77
N GLY A 364 9.48 -8.17 49.17
CA GLY A 364 8.15 -8.68 48.92
C GLY A 364 7.91 -9.26 47.55
N ALA A 365 6.89 -10.11 47.46
CA ALA A 365 6.54 -10.73 46.18
C ALA A 365 5.51 -9.83 45.55
N TRP A 366 5.94 -8.61 45.29
CA TRP A 366 5.13 -7.59 44.64
C TRP A 366 6.20 -6.62 44.15
N GLU A 367 5.80 -5.61 43.38
CA GLU A 367 6.78 -4.66 42.87
C GLU A 367 6.43 -3.19 43.07
N VAL A 368 7.48 -2.37 43.12
CA VAL A 368 7.28 -0.94 43.25
C VAL A 368 7.14 -0.44 41.82
N ILE A 369 6.02 0.18 41.53
CA ILE A 369 5.77 0.68 40.19
C ILE A 369 6.62 1.89 39.90
N SER A 370 6.62 2.86 40.80
CA SER A 370 7.37 4.08 40.56
C SER A 370 7.61 4.94 41.79
N ILE A 371 8.71 5.68 41.78
CA ILE A 371 9.02 6.56 42.89
C ILE A 371 8.40 7.93 42.61
N GLU A 372 7.38 8.31 43.37
CA GLU A 372 6.67 9.56 43.15
C GLU A 372 7.27 10.86 43.70
N ALA A 373 8.01 10.77 44.80
CA ALA A 373 8.61 11.97 45.37
C ALA A 373 9.58 11.59 46.47
N LEU A 374 10.59 12.44 46.71
CA LEU A 374 11.56 12.16 47.75
C LEU A 374 11.79 13.39 48.61
N THR A 375 11.20 13.41 49.80
CA THR A 375 11.35 14.52 50.73
C THR A 375 12.63 14.28 51.53
N SER A 376 13.00 15.24 52.37
CA SER A 376 14.19 15.12 53.19
C SER A 376 14.02 13.99 54.22
N ASP A 377 12.78 13.55 54.42
CA ASP A 377 12.51 12.52 55.40
C ASP A 377 11.59 11.42 54.90
N TYR A 378 10.92 11.68 53.78
CA TYR A 378 9.99 10.71 53.20
C TYR A 378 10.25 10.35 51.75
N LEU A 379 9.84 9.15 51.37
CA LEU A 379 9.96 8.69 50.01
C LEU A 379 8.58 8.18 49.63
N TYR A 380 7.88 8.91 48.75
CA TYR A 380 6.54 8.50 48.30
C TYR A 380 6.67 7.67 47.04
N TYR A 381 6.05 6.49 47.04
CA TYR A 381 6.12 5.61 45.89
C TYR A 381 4.74 4.99 45.60
N ILE A 382 4.64 4.23 44.51
CA ILE A 382 3.39 3.55 44.16
C ILE A 382 3.68 2.09 43.90
N SER A 383 2.89 1.20 44.48
CA SER A 383 3.10 -0.23 44.28
C SER A 383 1.82 -1.01 44.09
N ASN A 384 1.98 -2.29 43.78
CA ASN A 384 0.85 -3.18 43.57
C ASN A 384 0.93 -4.24 44.66
N GLU A 385 1.30 -3.80 45.85
CA GLU A 385 1.45 -4.65 47.02
C GLU A 385 0.15 -5.05 47.68
N TYR A 386 -0.71 -4.05 47.90
CA TYR A 386 -1.99 -4.28 48.55
C TYR A 386 -2.79 -5.46 48.01
N LYS A 387 -3.42 -6.20 48.92
CA LYS A 387 -4.25 -7.35 48.60
C LYS A 387 -3.62 -8.31 47.58
N GLU A 388 -2.29 -8.27 47.47
CA GLU A 388 -1.57 -9.13 46.54
C GLU A 388 -2.09 -9.02 45.10
N MET A 389 -2.61 -7.85 44.74
CA MET A 389 -3.14 -7.62 43.40
C MET A 389 -2.15 -6.88 42.50
N PRO A 390 -1.48 -7.60 41.60
CA PRO A 390 -0.50 -6.98 40.70
C PRO A 390 -1.19 -5.98 39.76
N GLY A 391 -2.50 -6.16 39.56
CA GLY A 391 -3.24 -5.26 38.70
C GLY A 391 -3.81 -4.03 39.41
N GLY A 392 -3.46 -3.85 40.68
CA GLY A 392 -3.92 -2.69 41.44
C GLY A 392 -2.80 -1.69 41.66
N ARG A 393 -3.16 -0.45 41.99
CA ARG A 393 -2.16 0.60 42.21
C ARG A 393 -2.43 1.47 43.43
N ASN A 394 -1.53 1.47 44.40
CA ASN A 394 -1.72 2.30 45.59
C ASN A 394 -0.51 3.14 45.94
N LEU A 395 -0.76 4.27 46.59
CA LEU A 395 0.27 5.22 46.99
C LEU A 395 0.80 4.90 48.38
N TYR A 396 2.12 4.74 48.49
CA TYR A 396 2.73 4.42 49.78
C TYR A 396 3.63 5.55 50.27
N LYS A 397 4.28 5.32 51.41
CA LYS A 397 5.14 6.32 52.02
C LYS A 397 6.08 5.69 53.05
N ILE A 398 7.38 5.87 52.87
CA ILE A 398 8.35 5.35 53.82
C ILE A 398 9.15 6.49 54.40
N GLN A 399 9.45 6.41 55.68
CA GLN A 399 10.24 7.43 56.34
C GLN A 399 11.68 6.99 56.18
N LEU A 400 12.50 7.90 55.68
CA LEU A 400 13.89 7.58 55.42
C LEU A 400 14.64 7.10 56.63
N THR A 401 14.52 7.86 57.72
CA THR A 401 15.20 7.52 58.99
C THR A 401 14.72 6.23 59.65
N ASP A 402 13.50 5.81 59.29
CA ASP A 402 12.89 4.59 59.83
C ASP A 402 12.17 3.83 58.72
N HIS A 403 12.81 2.80 58.16
CA HIS A 403 12.17 2.05 57.08
C HIS A 403 11.00 1.20 57.55
N THR A 404 10.74 1.20 58.86
CA THR A 404 9.63 0.41 59.37
C THR A 404 8.38 1.27 59.26
N ASN A 405 8.60 2.57 59.32
CA ASN A 405 7.52 3.51 59.21
C ASN A 405 7.06 3.62 57.74
N LYS A 406 6.41 2.55 57.26
CA LYS A 406 5.88 2.47 55.88
C LYS A 406 4.35 2.43 55.93
N LYS A 407 3.70 3.47 55.41
CA LYS A 407 2.25 3.54 55.45
C LYS A 407 1.55 3.72 54.09
N CYS A 408 0.50 2.94 53.86
CA CYS A 408 -0.26 3.07 52.61
C CYS A 408 -1.21 4.25 52.81
N LEU A 409 -1.33 5.12 51.82
CA LEU A 409 -2.18 6.28 51.95
C LEU A 409 -3.50 6.23 51.19
N SER A 410 -3.71 5.19 50.38
CA SER A 410 -4.95 5.09 49.61
C SER A 410 -5.71 3.79 49.80
N CYS A 411 -5.06 2.81 50.41
CA CYS A 411 -5.68 1.50 50.66
C CYS A 411 -7.05 1.58 51.34
N ASP A 412 -7.17 2.39 52.39
CA ASP A 412 -8.42 2.54 53.12
C ASP A 412 -9.45 3.28 52.31
N LEU A 413 -9.14 4.54 52.02
CA LEU A 413 -9.99 5.46 51.25
C LEU A 413 -11.33 4.99 50.65
N ASN A 414 -11.29 4.08 49.69
CA ASN A 414 -12.53 3.58 49.06
C ASN A 414 -12.27 2.20 48.47
N PRO A 415 -11.98 1.21 49.31
CA PRO A 415 -11.69 -0.16 48.88
C PRO A 415 -12.62 -0.73 47.82
N GLU A 416 -13.86 -0.26 47.82
CA GLU A 416 -14.85 -0.73 46.87
C GLU A 416 -14.63 -0.11 45.49
N ARG A 417 -14.69 1.23 45.45
CA ARG A 417 -14.56 1.99 44.23
C ARG A 417 -13.14 2.14 43.70
N CYS A 418 -12.18 2.32 44.59
CA CYS A 418 -10.80 2.55 44.19
C CYS A 418 -9.73 1.55 44.55
N GLN A 419 -9.06 1.02 43.53
CA GLN A 419 -8.00 0.06 43.71
C GLN A 419 -6.83 0.33 42.76
N TYR A 420 -6.99 1.39 41.97
CA TYR A 420 -5.98 1.81 41.00
C TYR A 420 -5.79 3.30 41.14
N TYR A 421 -4.77 3.71 41.89
CA TYR A 421 -4.52 5.13 42.07
C TYR A 421 -3.37 5.68 41.26
N SER A 422 -3.49 6.96 40.94
CA SER A 422 -2.47 7.71 40.23
C SER A 422 -2.24 8.83 41.25
N VAL A 423 -1.05 9.41 41.33
CA VAL A 423 -0.85 10.47 42.31
C VAL A 423 -0.30 11.74 41.69
N SER A 424 -0.12 12.77 42.50
CA SER A 424 0.41 14.05 42.03
C SER A 424 0.67 14.95 43.21
N LEU A 425 1.90 14.94 43.73
CA LEU A 425 2.23 15.77 44.88
C LEU A 425 2.69 17.18 44.52
N SER A 426 2.42 18.13 45.41
CA SER A 426 2.84 19.51 45.18
C SER A 426 4.38 19.59 45.14
N LYS A 427 4.88 20.75 44.74
CA LYS A 427 6.32 20.98 44.62
C LYS A 427 7.19 20.39 45.71
N GLU A 428 6.66 20.34 46.93
CA GLU A 428 7.44 19.77 48.02
C GLU A 428 6.63 18.83 48.87
N ALA A 429 5.72 18.11 48.21
CA ALA A 429 4.88 17.12 48.84
C ALA A 429 4.08 17.63 50.03
N LYS A 430 3.78 18.92 50.07
CA LYS A 430 2.98 19.42 51.19
C LYS A 430 1.55 18.89 51.04
N TYR A 431 1.08 18.85 49.79
CA TYR A 431 -0.24 18.34 49.49
C TYR A 431 -0.07 17.29 48.42
N TYR A 432 -1.14 16.58 48.13
CA TYR A 432 -1.11 15.58 47.08
C TYR A 432 -2.52 15.37 46.59
N GLN A 433 -2.65 14.99 45.32
CA GLN A 433 -3.95 14.75 44.75
C GLN A 433 -3.97 13.30 44.31
N LEU A 434 -5.06 12.61 44.61
CA LEU A 434 -5.20 11.21 44.22
C LEU A 434 -6.12 11.03 43.04
N GLY A 435 -5.73 10.13 42.15
CA GLY A 435 -6.52 9.85 40.98
C GLY A 435 -6.99 8.42 41.08
N CYS A 436 -8.25 8.26 41.47
CA CYS A 436 -8.85 6.96 41.58
C CYS A 436 -9.26 6.57 40.16
N ARG A 437 -8.55 5.63 39.58
CA ARG A 437 -8.85 5.12 38.24
C ARG A 437 -9.55 3.82 38.52
N GLY A 438 -9.48 3.46 39.81
CA GLY A 438 -10.02 2.25 40.38
C GLY A 438 -11.25 1.64 39.74
N PRO A 439 -11.66 0.47 40.23
CA PRO A 439 -12.82 -0.30 39.76
C PRO A 439 -14.03 0.56 39.36
N GLY A 440 -14.52 1.36 40.31
CA GLY A 440 -15.67 2.22 40.07
C GLY A 440 -15.36 3.45 39.25
N LEU A 441 -16.34 4.34 39.08
CA LEU A 441 -16.09 5.55 38.30
C LEU A 441 -14.94 6.34 38.94
N PRO A 442 -14.00 6.83 38.10
CA PRO A 442 -12.84 7.59 38.59
C PRO A 442 -13.19 8.73 39.58
N LEU A 443 -12.40 8.84 40.64
CA LEU A 443 -12.61 9.81 41.69
C LEU A 443 -11.35 10.59 42.04
N TYR A 444 -11.44 11.91 41.95
CA TYR A 444 -10.29 12.76 42.24
C TYR A 444 -10.45 13.57 43.51
N THR A 445 -9.47 13.43 44.40
CA THR A 445 -9.48 14.11 45.67
C THR A 445 -8.09 14.60 46.01
N LEU A 446 -7.99 15.65 46.82
CA LEU A 446 -6.66 16.13 47.22
C LEU A 446 -6.59 16.13 48.74
N HIS A 447 -5.43 15.83 49.29
CA HIS A 447 -5.24 15.74 50.73
C HIS A 447 -4.04 16.53 51.22
N ARG A 448 -4.01 16.90 52.50
CA ARG A 448 -2.84 17.59 53.03
C ARG A 448 -1.92 16.45 53.48
N SER A 449 -0.70 16.47 52.94
CA SER A 449 0.28 15.44 53.22
C SER A 449 0.53 15.09 54.69
N THR A 450 0.53 16.08 55.56
CA THR A 450 0.79 15.86 56.99
C THR A 450 0.03 14.71 57.63
N ASP A 451 -1.28 14.88 57.71
CA ASP A 451 -2.17 13.91 58.33
C ASP A 451 -3.01 13.12 57.33
N GLN A 452 -2.93 13.48 56.06
CA GLN A 452 -3.70 12.83 54.99
C GLN A 452 -5.16 13.29 54.93
N LYS A 453 -5.47 14.33 55.68
CA LYS A 453 -6.83 14.86 55.72
C LYS A 453 -7.29 15.14 54.31
N GLU A 454 -8.40 14.54 53.90
CA GLU A 454 -8.93 14.79 52.58
C GLU A 454 -9.56 16.20 52.54
N LEU A 455 -8.79 17.20 52.13
CA LEU A 455 -9.28 18.56 52.11
C LEU A 455 -10.59 18.68 51.34
N ARG A 456 -10.70 18.02 50.21
CA ARG A 456 -11.95 18.05 49.45
C ARG A 456 -11.94 17.14 48.25
N VAL A 457 -13.11 17.01 47.63
CA VAL A 457 -13.26 16.17 46.46
C VAL A 457 -13.25 17.07 45.24
N LEU A 458 -12.28 16.83 44.37
CA LEU A 458 -12.09 17.63 43.17
C LEU A 458 -12.99 17.19 42.03
N GLU A 459 -13.28 15.89 41.97
CA GLU A 459 -14.13 15.35 40.92
C GLU A 459 -14.53 13.91 41.17
N ASP A 460 -15.84 13.70 41.21
CA ASP A 460 -16.46 12.38 41.41
C ASP A 460 -17.38 12.37 40.21
N ASN A 461 -17.38 11.32 39.41
CA ASN A 461 -18.24 11.37 38.23
C ASN A 461 -19.72 11.17 38.48
N SER A 462 -20.28 12.03 39.32
CA SER A 462 -21.69 11.99 39.65
C SER A 462 -22.47 12.21 38.37
N ALA A 463 -22.02 13.17 37.57
CA ALA A 463 -22.66 13.49 36.30
C ALA A 463 -22.76 12.22 35.45
N LEU A 464 -21.61 11.57 35.25
CA LEU A 464 -21.56 10.34 34.47
C LEU A 464 -22.45 9.30 35.15
N ASP A 465 -22.33 9.19 36.46
CA ASP A 465 -23.10 8.22 37.24
C ASP A 465 -24.60 8.32 36.97
N LYS A 466 -25.13 9.54 37.01
CA LYS A 466 -26.55 9.79 36.77
C LYS A 466 -26.97 9.23 35.41
N MET A 467 -26.12 9.41 34.40
CA MET A 467 -26.41 8.93 33.05
C MET A 467 -26.32 7.41 32.93
N LEU A 468 -25.28 6.83 33.51
CA LEU A 468 -25.09 5.38 33.42
C LEU A 468 -26.17 4.62 34.18
N GLN A 469 -27.08 5.38 34.79
CA GLN A 469 -28.20 4.82 35.55
C GLN A 469 -29.23 4.21 34.60
N ASP A 470 -29.51 4.93 33.52
CA ASP A 470 -30.48 4.49 32.53
C ASP A 470 -29.86 3.57 31.49
N VAL A 471 -28.69 3.02 31.80
CA VAL A 471 -28.00 2.13 30.85
C VAL A 471 -27.56 0.83 31.48
N GLN A 472 -27.65 -0.25 30.72
CA GLN A 472 -27.27 -1.59 31.19
C GLN A 472 -25.79 -1.88 31.02
N MET A 473 -24.98 -1.37 31.95
CA MET A 473 -23.52 -1.55 31.93
C MET A 473 -23.07 -2.97 32.24
N PRO A 474 -21.99 -3.41 31.59
CA PRO A 474 -21.50 -4.77 31.86
C PRO A 474 -20.66 -4.67 33.12
N SER A 475 -20.21 -5.79 33.65
CA SER A 475 -19.39 -5.77 34.86
C SER A 475 -17.97 -6.22 34.52
N LYS A 476 -17.07 -6.16 35.49
CA LYS A 476 -15.69 -6.56 35.23
C LYS A 476 -15.08 -7.43 36.32
N LYS A 477 -14.93 -8.72 36.04
CA LYS A 477 -14.31 -9.59 37.02
C LYS A 477 -12.81 -9.51 36.82
N LEU A 478 -12.07 -9.45 37.92
CA LEU A 478 -10.63 -9.39 37.88
C LEU A 478 -10.15 -10.42 38.87
N ASP A 479 -9.78 -11.58 38.36
CA ASP A 479 -9.34 -12.64 39.24
C ASP A 479 -8.10 -13.27 38.64
N PHE A 480 -7.73 -14.42 39.17
CA PHE A 480 -6.57 -15.15 38.70
C PHE A 480 -6.87 -16.64 38.59
N ILE A 481 -6.13 -17.30 37.73
CA ILE A 481 -6.24 -18.72 37.50
C ILE A 481 -4.83 -19.18 37.89
N VAL A 482 -4.64 -20.47 38.17
CA VAL A 482 -3.30 -20.92 38.55
C VAL A 482 -2.81 -22.03 37.63
N LEU A 483 -1.66 -21.79 37.00
CA LEU A 483 -1.04 -22.74 36.07
C LEU A 483 0.35 -23.08 36.60
N ASN A 484 0.80 -24.32 36.38
CA ASN A 484 2.12 -24.77 36.86
C ASN A 484 2.47 -24.19 38.23
N GLU A 485 1.47 -24.13 39.11
CA GLU A 485 1.68 -23.62 40.47
C GLU A 485 1.97 -22.13 40.60
N THR A 486 1.50 -21.33 39.65
CA THR A 486 1.73 -19.89 39.69
C THR A 486 0.45 -19.11 39.41
N ARG A 487 0.28 -17.98 40.09
CA ARG A 487 -0.90 -17.17 39.87
C ARG A 487 -0.74 -16.42 38.53
N PHE A 488 -1.80 -16.40 37.74
CA PHE A 488 -1.80 -15.68 36.48
C PHE A 488 -3.12 -14.94 36.36
N TRP A 489 -3.11 -13.64 36.61
CA TRP A 489 -4.35 -12.88 36.55
C TRP A 489 -5.00 -12.66 35.18
N TYR A 490 -6.30 -12.38 35.23
CA TYR A 490 -7.07 -12.14 34.01
C TYR A 490 -8.25 -11.27 34.41
N GLN A 491 -8.96 -10.78 33.41
CA GLN A 491 -10.13 -9.97 33.67
C GLN A 491 -11.20 -10.34 32.65
N MET A 492 -12.46 -10.04 32.98
CA MET A 492 -13.56 -10.32 32.08
C MET A 492 -14.58 -9.20 32.10
N ILE A 493 -15.09 -8.86 30.93
CA ILE A 493 -16.12 -7.84 30.85
C ILE A 493 -17.35 -8.68 30.60
N LEU A 494 -18.13 -8.89 31.64
CA LEU A 494 -19.34 -9.69 31.57
C LEU A 494 -20.53 -8.83 31.20
N PRO A 495 -21.32 -9.28 30.20
CA PRO A 495 -22.50 -8.52 29.77
C PRO A 495 -23.50 -8.37 30.92
N PRO A 496 -24.26 -7.28 30.93
CA PRO A 496 -25.24 -6.99 31.98
C PRO A 496 -25.70 -8.12 32.89
N HIS A 497 -26.96 -8.53 32.76
CA HIS A 497 -27.53 -9.58 33.62
C HIS A 497 -26.87 -10.94 33.40
N PHE A 498 -25.54 -10.94 33.39
CA PHE A 498 -24.75 -12.14 33.17
C PHE A 498 -25.17 -13.34 34.00
N ASP A 499 -25.71 -14.36 33.34
CA ASP A 499 -26.11 -15.57 34.02
C ASP A 499 -25.09 -16.70 33.86
N LYS A 500 -24.36 -16.96 34.95
CA LYS A 500 -23.33 -17.98 35.01
C LYS A 500 -23.75 -19.37 34.48
N SER A 501 -25.04 -19.56 34.25
CA SER A 501 -25.51 -20.86 33.77
C SER A 501 -25.59 -20.91 32.25
N LYS A 502 -25.99 -19.79 31.64
CA LYS A 502 -26.08 -19.70 30.18
C LYS A 502 -24.68 -19.76 29.57
N LYS A 503 -24.62 -19.78 28.25
CA LYS A 503 -23.31 -19.83 27.56
C LYS A 503 -23.15 -18.68 26.57
N TYR A 504 -22.13 -17.85 26.81
CA TYR A 504 -21.86 -16.69 25.97
C TYR A 504 -20.66 -16.90 25.05
N PRO A 505 -20.56 -16.09 23.97
CA PRO A 505 -19.43 -16.19 23.04
C PRO A 505 -18.28 -15.41 23.70
N LEU A 506 -17.06 -15.88 23.50
CA LEU A 506 -15.88 -15.27 24.11
C LEU A 506 -14.93 -14.56 23.16
N LEU A 507 -14.51 -13.36 23.57
CA LEU A 507 -13.57 -12.55 22.78
C LEU A 507 -12.34 -12.28 23.62
N ILE A 508 -11.20 -12.83 23.20
CA ILE A 508 -9.95 -12.60 23.92
C ILE A 508 -9.35 -11.29 23.43
N ASP A 509 -9.02 -10.40 24.36
CA ASP A 509 -8.40 -9.13 24.04
C ASP A 509 -6.92 -9.37 24.34
N VAL A 510 -6.07 -9.18 23.35
CA VAL A 510 -4.63 -9.41 23.53
C VAL A 510 -3.67 -8.27 23.28
N TYR A 511 -2.53 -8.40 23.93
CA TYR A 511 -1.40 -7.51 23.78
C TYR A 511 -0.26 -8.49 24.09
N ALA A 512 -0.11 -8.83 25.36
CA ALA A 512 0.89 -9.81 25.78
C ALA A 512 2.34 -9.57 25.40
N GLY A 513 2.74 -8.30 25.21
CA GLY A 513 4.12 -8.03 24.89
C GLY A 513 4.90 -8.07 26.19
N PRO A 514 6.24 -8.11 26.14
CA PRO A 514 6.99 -8.14 27.39
C PRO A 514 6.60 -6.99 28.33
N CYS A 515 6.48 -7.34 29.60
CA CYS A 515 6.13 -6.39 30.65
C CYS A 515 4.80 -5.66 30.44
N SER A 516 3.84 -6.35 29.82
CA SER A 516 2.53 -5.73 29.58
C SER A 516 1.56 -6.13 30.69
N GLN A 517 0.40 -5.49 30.73
CA GLN A 517 -0.59 -5.83 31.73
C GLN A 517 -2.00 -5.44 31.26
N LYS A 518 -2.72 -6.43 30.77
CA LYS A 518 -4.08 -6.23 30.26
C LYS A 518 -5.15 -6.45 31.33
N ALA A 519 -4.77 -7.10 32.42
CA ALA A 519 -5.69 -7.36 33.51
C ALA A 519 -5.36 -6.45 34.69
N ASP A 520 -6.21 -5.45 34.92
CA ASP A 520 -6.00 -4.55 36.03
C ASP A 520 -7.34 -4.08 36.54
N ALA A 521 -7.30 -3.23 37.57
CA ALA A 521 -8.51 -2.72 38.21
C ALA A 521 -8.93 -1.32 37.79
N ALA A 522 -8.63 -0.94 36.55
CA ALA A 522 -8.98 0.40 36.09
C ALA A 522 -10.31 0.46 35.34
N PHE A 523 -11.06 1.52 35.59
CA PHE A 523 -12.36 1.70 34.96
C PHE A 523 -12.21 2.25 33.54
N ARG A 524 -12.94 1.64 32.60
CA ARG A 524 -12.89 2.06 31.21
C ARG A 524 -14.21 1.92 30.47
N LEU A 525 -14.39 2.74 29.45
CA LEU A 525 -15.58 2.71 28.61
C LEU A 525 -15.10 2.59 27.17
N ASN A 526 -14.78 1.38 26.73
CA ASN A 526 -14.28 1.18 25.37
C ASN A 526 -15.19 0.33 24.51
N TRP A 527 -14.60 -0.23 23.46
CA TRP A 527 -15.34 -1.08 22.52
C TRP A 527 -15.71 -2.38 23.24
N ALA A 528 -14.94 -2.78 24.23
CA ALA A 528 -15.25 -4.01 24.98
C ALA A 528 -16.55 -3.80 25.76
N THR A 529 -16.78 -2.56 26.19
CA THR A 529 -17.99 -2.23 26.93
C THR A 529 -19.19 -2.47 26.00
N TYR A 530 -19.12 -1.93 24.79
CA TYR A 530 -20.18 -2.11 23.80
C TYR A 530 -20.40 -3.59 23.53
N LEU A 531 -19.31 -4.32 23.31
CA LEU A 531 -19.41 -5.74 23.01
C LEU A 531 -20.16 -6.55 24.04
N ALA A 532 -19.99 -6.22 25.32
CA ALA A 532 -20.68 -6.96 26.37
C ALA A 532 -22.11 -6.43 26.59
N SER A 533 -22.22 -5.12 26.78
CA SER A 533 -23.51 -4.50 27.02
C SER A 533 -24.56 -4.63 25.91
N THR A 534 -24.12 -4.82 24.67
CA THR A 534 -25.07 -4.92 23.56
C THR A 534 -25.00 -6.18 22.72
N GLU A 535 -23.83 -6.79 22.61
CA GLU A 535 -23.70 -8.00 21.80
C GLU A 535 -23.70 -9.23 22.70
N ASN A 536 -23.70 -8.99 24.01
CA ASN A 536 -23.68 -10.07 25.00
C ASN A 536 -22.45 -10.93 24.83
N ILE A 537 -21.34 -10.29 24.49
CA ILE A 537 -20.09 -11.01 24.31
C ILE A 537 -19.20 -10.77 25.49
N ILE A 538 -18.57 -11.83 25.98
CA ILE A 538 -17.65 -11.73 27.10
C ILE A 538 -16.27 -11.45 26.53
N VAL A 539 -15.71 -10.29 26.88
CA VAL A 539 -14.39 -9.86 26.43
C VAL A 539 -13.43 -10.08 27.59
N ALA A 540 -12.46 -10.97 27.43
CA ALA A 540 -11.51 -11.23 28.51
C ALA A 540 -10.04 -11.09 28.10
N SER A 541 -9.21 -10.64 29.03
CA SER A 541 -7.78 -10.46 28.78
C SER A 541 -7.03 -11.31 29.78
N PHE A 542 -5.84 -11.78 29.41
CA PHE A 542 -5.06 -12.64 30.30
C PHE A 542 -3.58 -12.30 30.27
N ASP A 543 -3.02 -11.95 31.44
CA ASP A 543 -1.59 -11.62 31.53
C ASP A 543 -0.84 -12.90 31.84
N GLY A 544 -0.23 -13.49 30.82
CA GLY A 544 0.51 -14.72 31.03
C GLY A 544 2.00 -14.49 31.19
N ARG A 545 2.81 -15.46 30.79
CA ARG A 545 4.25 -15.33 30.91
C ARG A 545 4.84 -14.20 30.07
N GLY A 546 5.91 -13.61 30.60
CA GLY A 546 6.60 -12.50 29.95
C GLY A 546 5.81 -11.23 30.20
N SER A 547 4.91 -11.27 31.17
CA SER A 547 4.08 -10.10 31.43
C SER A 547 4.38 -9.23 32.63
N GLY A 548 3.38 -8.40 32.90
CA GLY A 548 3.34 -7.44 34.00
C GLY A 548 4.46 -7.18 34.97
N TYR A 549 4.03 -6.82 36.17
CA TYR A 549 4.90 -6.46 37.28
C TYR A 549 4.80 -7.53 38.36
N GLN A 550 5.30 -8.73 38.04
CA GLN A 550 5.23 -9.85 38.96
C GLN A 550 6.58 -10.51 39.08
N GLY A 551 7.63 -9.71 38.98
CA GLY A 551 8.98 -10.26 39.07
C GLY A 551 9.57 -10.67 37.73
N ASP A 552 10.88 -10.73 37.68
CA ASP A 552 11.56 -11.10 36.44
C ASP A 552 11.34 -12.56 36.07
N LYS A 553 11.04 -13.42 37.04
CA LYS A 553 10.85 -14.82 36.70
C LYS A 553 9.79 -14.89 35.62
N ILE A 554 8.66 -14.23 35.87
CA ILE A 554 7.55 -14.21 34.93
C ILE A 554 7.83 -13.36 33.68
N MET A 555 8.36 -12.15 33.87
CA MET A 555 8.64 -11.27 32.73
C MET A 555 9.75 -11.77 31.80
N HIS A 556 10.91 -12.10 32.35
CA HIS A 556 12.04 -12.58 31.55
C HIS A 556 11.80 -13.99 30.96
N ALA A 557 10.71 -14.63 31.37
CA ALA A 557 10.38 -15.97 30.89
C ALA A 557 10.39 -16.07 29.37
N ILE A 558 10.20 -14.93 28.74
CA ILE A 558 10.12 -14.87 27.30
C ILE A 558 11.39 -14.43 26.58
N ASN A 559 12.41 -14.13 27.38
CA ASN A 559 13.70 -13.68 26.84
C ASN A 559 14.21 -14.50 25.67
N LYS A 560 14.80 -13.80 24.69
CA LYS A 560 15.35 -14.43 23.48
C LYS A 560 14.37 -15.27 22.67
N ARG A 561 13.09 -15.27 23.02
CA ARG A 561 12.15 -16.07 22.25
C ARG A 561 10.68 -15.64 22.32
N LEU A 562 10.39 -14.53 21.66
CA LEU A 562 9.03 -13.99 21.61
C LEU A 562 8.25 -14.90 20.67
N GLY A 563 6.93 -14.79 20.71
CA GLY A 563 6.09 -15.62 19.85
C GLY A 563 6.13 -17.07 20.34
N THR A 564 6.26 -17.22 21.65
CA THR A 564 6.34 -18.52 22.28
C THR A 564 5.33 -18.63 23.40
N LEU A 565 5.85 -18.60 24.63
CA LEU A 565 5.06 -18.73 25.83
C LEU A 565 3.89 -17.76 25.92
N GLU A 566 4.12 -16.47 25.61
CA GLU A 566 3.04 -15.50 25.70
C GLU A 566 1.90 -15.89 24.77
N VAL A 567 2.22 -16.60 23.69
CA VAL A 567 1.19 -17.03 22.75
C VAL A 567 0.46 -18.25 23.33
N GLU A 568 1.23 -19.29 23.66
CA GLU A 568 0.66 -20.49 24.25
C GLU A 568 -0.25 -20.19 25.42
N ASP A 569 0.31 -19.52 26.43
CA ASP A 569 -0.43 -19.14 27.62
C ASP A 569 -1.74 -18.46 27.29
N GLN A 570 -1.80 -17.77 26.15
CA GLN A 570 -3.04 -17.11 25.78
C GLN A 570 -4.07 -18.18 25.41
N ILE A 571 -3.60 -19.23 24.74
CA ILE A 571 -4.47 -20.33 24.34
C ILE A 571 -4.88 -21.11 25.61
N GLU A 572 -3.91 -21.41 26.47
CA GLU A 572 -4.15 -22.12 27.72
C GLU A 572 -5.25 -21.43 28.52
N ALA A 573 -5.13 -20.12 28.67
CA ALA A 573 -6.11 -19.34 29.42
C ALA A 573 -7.50 -19.44 28.81
N ALA A 574 -7.59 -19.55 27.49
CA ALA A 574 -8.88 -19.68 26.86
C ALA A 574 -9.50 -21.03 27.22
N ARG A 575 -8.67 -22.07 27.28
CA ARG A 575 -9.14 -23.41 27.64
C ARG A 575 -9.74 -23.31 29.05
N GLN A 576 -8.98 -22.72 29.96
CA GLN A 576 -9.39 -22.53 31.35
C GLN A 576 -10.70 -21.75 31.47
N PHE A 577 -10.90 -20.80 30.56
CA PHE A 577 -12.12 -20.01 30.57
C PHE A 577 -13.27 -20.90 30.15
N LEU A 578 -13.01 -21.78 29.19
CA LEU A 578 -14.03 -22.70 28.69
C LEU A 578 -14.43 -23.66 29.81
N LYS A 579 -13.44 -24.11 30.57
CA LYS A 579 -13.71 -25.01 31.68
C LYS A 579 -14.56 -24.29 32.72
N MET A 580 -14.57 -22.97 32.68
CA MET A 580 -15.37 -22.23 33.62
C MET A 580 -16.85 -22.33 33.28
N GLY A 581 -17.16 -23.17 32.31
CA GLY A 581 -18.54 -23.42 31.94
C GLY A 581 -19.39 -22.48 31.08
N PHE A 582 -19.48 -21.19 31.43
CA PHE A 582 -20.32 -20.22 30.70
C PHE A 582 -19.84 -19.68 29.35
N VAL A 583 -18.93 -20.39 28.70
CA VAL A 583 -18.42 -19.96 27.42
C VAL A 583 -18.85 -20.94 26.35
N ASP A 584 -19.49 -20.42 25.30
CA ASP A 584 -19.96 -21.21 24.18
C ASP A 584 -18.77 -21.58 23.31
N SER A 585 -18.08 -22.67 23.64
CA SER A 585 -16.90 -23.07 22.89
C SER A 585 -17.00 -22.98 21.37
N LYS A 586 -18.21 -23.04 20.82
CA LYS A 586 -18.36 -22.97 19.37
C LYS A 586 -18.31 -21.56 18.81
N ARG A 587 -18.01 -20.59 19.68
CA ARG A 587 -17.90 -19.20 19.27
C ARG A 587 -16.93 -18.39 20.13
N VAL A 588 -15.64 -18.68 19.94
CA VAL A 588 -14.54 -18.04 20.64
C VAL A 588 -13.62 -17.32 19.62
N ALA A 589 -13.36 -16.04 19.89
CA ALA A 589 -12.50 -15.23 19.00
C ALA A 589 -11.36 -14.55 19.77
N ILE A 590 -10.44 -13.95 19.03
CA ILE A 590 -9.29 -13.26 19.62
C ILE A 590 -8.84 -12.12 18.71
N TRP A 591 -8.56 -10.96 19.30
CA TRP A 591 -8.09 -9.82 18.51
C TRP A 591 -7.00 -9.02 19.23
N GLY A 592 -6.29 -8.19 18.47
CA GLY A 592 -5.23 -7.41 19.03
C GLY A 592 -4.63 -6.38 18.08
N TRP A 593 -3.98 -5.39 18.66
CA TRP A 593 -3.34 -4.29 17.94
C TRP A 593 -1.83 -4.39 18.12
N SER A 594 -1.08 -4.05 17.08
CA SER A 594 0.38 -4.02 17.11
C SER A 594 0.93 -5.35 17.74
N TYR A 595 1.60 -5.38 18.90
CA TYR A 595 2.07 -6.64 19.47
C TYR A 595 0.88 -7.58 19.60
N GLY A 596 -0.26 -7.01 19.99
CA GLY A 596 -1.48 -7.77 20.15
C GLY A 596 -1.93 -8.45 18.88
N GLY A 597 -1.76 -7.77 17.74
CA GLY A 597 -2.13 -8.34 16.46
C GLY A 597 -1.17 -9.46 16.11
N TYR A 598 0.06 -9.34 16.57
CA TYR A 598 1.06 -10.39 16.32
C TYR A 598 0.56 -11.65 17.00
N VAL A 599 0.31 -11.58 18.30
CA VAL A 599 -0.13 -12.75 19.04
C VAL A 599 -1.46 -13.29 18.49
N THR A 600 -2.39 -12.41 18.15
CA THR A 600 -3.65 -12.87 17.59
C THR A 600 -3.29 -13.79 16.43
N SER A 601 -2.50 -13.27 15.50
CA SER A 601 -2.06 -14.01 14.32
C SER A 601 -1.29 -15.30 14.67
N MET A 602 -0.42 -15.22 15.65
CA MET A 602 0.35 -16.39 16.06
C MET A 602 -0.56 -17.46 16.67
N VAL A 603 -1.65 -17.02 17.29
CA VAL A 603 -2.60 -17.93 17.92
C VAL A 603 -3.48 -18.53 16.83
N LEU A 604 -4.06 -17.69 15.98
CA LEU A 604 -4.90 -18.20 14.91
C LEU A 604 -4.11 -19.19 14.05
N GLY A 605 -2.82 -18.92 13.86
CA GLY A 605 -2.01 -19.82 13.05
C GLY A 605 -1.40 -20.98 13.79
N SER A 606 -1.85 -21.19 15.03
CA SER A 606 -1.32 -22.28 15.85
C SER A 606 -2.04 -23.61 15.57
N GLY A 607 -3.17 -23.52 14.88
CA GLY A 607 -3.95 -24.70 14.57
C GLY A 607 -4.41 -25.41 15.84
N SER A 608 -4.52 -24.68 16.94
CA SER A 608 -4.96 -25.23 18.22
C SER A 608 -6.44 -25.60 18.20
N GLY A 609 -7.15 -25.16 17.16
CA GLY A 609 -8.56 -25.45 17.06
C GLY A 609 -9.45 -24.69 18.04
N VAL A 610 -8.85 -24.06 19.06
CA VAL A 610 -9.62 -23.33 20.05
C VAL A 610 -10.33 -22.05 19.60
N PHE A 611 -9.88 -21.43 18.51
CA PHE A 611 -10.52 -20.19 18.04
C PHE A 611 -11.14 -20.24 16.66
N LYS A 612 -12.29 -19.58 16.55
CA LYS A 612 -13.05 -19.55 15.31
C LYS A 612 -12.54 -18.47 14.37
N CYS A 613 -12.45 -17.25 14.88
CA CYS A 613 -11.99 -16.13 14.10
C CYS A 613 -11.06 -15.25 14.91
N GLY A 614 -10.48 -14.25 14.25
CA GLY A 614 -9.58 -13.35 14.93
C GLY A 614 -9.31 -12.14 14.08
N ILE A 615 -8.94 -11.05 14.73
CA ILE A 615 -8.63 -9.80 14.03
C ILE A 615 -7.29 -9.27 14.53
N ALA A 616 -6.41 -8.96 13.59
CA ALA A 616 -5.09 -8.42 13.89
C ALA A 616 -4.95 -7.05 13.23
N VAL A 617 -4.74 -6.01 14.03
CA VAL A 617 -4.58 -4.67 13.48
C VAL A 617 -3.11 -4.27 13.58
N ALA A 618 -2.51 -3.87 12.44
CA ALA A 618 -1.11 -3.46 12.36
C ALA A 618 -0.25 -4.40 13.17
N PRO A 619 -0.30 -5.69 12.84
CA PRO A 619 0.48 -6.69 13.55
C PRO A 619 1.94 -6.72 13.09
N VAL A 620 2.76 -7.39 13.86
CA VAL A 620 4.16 -7.56 13.53
C VAL A 620 4.13 -8.95 12.93
N SER A 621 4.84 -9.21 11.85
CA SER A 621 4.83 -10.55 11.26
C SER A 621 6.13 -11.31 11.45
N ARG A 622 7.25 -10.60 11.61
CA ARG A 622 8.54 -11.24 11.88
C ARG A 622 9.43 -10.16 12.43
N TRP A 623 10.16 -10.47 13.50
CA TRP A 623 10.99 -9.47 14.16
C TRP A 623 12.08 -8.75 13.38
N GLU A 624 12.52 -9.28 12.25
CA GLU A 624 13.52 -8.56 11.49
C GLU A 624 12.92 -7.29 10.90
N TYR A 625 11.60 -7.25 10.78
CA TYR A 625 10.94 -6.06 10.23
C TYR A 625 10.83 -4.93 11.25
N TYR A 626 10.80 -5.28 12.54
CA TYR A 626 10.67 -4.24 13.56
C TYR A 626 12.00 -3.57 13.89
N ASP A 627 11.93 -2.42 14.56
CA ASP A 627 13.11 -1.65 14.90
C ASP A 627 14.10 -2.33 15.84
N SER A 628 15.33 -1.82 15.84
CA SER A 628 16.40 -2.38 16.64
C SER A 628 16.25 -2.28 18.17
N VAL A 629 16.16 -1.07 18.69
CA VAL A 629 16.07 -0.87 20.13
C VAL A 629 15.02 -1.74 20.82
N TYR A 630 13.84 -1.87 20.21
CA TYR A 630 12.80 -2.71 20.80
C TYR A 630 13.10 -4.20 20.64
N THR A 631 13.09 -4.68 19.40
CA THR A 631 13.33 -6.08 19.10
C THR A 631 14.54 -6.67 19.81
N GLU A 632 15.72 -6.11 19.57
CA GLU A 632 16.96 -6.62 20.20
C GLU A 632 16.95 -6.70 21.74
N ARG A 633 16.16 -5.86 22.39
CA ARG A 633 16.09 -5.90 23.84
C ARG A 633 15.62 -7.28 24.31
N TYR A 634 14.74 -7.89 23.52
CA TYR A 634 14.19 -9.18 23.88
C TYR A 634 14.69 -10.31 23.00
N MET A 635 15.13 -9.96 21.80
CA MET A 635 15.57 -10.98 20.84
C MET A 635 17.04 -11.07 20.50
N GLY A 636 17.84 -10.11 20.95
CA GLY A 636 19.26 -10.13 20.63
C GLY A 636 19.45 -9.71 19.19
N LEU A 637 20.56 -10.13 18.58
CA LEU A 637 20.81 -9.80 17.19
C LEU A 637 20.42 -10.97 16.28
N PRO A 638 19.77 -10.65 15.15
CA PRO A 638 19.31 -11.63 14.17
C PRO A 638 20.44 -12.24 13.35
N THR A 639 21.52 -12.60 14.04
CA THR A 639 22.66 -13.21 13.39
C THR A 639 22.86 -14.66 13.82
N PRO A 640 23.49 -15.49 12.98
CA PRO A 640 23.72 -16.90 13.32
C PRO A 640 24.57 -17.01 14.56
N GLU A 641 25.32 -15.96 14.85
CA GLU A 641 26.18 -15.95 16.02
C GLU A 641 25.37 -15.68 17.27
N ASP A 642 24.14 -15.21 17.09
CA ASP A 642 23.28 -14.91 18.24
C ASP A 642 21.95 -15.69 18.22
N ASN A 643 20.86 -14.98 17.92
CA ASN A 643 19.52 -15.57 17.93
C ASN A 643 18.79 -15.65 16.57
N LEU A 644 19.52 -15.66 15.47
CA LEU A 644 18.87 -15.73 14.16
C LEU A 644 17.80 -16.81 14.07
N ASP A 645 18.08 -17.96 14.68
CA ASP A 645 17.14 -19.07 14.63
C ASP A 645 15.81 -18.71 15.24
N HIS A 646 15.80 -18.18 16.46
CA HIS A 646 14.53 -17.80 17.07
C HIS A 646 13.81 -16.74 16.25
N TYR A 647 14.56 -15.88 15.58
CA TYR A 647 13.93 -14.86 14.75
C TYR A 647 13.12 -15.52 13.63
N ARG A 648 13.80 -16.37 12.87
CA ARG A 648 13.16 -17.07 11.76
C ARG A 648 12.07 -18.07 12.16
N ASN A 649 12.14 -18.54 13.40
CA ASN A 649 11.16 -19.50 13.90
C ASN A 649 9.83 -18.87 14.32
N SER A 650 9.89 -17.63 14.82
CA SER A 650 8.69 -16.94 15.30
C SER A 650 7.93 -16.09 14.28
N THR A 651 7.99 -16.51 13.02
CA THR A 651 7.32 -15.83 11.93
C THR A 651 5.82 -16.14 11.85
N VAL A 652 5.02 -15.15 11.44
CA VAL A 652 3.58 -15.38 11.31
C VAL A 652 3.34 -16.09 9.99
N MET A 653 4.08 -15.69 8.96
CA MET A 653 3.89 -16.32 7.65
C MET A 653 4.25 -17.79 7.71
N SER A 654 5.10 -18.18 8.64
CA SER A 654 5.49 -19.58 8.73
C SER A 654 4.33 -20.44 9.18
N ARG A 655 3.18 -19.81 9.46
CA ARG A 655 2.01 -20.56 9.91
C ARG A 655 0.79 -20.37 9.03
N ALA A 656 1.01 -19.89 7.81
CA ALA A 656 -0.06 -19.63 6.85
C ALA A 656 -1.00 -20.81 6.71
N GLU A 657 -0.46 -22.02 6.61
CA GLU A 657 -1.28 -23.21 6.49
C GLU A 657 -2.39 -23.27 7.54
N ASN A 658 -2.01 -23.28 8.82
CA ASN A 658 -2.99 -23.36 9.88
C ASN A 658 -4.12 -22.34 9.85
N PHE A 659 -4.05 -21.38 8.94
CA PHE A 659 -5.10 -20.36 8.85
C PHE A 659 -6.32 -20.84 8.08
N LYS A 660 -6.20 -22.01 7.46
CA LYS A 660 -7.33 -22.54 6.70
C LYS A 660 -8.46 -22.84 7.68
N GLN A 661 -8.10 -23.18 8.90
CA GLN A 661 -9.08 -23.50 9.93
C GLN A 661 -9.62 -22.29 10.69
N VAL A 662 -9.54 -21.08 10.11
CA VAL A 662 -9.99 -19.88 10.81
C VAL A 662 -10.41 -18.72 9.90
N GLU A 663 -11.32 -17.88 10.38
CA GLU A 663 -11.73 -16.68 9.64
C GLU A 663 -10.77 -15.60 10.17
N TYR A 664 -10.03 -14.97 9.27
CA TYR A 664 -9.05 -13.98 9.68
C TYR A 664 -9.29 -12.62 9.04
N LEU A 665 -9.24 -11.57 9.87
CA LEU A 665 -9.38 -10.18 9.38
C LEU A 665 -8.09 -9.40 9.67
N LEU A 666 -7.37 -9.03 8.60
CA LEU A 666 -6.11 -8.29 8.71
C LEU A 666 -6.29 -6.82 8.37
N ILE A 667 -5.98 -5.94 9.31
CA ILE A 667 -6.14 -4.51 9.10
C ILE A 667 -4.82 -3.79 9.29
N HIS A 668 -4.48 -2.88 8.38
CA HIS A 668 -3.24 -2.14 8.53
C HIS A 668 -3.29 -0.74 7.99
N GLY A 669 -2.62 0.17 8.69
CA GLY A 669 -2.55 1.56 8.27
C GLY A 669 -1.52 1.74 7.17
N THR A 670 -1.86 2.57 6.19
CA THR A 670 -0.99 2.82 5.04
C THR A 670 0.24 3.67 5.33
N ALA A 671 0.13 4.58 6.29
CA ALA A 671 1.21 5.47 6.64
C ALA A 671 1.73 5.11 8.02
N ASP A 672 1.74 3.82 8.33
CA ASP A 672 2.23 3.36 9.62
C ASP A 672 3.76 3.40 9.65
N ASP A 673 4.32 4.39 10.33
CA ASP A 673 5.76 4.53 10.44
C ASP A 673 6.35 3.64 11.54
N ASN A 674 5.51 3.11 12.42
CA ASN A 674 5.98 2.24 13.50
C ASN A 674 6.09 0.78 13.08
N VAL A 675 4.95 0.18 12.75
CA VAL A 675 4.87 -1.20 12.26
C VAL A 675 4.58 -0.95 10.78
N HIS A 676 5.59 -1.15 9.95
CA HIS A 676 5.57 -0.83 8.52
C HIS A 676 4.62 -1.28 7.42
N PHE A 677 3.52 -1.95 7.71
CA PHE A 677 2.61 -2.37 6.62
C PHE A 677 3.28 -3.49 5.87
N GLN A 678 4.56 -3.31 5.57
CA GLN A 678 5.37 -4.32 4.93
C GLN A 678 5.03 -5.62 5.67
N GLN A 679 4.88 -5.50 6.99
CA GLN A 679 4.56 -6.63 7.85
C GLN A 679 3.26 -7.34 7.43
N SER A 680 2.17 -6.60 7.29
CA SER A 680 0.91 -7.23 6.90
C SER A 680 0.97 -7.68 5.43
N ALA A 681 1.59 -6.86 4.58
CA ALA A 681 1.75 -7.15 3.16
C ALA A 681 2.46 -8.48 3.00
N GLN A 682 3.35 -8.76 3.95
CA GLN A 682 4.12 -9.98 3.94
C GLN A 682 3.22 -11.15 4.37
N ILE A 683 2.32 -10.89 5.32
CA ILE A 683 1.37 -11.90 5.83
C ILE A 683 0.34 -12.31 4.78
N SER A 684 -0.29 -11.31 4.18
CA SER A 684 -1.30 -11.57 3.17
C SER A 684 -0.70 -12.37 2.02
N LYS A 685 0.51 -12.03 1.62
CA LYS A 685 1.17 -12.74 0.54
C LYS A 685 1.37 -14.22 0.93
N ALA A 686 1.75 -14.44 2.18
CA ALA A 686 1.98 -15.80 2.68
C ALA A 686 0.71 -16.62 2.62
N LEU A 687 -0.40 -16.01 3.03
CA LEU A 687 -1.69 -16.69 3.03
C LEU A 687 -2.16 -16.95 1.60
N VAL A 688 -1.89 -16.00 0.70
CA VAL A 688 -2.29 -16.14 -0.69
C VAL A 688 -1.51 -17.30 -1.31
N ASP A 689 -0.23 -17.42 -0.95
CA ASP A 689 0.57 -18.49 -1.48
C ASP A 689 0.10 -19.82 -0.91
N ALA A 690 -0.44 -19.79 0.31
CA ALA A 690 -0.94 -21.00 0.98
C ALA A 690 -2.38 -21.33 0.56
N GLY A 691 -2.95 -20.52 -0.32
CA GLY A 691 -4.30 -20.73 -0.78
C GLY A 691 -5.31 -20.59 0.35
N VAL A 692 -5.04 -19.72 1.31
CA VAL A 692 -5.93 -19.49 2.44
C VAL A 692 -6.75 -18.23 2.25
N ASP A 693 -8.06 -18.35 2.14
CA ASP A 693 -8.86 -17.15 1.97
C ASP A 693 -8.94 -16.44 3.31
N PHE A 694 -9.08 -15.11 3.26
CA PHE A 694 -9.17 -14.29 4.48
C PHE A 694 -9.67 -12.91 4.08
N GLN A 695 -9.87 -12.04 5.07
CA GLN A 695 -10.34 -10.70 4.79
C GLN A 695 -9.27 -9.67 5.15
N ALA A 696 -9.13 -8.66 4.30
CA ALA A 696 -8.12 -7.63 4.54
C ALA A 696 -8.76 -6.25 4.50
N MET A 697 -8.01 -5.26 4.97
CA MET A 697 -8.51 -3.89 4.98
C MET A 697 -7.35 -2.93 5.23
N TRP A 698 -7.10 -2.05 4.27
CA TRP A 698 -6.05 -1.08 4.44
C TRP A 698 -6.71 0.25 4.78
N TYR A 699 -5.99 1.13 5.46
CA TYR A 699 -6.52 2.45 5.77
C TYR A 699 -5.57 3.49 5.20
N THR A 700 -6.02 4.07 4.10
CA THR A 700 -5.27 5.06 3.37
C THR A 700 -4.77 6.21 4.23
N ASP A 701 -3.47 6.39 4.24
CA ASP A 701 -2.85 7.48 4.99
C ASP A 701 -3.04 7.46 6.50
N GLU A 702 -3.48 6.34 7.06
CA GLU A 702 -3.65 6.26 8.50
C GLU A 702 -2.36 5.89 9.19
N ASP A 703 -2.26 6.34 10.43
CA ASP A 703 -1.12 6.15 11.31
C ASP A 703 -1.02 4.72 11.82
N HIS A 704 -0.22 4.55 12.88
CA HIS A 704 -0.10 3.24 13.49
C HIS A 704 -1.33 3.09 14.39
N GLY A 705 -1.90 4.23 14.75
CA GLY A 705 -3.08 4.22 15.59
C GLY A 705 -4.40 4.26 14.86
N ILE A 706 -4.38 4.51 13.54
CA ILE A 706 -5.62 4.57 12.76
C ILE A 706 -6.62 5.36 13.62
N ALA A 707 -6.14 6.47 14.17
CA ALA A 707 -6.94 7.27 15.06
C ALA A 707 -7.54 8.55 14.53
N SER A 708 -7.56 8.74 13.21
CA SER A 708 -8.19 9.93 12.68
C SER A 708 -9.66 9.69 12.99
N SER A 709 -10.46 10.73 13.14
CA SER A 709 -11.87 10.55 13.46
C SER A 709 -12.65 9.55 12.58
N THR A 710 -12.79 9.83 11.29
CA THR A 710 -13.53 8.92 10.43
C THR A 710 -12.93 7.51 10.41
N ALA A 711 -11.61 7.41 10.32
CA ALA A 711 -10.98 6.09 10.30
C ALA A 711 -11.32 5.32 11.57
N HIS A 712 -11.22 6.00 12.71
CA HIS A 712 -11.49 5.40 14.00
C HIS A 712 -12.86 4.72 14.04
N GLN A 713 -13.87 5.46 13.62
CA GLN A 713 -15.22 4.94 13.61
C GLN A 713 -15.37 3.79 12.62
N HIS A 714 -14.80 3.97 11.44
CA HIS A 714 -14.85 2.98 10.39
C HIS A 714 -14.20 1.65 10.76
N ILE A 715 -13.05 1.71 11.39
CA ILE A 715 -12.35 0.49 11.74
C ILE A 715 -13.04 -0.27 12.84
N TYR A 716 -13.73 0.42 13.74
CA TYR A 716 -14.42 -0.31 14.78
C TYR A 716 -15.75 -0.87 14.31
N SER A 717 -16.38 -0.16 13.38
CA SER A 717 -17.65 -0.61 12.83
C SER A 717 -17.34 -1.84 12.01
N HIS A 718 -16.27 -1.77 11.23
CA HIS A 718 -15.90 -2.90 10.39
C HIS A 718 -15.57 -4.13 11.24
N MET A 719 -14.89 -3.92 12.36
CA MET A 719 -14.54 -5.06 13.21
C MET A 719 -15.78 -5.62 13.90
N SER A 720 -16.69 -4.73 14.27
CA SER A 720 -17.92 -5.13 14.92
C SER A 720 -18.68 -6.04 13.97
N HIS A 721 -18.87 -5.61 12.72
CA HIS A 721 -19.55 -6.45 11.75
C HIS A 721 -18.80 -7.76 11.54
N PHE A 722 -17.47 -7.74 11.61
CA PHE A 722 -16.74 -8.98 11.41
C PHE A 722 -17.08 -9.99 12.50
N LEU A 723 -17.14 -9.53 13.74
CA LEU A 723 -17.48 -10.41 14.85
C LEU A 723 -18.92 -10.88 14.73
N GLN A 724 -19.82 -9.94 14.43
CA GLN A 724 -21.22 -10.28 14.27
C GLN A 724 -21.33 -11.39 13.23
N GLN A 725 -20.69 -11.22 12.07
CA GLN A 725 -20.74 -12.24 11.04
C GLN A 725 -20.15 -13.53 11.59
N CYS A 726 -19.00 -13.44 12.25
CA CYS A 726 -18.34 -14.63 12.80
C CYS A 726 -19.11 -15.35 13.91
N PHE A 727 -19.75 -14.59 14.79
CA PHE A 727 -20.52 -15.15 15.90
C PHE A 727 -21.98 -15.41 15.55
N SER A 728 -22.29 -15.45 14.26
CA SER A 728 -23.64 -15.72 13.81
C SER A 728 -24.66 -14.74 14.40
N LEU A 729 -24.18 -13.62 14.96
CA LEU A 729 -25.06 -12.60 15.55
C LEU A 729 -25.67 -11.77 14.42
N ARG A 730 -25.69 -10.44 14.53
CA ARG A 730 -26.26 -9.59 13.48
C ARG A 730 -27.47 -10.27 12.83
N ARG B 1 -23.82 -35.10 -15.91
CA ARG B 1 -24.59 -34.49 -14.79
C ARG B 1 -23.71 -33.61 -13.88
N ARG B 2 -22.42 -33.47 -14.22
CA ARG B 2 -21.48 -32.66 -13.44
C ARG B 2 -21.48 -31.20 -13.95
N THR B 3 -21.34 -30.25 -13.03
CA THR B 3 -21.33 -28.82 -13.38
C THR B 3 -19.89 -28.36 -13.64
N TYR B 4 -19.73 -27.12 -14.13
CA TYR B 4 -18.40 -26.56 -14.39
C TYR B 4 -17.96 -25.82 -13.10
N THR B 5 -17.16 -26.50 -12.28
CA THR B 5 -16.64 -26.00 -11.00
C THR B 5 -15.67 -24.81 -11.10
N LEU B 6 -15.52 -24.02 -10.02
CA LEU B 6 -14.58 -22.89 -10.04
C LEU B 6 -13.19 -23.52 -10.17
N ALA B 7 -13.08 -24.76 -9.68
CA ALA B 7 -11.83 -25.49 -9.75
C ALA B 7 -11.52 -25.81 -11.21
N ASP B 8 -12.54 -26.12 -11.99
CA ASP B 8 -12.33 -26.42 -13.40
C ASP B 8 -11.67 -25.23 -14.08
N TYR B 9 -12.14 -24.05 -13.71
CA TYR B 9 -11.64 -22.80 -14.26
C TYR B 9 -10.24 -22.48 -13.76
N LEU B 10 -10.07 -22.48 -12.45
CA LEU B 10 -8.79 -22.17 -11.86
C LEU B 10 -7.69 -23.17 -12.17
N LYS B 11 -8.06 -24.43 -12.38
CA LYS B 11 -7.07 -25.47 -12.68
C LYS B 11 -7.01 -25.77 -14.19
N ASN B 12 -7.70 -24.95 -14.97
CA ASN B 12 -7.73 -25.11 -16.41
C ASN B 12 -7.91 -26.59 -16.76
N THR B 13 -8.97 -27.18 -16.20
CA THR B 13 -9.29 -28.59 -16.43
C THR B 13 -9.60 -28.89 -17.88
N PHE B 14 -10.46 -28.06 -18.48
CA PHE B 14 -10.84 -28.28 -19.87
C PHE B 14 -10.11 -27.35 -20.81
N ARG B 15 -8.98 -27.84 -21.31
CA ARG B 15 -8.13 -27.11 -22.23
C ARG B 15 -8.74 -26.91 -23.63
N VAL B 16 -8.61 -25.70 -24.16
CA VAL B 16 -9.12 -25.37 -25.49
C VAL B 16 -7.91 -25.25 -26.43
N LYS B 17 -7.89 -26.05 -27.49
CA LYS B 17 -6.78 -26.02 -28.42
C LYS B 17 -6.91 -25.01 -29.56
N SER B 18 -5.80 -24.85 -30.28
CA SER B 18 -5.74 -23.94 -31.40
C SER B 18 -4.61 -24.39 -32.32
N TYR B 19 -4.37 -23.62 -33.38
CA TYR B 19 -3.32 -23.96 -34.32
C TYR B 19 -2.56 -22.69 -34.66
N SER B 20 -1.57 -22.37 -33.84
CA SER B 20 -0.76 -21.18 -34.07
C SER B 20 0.44 -21.60 -34.93
N LEU B 21 0.36 -21.28 -36.22
CA LEU B 21 1.42 -21.61 -37.16
C LEU B 21 2.21 -20.36 -37.50
N ARG B 22 3.33 -20.56 -38.17
CA ARG B 22 4.17 -19.44 -38.57
C ARG B 22 4.54 -19.58 -40.04
N TRP B 23 3.91 -18.78 -40.88
CA TRP B 23 4.21 -18.84 -42.31
C TRP B 23 5.67 -18.53 -42.56
N VAL B 24 6.41 -19.53 -43.03
CA VAL B 24 7.82 -19.34 -43.32
C VAL B 24 8.01 -18.92 -44.78
N SER B 25 6.98 -19.12 -45.59
CA SER B 25 7.04 -18.75 -47.00
C SER B 25 5.62 -18.58 -47.55
N ASP B 26 5.48 -18.67 -48.87
CA ASP B 26 4.18 -18.53 -49.47
C ASP B 26 3.50 -19.89 -49.52
N SER B 27 4.19 -20.93 -49.03
CA SER B 27 3.63 -22.27 -49.09
C SER B 27 4.01 -23.25 -47.97
N GLU B 28 4.85 -22.80 -47.06
CA GLU B 28 5.25 -23.65 -45.93
C GLU B 28 5.11 -22.88 -44.64
N TYR B 29 4.85 -23.60 -43.55
CA TYR B 29 4.72 -22.95 -42.27
C TYR B 29 5.34 -23.78 -41.16
N LEU B 30 5.69 -23.12 -40.07
CA LEU B 30 6.27 -23.81 -38.94
C LEU B 30 5.18 -24.07 -37.91
N TYR B 31 5.32 -25.19 -37.20
CA TYR B 31 4.34 -25.55 -36.19
C TYR B 31 4.99 -26.37 -35.09
N LYS B 32 4.74 -25.97 -33.85
CA LYS B 32 5.27 -26.63 -32.65
C LYS B 32 4.42 -27.84 -32.34
N GLN B 33 5.02 -29.03 -32.37
CA GLN B 33 4.29 -30.25 -32.07
C GLN B 33 5.11 -31.13 -31.14
N GLU B 34 4.57 -31.39 -29.96
CA GLU B 34 5.25 -32.21 -28.96
C GLU B 34 6.65 -31.64 -28.80
N ASN B 35 6.72 -30.32 -28.58
CA ASN B 35 7.97 -29.60 -28.42
C ASN B 35 8.99 -29.91 -29.51
N ASN B 36 8.48 -29.93 -30.74
CA ASN B 36 9.28 -30.17 -31.93
C ASN B 36 8.74 -29.22 -32.96
N ILE B 37 9.59 -28.42 -33.56
CA ILE B 37 9.10 -27.50 -34.56
C ILE B 37 9.09 -28.27 -35.87
N LEU B 38 7.90 -28.38 -36.47
CA LEU B 38 7.78 -29.08 -37.72
C LEU B 38 7.46 -28.13 -38.84
N LEU B 39 8.03 -28.39 -40.00
CA LEU B 39 7.79 -27.59 -41.18
C LEU B 39 6.69 -28.32 -41.93
N PHE B 40 5.60 -27.62 -42.23
CA PHE B 40 4.51 -28.23 -42.96
C PHE B 40 4.39 -27.59 -44.32
N ASN B 41 3.88 -28.36 -45.27
CA ASN B 41 3.66 -27.89 -46.62
C ASN B 41 2.16 -27.65 -46.79
N ALA B 42 1.75 -26.42 -47.05
CA ALA B 42 0.33 -26.15 -47.25
C ALA B 42 0.08 -26.78 -48.60
N GLU B 43 -1.01 -27.54 -48.71
CA GLU B 43 -1.38 -28.24 -49.94
C GLU B 43 -1.49 -29.69 -49.48
N HIS B 44 -0.37 -30.39 -49.51
CA HIS B 44 -0.34 -31.77 -49.05
C HIS B 44 0.16 -31.72 -47.61
N GLY B 45 -0.54 -32.38 -46.70
CA GLY B 45 -0.12 -32.38 -45.31
C GLY B 45 1.38 -32.60 -45.08
N ASN B 46 2.11 -32.85 -46.17
CA ASN B 46 3.56 -33.06 -46.19
C ASN B 46 4.20 -32.34 -45.01
N SER B 47 4.81 -33.08 -44.08
CA SER B 47 5.44 -32.42 -42.94
C SER B 47 6.96 -32.64 -42.98
N SER B 48 7.62 -32.37 -41.85
CA SER B 48 9.07 -32.54 -41.74
C SER B 48 9.64 -31.85 -40.51
N ILE B 49 10.52 -32.54 -39.79
CA ILE B 49 11.12 -31.96 -38.58
C ILE B 49 12.03 -30.78 -38.90
N PHE B 50 11.93 -29.72 -38.09
CA PHE B 50 12.75 -28.52 -38.26
C PHE B 50 13.72 -28.41 -37.09
N LEU B 51 13.18 -28.47 -35.88
CA LEU B 51 13.97 -28.43 -34.65
C LEU B 51 13.40 -29.54 -33.79
N GLU B 52 14.26 -30.27 -33.09
CA GLU B 52 13.80 -31.39 -32.28
C GLU B 52 13.49 -31.21 -30.81
N ASN B 53 12.86 -32.25 -30.24
CA ASN B 53 12.52 -32.29 -28.82
C ASN B 53 13.83 -31.88 -28.18
N SER B 54 14.91 -32.24 -28.90
CA SER B 54 16.29 -31.95 -28.52
C SER B 54 16.48 -30.44 -28.45
N THR B 55 17.63 -29.95 -28.90
CA THR B 55 17.95 -28.52 -28.90
C THR B 55 17.40 -27.82 -27.67
N PHE B 56 16.11 -27.48 -27.71
CA PHE B 56 15.42 -26.80 -26.62
C PHE B 56 15.85 -27.24 -25.21
N GLU B 57 16.23 -28.50 -25.04
CA GLU B 57 16.62 -29.00 -23.72
C GLU B 57 17.99 -28.53 -23.22
N ILE B 58 18.90 -28.21 -24.12
CA ILE B 58 20.24 -27.74 -23.70
C ILE B 58 20.01 -26.60 -22.71
N PHE B 59 19.24 -25.60 -23.13
CA PHE B 59 18.92 -24.44 -22.30
C PHE B 59 17.85 -24.88 -21.30
N GLY B 60 17.94 -26.15 -20.91
CA GLY B 60 17.02 -26.73 -19.94
C GLY B 60 15.53 -26.51 -20.19
N ASP B 61 14.86 -26.03 -19.16
CA ASP B 61 13.43 -25.78 -19.20
C ASP B 61 13.12 -24.29 -19.23
N SER B 62 14.16 -23.47 -19.37
CA SER B 62 13.97 -22.02 -19.39
C SER B 62 13.86 -21.45 -20.80
N ILE B 63 13.73 -22.31 -21.81
CA ILE B 63 13.57 -21.83 -23.18
C ILE B 63 12.22 -21.17 -23.31
N SER B 64 12.23 -19.85 -23.15
CA SER B 64 11.04 -19.03 -23.22
C SER B 64 10.39 -18.94 -24.60
N ASP B 65 11.21 -18.88 -25.64
CA ASP B 65 10.66 -18.75 -26.99
C ASP B 65 11.74 -18.93 -28.06
N TYR B 66 11.34 -18.95 -29.32
CA TYR B 66 12.28 -19.14 -30.42
C TYR B 66 11.91 -18.28 -31.62
N SER B 67 12.92 -17.81 -32.35
CA SER B 67 12.68 -16.99 -33.52
C SER B 67 13.58 -17.43 -34.68
N VAL B 68 12.96 -17.87 -35.77
CA VAL B 68 13.72 -18.33 -36.93
C VAL B 68 14.01 -17.21 -37.92
N SER B 69 15.30 -17.07 -38.29
CA SER B 69 15.70 -16.04 -39.23
C SER B 69 14.87 -16.25 -40.50
N PRO B 70 14.51 -15.15 -41.17
CA PRO B 70 13.69 -15.32 -42.38
C PRO B 70 14.25 -16.27 -43.47
N ASP B 71 15.58 -16.37 -43.57
CA ASP B 71 16.20 -17.26 -44.55
C ASP B 71 16.37 -18.66 -43.95
N ARG B 72 15.65 -18.91 -42.85
CA ARG B 72 15.66 -20.18 -42.14
C ARG B 72 17.03 -20.77 -41.86
N LEU B 73 18.06 -19.94 -41.80
CA LEU B 73 19.38 -20.48 -41.53
C LEU B 73 19.74 -20.55 -40.04
N PHE B 74 19.17 -19.65 -39.24
CA PHE B 74 19.46 -19.65 -37.80
C PHE B 74 18.21 -19.56 -36.96
N VAL B 75 18.35 -19.90 -35.69
CA VAL B 75 17.23 -19.82 -34.77
C VAL B 75 17.67 -19.11 -33.49
N LEU B 76 16.86 -18.14 -33.08
CA LEU B 76 17.11 -17.37 -31.87
C LEU B 76 16.42 -18.13 -30.73
N LEU B 77 17.17 -18.43 -29.67
CA LEU B 77 16.59 -19.16 -28.54
C LEU B 77 16.54 -18.25 -27.32
N GLU B 78 15.32 -17.90 -26.93
CA GLU B 78 15.08 -17.02 -25.81
C GLU B 78 14.95 -17.82 -24.54
N TYR B 79 15.57 -17.34 -23.47
CA TYR B 79 15.51 -18.01 -22.17
C TYR B 79 15.86 -16.99 -21.09
N ASN B 80 15.43 -17.23 -19.85
CA ASN B 80 15.68 -16.30 -18.75
C ASN B 80 14.79 -15.07 -18.89
N TYR B 81 13.57 -15.32 -19.34
CA TYR B 81 12.57 -14.28 -19.55
C TYR B 81 12.19 -13.65 -18.22
N VAL B 82 12.33 -12.32 -18.14
CA VAL B 82 11.98 -11.57 -16.93
C VAL B 82 11.03 -10.45 -17.34
N LYS B 83 9.75 -10.64 -17.06
CA LYS B 83 8.73 -9.66 -17.41
C LYS B 83 8.96 -8.30 -16.78
N GLN B 84 8.27 -7.30 -17.34
CA GLN B 84 8.35 -5.91 -16.90
C GLN B 84 7.32 -5.18 -17.77
N TRP B 85 6.24 -4.72 -17.15
CA TRP B 85 5.16 -4.01 -17.86
C TRP B 85 4.38 -4.96 -18.77
N ARG B 86 3.39 -4.39 -19.46
CA ARG B 86 2.50 -5.17 -20.31
C ARG B 86 3.19 -6.00 -21.39
N HIS B 87 4.16 -5.42 -22.07
CA HIS B 87 4.85 -6.12 -23.15
C HIS B 87 6.36 -6.24 -22.97
N SER B 88 6.94 -5.36 -22.16
CA SER B 88 8.38 -5.35 -21.94
C SER B 88 8.88 -6.54 -21.13
N TYR B 89 10.16 -6.84 -21.27
CA TYR B 89 10.79 -7.94 -20.55
C TYR B 89 12.21 -8.07 -21.08
N THR B 90 13.07 -8.70 -20.30
CA THR B 90 14.45 -8.90 -20.72
C THR B 90 14.76 -10.38 -20.67
N ALA B 91 15.57 -10.86 -21.60
CA ALA B 91 15.93 -12.27 -21.67
C ALA B 91 17.40 -12.48 -22.02
N SER B 92 17.76 -13.74 -22.21
CA SER B 92 19.09 -14.15 -22.59
C SER B 92 18.90 -14.82 -23.93
N TYR B 93 19.90 -14.74 -24.79
CA TYR B 93 19.72 -15.36 -26.10
C TYR B 93 20.89 -16.20 -26.58
N SER B 94 20.58 -17.07 -27.53
CA SER B 94 21.55 -17.96 -28.17
C SER B 94 21.11 -18.13 -29.60
N ILE B 95 22.07 -18.12 -30.52
CA ILE B 95 21.77 -18.29 -31.93
C ILE B 95 22.21 -19.71 -32.30
N TYR B 96 21.27 -20.50 -32.79
CA TYR B 96 21.61 -21.87 -33.19
C TYR B 96 21.74 -21.90 -34.71
N ASP B 97 22.85 -22.46 -35.18
CA ASP B 97 23.09 -22.56 -36.62
C ASP B 97 22.49 -23.86 -37.13
N LEU B 98 21.37 -23.77 -37.83
CA LEU B 98 20.74 -24.98 -38.35
C LEU B 98 21.71 -25.74 -39.22
N ASN B 99 22.31 -25.05 -40.18
CA ASN B 99 23.27 -25.64 -41.10
C ASN B 99 24.43 -26.38 -40.41
N LYS B 100 25.28 -25.62 -39.70
CA LYS B 100 26.43 -26.18 -39.00
C LYS B 100 25.97 -27.08 -37.84
N ARG B 101 24.67 -27.05 -37.58
CA ARG B 101 24.04 -27.86 -36.54
C ARG B 101 24.55 -27.69 -35.11
N GLN B 102 24.74 -26.45 -34.68
CA GLN B 102 25.19 -26.20 -33.31
C GLN B 102 25.13 -24.72 -32.93
N LEU B 103 25.16 -24.48 -31.62
CA LEU B 103 25.07 -23.13 -31.09
C LEU B 103 26.28 -22.25 -31.35
N ILE B 104 26.01 -21.10 -31.95
CA ILE B 104 27.05 -20.12 -32.23
C ILE B 104 27.50 -19.70 -30.85
N THR B 105 28.81 -19.66 -30.63
CA THR B 105 29.31 -19.33 -29.31
C THR B 105 30.31 -18.16 -29.30
N GLU B 106 30.63 -17.64 -30.47
CA GLU B 106 31.59 -16.54 -30.58
C GLU B 106 31.10 -15.20 -30.03
N GLU B 107 30.68 -14.33 -30.93
CA GLU B 107 30.19 -13.02 -30.54
C GLU B 107 28.80 -13.16 -29.96
N LYS B 108 28.69 -13.67 -28.73
CA LYS B 108 27.36 -13.87 -28.13
C LYS B 108 26.58 -12.58 -27.97
N ILE B 109 25.31 -12.71 -27.64
CA ILE B 109 24.44 -11.55 -27.45
C ILE B 109 24.25 -11.33 -25.94
N PRO B 110 24.55 -10.11 -25.46
CA PRO B 110 24.46 -9.68 -24.06
C PRO B 110 23.39 -10.39 -23.25
N ASN B 111 23.76 -10.81 -22.04
CA ASN B 111 22.84 -11.56 -21.21
C ASN B 111 21.67 -10.81 -20.61
N ASN B 112 21.42 -9.58 -21.02
CA ASN B 112 20.28 -8.89 -20.47
C ASN B 112 19.50 -8.07 -21.48
N THR B 113 19.50 -8.56 -22.72
CA THR B 113 18.83 -7.89 -23.82
C THR B 113 17.37 -7.55 -23.57
N GLN B 114 17.02 -6.31 -23.92
CA GLN B 114 15.67 -5.78 -23.75
C GLN B 114 14.83 -6.04 -24.99
N TRP B 115 15.49 -6.25 -26.12
CA TRP B 115 14.77 -6.53 -27.36
C TRP B 115 15.72 -6.93 -28.48
N ILE B 116 15.26 -7.82 -29.35
CA ILE B 116 16.07 -8.29 -30.46
C ILE B 116 15.14 -8.71 -31.61
N THR B 117 15.65 -8.67 -32.83
CA THR B 117 14.85 -9.06 -33.97
C THR B 117 15.69 -9.27 -35.22
N TRP B 118 15.21 -10.14 -36.09
CA TRP B 118 15.91 -10.39 -37.33
C TRP B 118 15.50 -9.29 -38.27
N SER B 119 16.21 -9.20 -39.38
CA SER B 119 15.88 -8.23 -40.42
C SER B 119 14.69 -8.90 -41.08
N GLN B 120 14.13 -8.32 -42.13
CA GLN B 120 13.01 -8.97 -42.80
C GLN B 120 13.56 -9.95 -43.83
N GLU B 121 14.85 -9.76 -44.16
CA GLU B 121 15.54 -10.54 -45.18
C GLU B 121 16.37 -11.72 -44.72
N GLY B 122 17.66 -11.49 -44.54
CA GLY B 122 18.55 -12.57 -44.17
C GLY B 122 18.68 -12.92 -42.70
N HIS B 123 19.91 -12.82 -42.19
CA HIS B 123 20.17 -13.12 -40.80
C HIS B 123 20.75 -11.92 -40.07
N LYS B 124 20.26 -10.74 -40.41
CA LYS B 124 20.71 -9.53 -39.73
C LYS B 124 19.96 -9.43 -38.42
N LEU B 125 20.69 -9.06 -37.37
CA LEU B 125 20.10 -8.92 -36.06
C LEU B 125 20.27 -7.49 -35.54
N ALA B 126 19.24 -6.98 -34.86
CA ALA B 126 19.27 -5.65 -34.26
C ALA B 126 18.72 -5.89 -32.86
N TYR B 127 19.45 -5.45 -31.84
CA TYR B 127 18.97 -5.62 -30.49
C TYR B 127 19.29 -4.45 -29.58
N VAL B 128 18.45 -4.26 -28.56
CA VAL B 128 18.63 -3.19 -27.62
C VAL B 128 19.11 -3.81 -26.33
N TRP B 129 20.12 -3.19 -25.75
CA TRP B 129 20.70 -3.63 -24.50
C TRP B 129 21.17 -2.35 -23.81
N LYS B 130 20.84 -2.22 -22.52
CA LYS B 130 21.20 -1.02 -21.77
C LYS B 130 20.71 0.24 -22.49
N ASN B 131 19.51 0.15 -23.07
CA ASN B 131 18.88 1.26 -23.79
C ASN B 131 19.58 1.74 -25.08
N ASP B 132 20.55 0.97 -25.56
CA ASP B 132 21.27 1.32 -26.78
C ASP B 132 21.07 0.24 -27.84
N ILE B 133 21.11 0.65 -29.10
CA ILE B 133 20.91 -0.27 -30.22
C ILE B 133 22.24 -0.83 -30.74
N TYR B 134 22.22 -2.13 -31.06
CA TYR B 134 23.38 -2.82 -31.59
C TYR B 134 22.96 -3.61 -32.84
N VAL B 135 23.91 -3.84 -33.75
CA VAL B 135 23.61 -4.58 -34.97
C VAL B 135 24.70 -5.60 -35.26
N LYS B 136 24.28 -6.77 -35.74
CA LYS B 136 25.22 -7.84 -36.11
C LYS B 136 24.80 -8.27 -37.50
N ILE B 137 25.57 -7.88 -38.51
CA ILE B 137 25.24 -8.22 -39.89
C ILE B 137 25.03 -9.71 -40.09
N GLU B 138 25.68 -10.52 -39.26
CA GLU B 138 25.56 -11.96 -39.34
C GLU B 138 25.86 -12.51 -37.94
N PRO B 139 25.18 -13.59 -37.53
CA PRO B 139 25.33 -14.23 -36.22
C PRO B 139 26.73 -14.45 -35.65
N HIS B 140 27.67 -14.87 -36.49
CA HIS B 140 29.04 -15.14 -36.04
C HIS B 140 29.86 -13.88 -35.78
N LEU B 141 29.50 -12.82 -36.49
CA LEU B 141 30.19 -11.53 -36.41
C LEU B 141 29.90 -10.71 -35.16
N PRO B 142 30.79 -9.79 -34.84
CA PRO B 142 30.67 -8.90 -33.67
C PRO B 142 29.60 -7.81 -33.80
N SER B 143 29.13 -7.33 -32.66
CA SER B 143 28.12 -6.29 -32.62
C SER B 143 28.68 -4.91 -32.90
N HIS B 144 27.92 -4.13 -33.67
CA HIS B 144 28.26 -2.75 -34.01
C HIS B 144 27.29 -1.88 -33.22
N ARG B 145 27.81 -1.11 -32.27
CA ARG B 145 26.96 -0.25 -31.47
C ARG B 145 26.44 0.96 -32.27
N ILE B 146 25.13 1.10 -32.35
CA ILE B 146 24.50 2.18 -33.11
C ILE B 146 24.23 3.47 -32.31
N THR B 147 23.95 3.35 -31.02
CA THR B 147 23.68 4.52 -30.19
C THR B 147 24.45 4.37 -28.87
N SER B 148 24.59 5.46 -28.13
CA SER B 148 25.30 5.42 -26.86
C SER B 148 24.75 6.44 -25.88
N THR B 149 23.68 7.10 -26.28
CA THR B 149 23.01 8.11 -25.47
C THR B 149 22.13 7.37 -24.47
N GLY B 150 21.95 6.08 -24.72
CA GLY B 150 21.11 5.23 -23.89
C GLY B 150 21.34 5.35 -22.40
N LYS B 151 20.25 5.55 -21.66
CA LYS B 151 20.31 5.69 -20.21
C LYS B 151 18.98 5.33 -19.55
N GLU B 152 19.04 4.50 -18.52
CA GLU B 152 17.84 4.07 -17.80
C GLU B 152 16.89 5.18 -17.36
N ASN B 153 15.59 4.94 -17.59
CA ASN B 153 14.55 5.89 -17.23
C ASN B 153 14.74 7.29 -17.80
N VAL B 154 15.66 7.44 -18.73
CA VAL B 154 15.92 8.75 -19.32
C VAL B 154 15.94 8.73 -20.83
N ILE B 155 16.89 8.00 -21.41
CA ILE B 155 16.97 7.93 -22.85
C ILE B 155 16.73 6.53 -23.40
N PHE B 156 15.68 6.40 -24.19
CA PHE B 156 15.36 5.10 -24.76
C PHE B 156 15.66 5.06 -26.25
N ASN B 157 16.56 4.16 -26.64
CA ASN B 157 16.91 4.01 -28.04
C ASN B 157 16.45 2.66 -28.56
N GLY B 158 15.44 2.65 -29.43
CA GLY B 158 15.00 1.37 -29.99
C GLY B 158 13.96 0.60 -29.21
N ILE B 159 13.61 1.11 -28.03
CA ILE B 159 12.57 0.49 -27.20
C ILE B 159 11.70 1.64 -26.76
N ASN B 160 10.47 1.38 -26.33
CA ASN B 160 9.56 2.44 -25.88
C ASN B 160 9.62 2.71 -24.38
N ASP B 161 9.37 3.96 -23.97
CA ASP B 161 9.33 4.31 -22.55
C ASP B 161 7.97 3.78 -22.06
N TRP B 162 7.63 3.96 -20.79
CA TRP B 162 6.39 3.38 -20.31
C TRP B 162 5.09 3.68 -21.05
N VAL B 163 4.77 4.95 -21.20
CA VAL B 163 3.54 5.36 -21.86
C VAL B 163 3.46 4.96 -23.34
N TYR B 164 4.58 5.04 -24.06
CA TYR B 164 4.54 4.67 -25.47
C TYR B 164 4.27 3.19 -25.62
N GLU B 165 4.94 2.39 -24.80
CA GLU B 165 4.77 0.94 -24.84
C GLU B 165 3.32 0.55 -24.57
N GLU B 166 2.70 1.24 -23.62
CA GLU B 166 1.33 0.96 -23.22
C GLU B 166 0.23 1.56 -24.09
N GLU B 167 0.31 2.87 -24.32
CA GLU B 167 -0.73 3.57 -25.06
C GLU B 167 -0.59 3.82 -26.56
N ILE B 168 0.63 3.84 -27.07
CA ILE B 168 0.81 4.10 -28.50
C ILE B 168 1.09 2.87 -29.34
N PHE B 169 2.22 2.22 -29.08
CA PHE B 169 2.59 1.04 -29.85
C PHE B 169 2.11 -0.29 -29.30
N GLY B 170 1.85 -0.36 -28.01
CA GLY B 170 1.41 -1.61 -27.43
C GLY B 170 2.44 -2.71 -27.64
N ALA B 171 3.72 -2.31 -27.64
CA ALA B 171 4.82 -3.24 -27.82
C ALA B 171 6.05 -2.58 -27.23
N TYR B 172 7.07 -3.37 -26.92
CA TYR B 172 8.28 -2.82 -26.34
C TYR B 172 9.20 -2.24 -27.43
N SER B 173 9.17 -2.89 -28.58
CA SER B 173 10.01 -2.52 -29.72
C SER B 173 9.76 -1.18 -30.44
N ALA B 174 10.85 -0.48 -30.70
CA ALA B 174 10.85 0.79 -31.42
C ALA B 174 11.92 0.76 -32.52
N LEU B 175 12.04 -0.39 -33.18
CA LEU B 175 12.99 -0.62 -34.27
C LEU B 175 12.18 -1.04 -35.50
N TRP B 176 12.69 -0.74 -36.68
CA TRP B 176 12.01 -1.11 -37.92
C TRP B 176 13.02 -1.33 -39.05
N TRP B 177 13.27 -2.59 -39.40
CA TRP B 177 14.20 -2.88 -40.48
C TRP B 177 13.51 -2.55 -41.80
N SER B 178 14.26 -2.03 -42.76
CA SER B 178 13.69 -1.72 -44.06
C SER B 178 13.71 -3.02 -44.86
N PRO B 179 12.92 -3.10 -45.94
CA PRO B 179 12.92 -4.34 -46.71
C PRO B 179 14.29 -4.35 -47.39
N ASN B 180 14.91 -5.54 -47.49
CA ASN B 180 16.24 -5.68 -48.09
C ASN B 180 17.32 -5.34 -47.06
N GLY B 181 16.88 -4.86 -45.90
CA GLY B 181 17.78 -4.57 -44.80
C GLY B 181 18.91 -3.56 -44.88
N THR B 182 18.82 -2.62 -45.81
CA THR B 182 19.86 -1.62 -45.91
C THR B 182 19.78 -0.70 -44.68
N PHE B 183 18.59 -0.20 -44.39
CA PHE B 183 18.42 0.69 -43.27
C PHE B 183 17.76 0.04 -42.05
N LEU B 184 17.87 0.76 -40.94
CA LEU B 184 17.29 0.37 -39.68
C LEU B 184 16.80 1.67 -39.08
N ALA B 185 15.49 1.84 -39.03
CA ALA B 185 14.91 3.04 -38.45
C ALA B 185 14.58 2.74 -37.00
N TYR B 186 14.67 3.77 -36.17
CA TYR B 186 14.37 3.60 -34.76
C TYR B 186 13.92 4.92 -34.15
N ALA B 187 13.19 4.83 -33.04
CA ALA B 187 12.73 6.03 -32.36
C ALA B 187 13.53 6.15 -31.08
N GLN B 188 13.65 7.38 -30.59
CA GLN B 188 14.37 7.68 -29.37
C GLN B 188 13.44 8.49 -28.48
N PHE B 189 13.41 8.17 -27.20
CA PHE B 189 12.55 8.90 -26.30
C PHE B 189 13.34 9.47 -25.13
N ASN B 190 13.02 10.71 -24.77
CA ASN B 190 13.66 11.43 -23.67
C ASN B 190 12.56 11.58 -22.61
N ASP B 191 12.73 10.92 -21.47
CA ASP B 191 11.77 10.98 -20.37
C ASP B 191 12.15 12.05 -19.35
N THR B 192 13.09 12.91 -19.70
CA THR B 192 13.57 13.92 -18.77
C THR B 192 12.54 14.71 -17.96
N GLY B 193 11.73 15.53 -18.60
CA GLY B 193 10.77 16.26 -17.79
C GLY B 193 9.61 15.45 -17.21
N VAL B 194 9.45 14.20 -17.63
CA VAL B 194 8.35 13.39 -17.13
C VAL B 194 8.53 13.07 -15.66
N PRO B 195 7.48 13.26 -14.85
CA PRO B 195 7.45 13.02 -13.40
C PRO B 195 7.49 11.55 -13.06
N LEU B 196 7.85 11.22 -11.83
CA LEU B 196 7.92 9.82 -11.42
C LEU B 196 6.80 9.35 -10.50
N ILE B 197 6.49 8.06 -10.56
CA ILE B 197 5.50 7.43 -9.68
C ILE B 197 6.37 6.41 -8.97
N GLU B 198 6.15 6.21 -7.67
CA GLU B 198 6.97 5.26 -6.94
C GLU B 198 6.16 4.36 -6.01
N TYR B 199 6.24 3.06 -6.24
CA TYR B 199 5.52 2.13 -5.41
C TYR B 199 6.48 1.17 -4.71
N SER B 200 6.03 0.58 -3.62
CA SER B 200 6.87 -0.36 -2.88
C SER B 200 6.76 -1.79 -3.35
N PHE B 201 7.88 -2.50 -3.27
CA PHE B 201 7.92 -3.89 -3.64
C PHE B 201 8.51 -4.63 -2.46
N TYR B 202 7.76 -5.58 -1.91
CA TYR B 202 8.21 -6.30 -0.71
C TYR B 202 9.08 -7.53 -0.93
N SER B 203 8.86 -8.21 -2.05
CA SER B 203 9.65 -9.39 -2.37
C SER B 203 9.57 -10.46 -1.29
N ASP B 204 10.44 -11.48 -1.38
CA ASP B 204 10.45 -12.55 -0.40
C ASP B 204 10.49 -12.01 1.02
N GLU B 205 9.85 -12.72 1.93
CA GLU B 205 9.81 -12.27 3.31
C GLU B 205 11.20 -12.13 3.88
N SER B 206 12.20 -12.62 3.15
CA SER B 206 13.57 -12.52 3.64
C SER B 206 14.13 -11.10 3.47
N LEU B 207 13.63 -10.35 2.50
CA LEU B 207 14.11 -8.98 2.27
C LEU B 207 13.74 -8.14 3.47
N GLN B 208 14.72 -7.63 4.18
CA GLN B 208 14.42 -6.83 5.36
C GLN B 208 13.81 -5.47 5.09
N TYR B 209 14.29 -4.76 4.07
CA TYR B 209 13.73 -3.46 3.73
C TYR B 209 13.14 -3.51 2.32
N PRO B 210 11.87 -3.14 2.19
CA PRO B 210 11.23 -3.16 0.86
C PRO B 210 11.88 -2.24 -0.17
N LYS B 211 11.84 -2.67 -1.44
CA LYS B 211 12.39 -1.89 -2.54
C LYS B 211 11.43 -0.79 -2.93
N THR B 212 11.91 0.15 -3.71
CA THR B 212 11.07 1.22 -4.22
C THR B 212 11.32 1.28 -5.72
N VAL B 213 10.26 1.10 -6.49
CA VAL B 213 10.35 1.14 -7.93
C VAL B 213 9.84 2.49 -8.39
N TRP B 214 10.65 3.20 -9.17
CA TRP B 214 10.20 4.48 -9.69
C TRP B 214 10.12 4.38 -11.21
N ILE B 215 9.10 5.02 -11.77
CA ILE B 215 8.89 4.96 -13.20
C ILE B 215 8.45 6.30 -13.75
N PRO B 216 9.15 6.79 -14.77
CA PRO B 216 8.70 8.08 -15.31
C PRO B 216 7.38 7.77 -16.03
N TYR B 217 6.31 8.29 -15.45
CA TYR B 217 4.93 8.06 -15.87
C TYR B 217 4.19 9.39 -15.93
N PRO B 218 3.73 9.79 -17.12
CA PRO B 218 3.00 11.07 -17.22
C PRO B 218 1.51 10.95 -16.97
N LYS B 219 1.03 11.56 -15.90
CA LYS B 219 -0.40 11.55 -15.59
C LYS B 219 -1.07 12.64 -16.40
N ALA B 220 -2.38 12.56 -16.57
CA ALA B 220 -3.08 13.56 -17.38
C ALA B 220 -2.60 14.99 -17.13
N GLY B 221 -2.22 15.67 -18.21
CA GLY B 221 -1.74 17.03 -18.09
C GLY B 221 -0.25 17.21 -17.83
N ALA B 222 0.41 16.17 -17.33
CA ALA B 222 1.83 16.26 -17.02
C ALA B 222 2.75 16.41 -18.24
N VAL B 223 4.02 16.73 -18.00
CA VAL B 223 4.99 16.87 -19.07
C VAL B 223 5.22 15.48 -19.66
N ASN B 224 5.12 15.37 -20.99
CA ASN B 224 5.31 14.07 -21.67
C ASN B 224 6.73 13.83 -22.13
N PRO B 225 7.00 12.59 -22.54
CA PRO B 225 8.35 12.31 -23.02
C PRO B 225 8.41 12.91 -24.42
N THR B 226 9.61 13.06 -24.97
CA THR B 226 9.74 13.61 -26.30
C THR B 226 10.29 12.56 -27.26
N VAL B 227 10.09 12.76 -28.56
CA VAL B 227 10.52 11.79 -29.55
C VAL B 227 11.47 12.30 -30.62
N LYS B 228 12.16 11.37 -31.26
CA LYS B 228 13.04 11.66 -32.36
C LYS B 228 13.13 10.40 -33.19
N PHE B 229 13.10 10.56 -34.51
CA PHE B 229 13.17 9.43 -35.42
C PHE B 229 14.49 9.42 -36.21
N PHE B 230 15.16 8.28 -36.21
CA PHE B 230 16.42 8.13 -36.93
C PHE B 230 16.37 6.92 -37.84
N ILE B 231 17.20 6.95 -38.88
CA ILE B 231 17.33 5.87 -39.83
C ILE B 231 18.82 5.78 -40.00
N VAL B 232 19.40 4.61 -39.80
CA VAL B 232 20.83 4.48 -39.93
C VAL B 232 21.16 3.50 -41.04
N ASN B 233 22.21 3.81 -41.81
CA ASN B 233 22.64 2.95 -42.91
C ASN B 233 23.43 1.75 -42.41
N THR B 234 22.75 0.62 -42.34
CA THR B 234 23.33 -0.62 -41.85
C THR B 234 24.45 -1.22 -42.69
N ASP B 235 24.56 -0.80 -43.96
CA ASP B 235 25.61 -1.34 -44.85
C ASP B 235 27.02 -0.84 -44.57
N SER B 236 27.14 0.45 -44.29
CA SER B 236 28.42 1.08 -44.02
C SER B 236 29.08 0.70 -42.69
N LEU B 237 28.41 -0.11 -41.88
CA LEU B 237 28.96 -0.50 -40.57
C LEU B 237 30.37 -1.08 -40.53
N SER B 238 30.75 -1.80 -41.58
CA SER B 238 32.07 -2.43 -41.66
C SER B 238 33.22 -1.49 -42.03
N SER B 239 32.90 -0.29 -42.46
CA SER B 239 33.93 0.66 -42.87
C SER B 239 34.12 1.82 -41.91
N THR B 240 33.43 1.80 -40.78
CA THR B 240 33.56 2.88 -39.81
C THR B 240 33.64 2.28 -38.44
N THR B 241 33.92 3.13 -37.46
CA THR B 241 33.95 2.72 -36.08
C THR B 241 32.58 3.22 -35.61
N THR B 242 32.13 4.30 -36.23
CA THR B 242 30.84 4.92 -35.90
C THR B 242 30.09 5.34 -37.14
N THR B 243 28.82 4.99 -37.24
CA THR B 243 28.05 5.45 -38.39
C THR B 243 27.19 6.57 -37.85
N ILE B 244 26.82 7.51 -38.73
CA ILE B 244 26.00 8.60 -38.27
C ILE B 244 24.59 8.46 -38.78
N PRO B 245 23.64 8.16 -37.89
CA PRO B 245 22.25 8.00 -38.29
C PRO B 245 21.64 9.32 -38.69
N MET B 246 20.83 9.30 -39.75
CA MET B 246 20.17 10.52 -40.17
C MET B 246 18.83 10.59 -39.43
N GLN B 247 18.41 11.81 -39.10
CA GLN B 247 17.17 12.00 -38.38
C GLN B 247 16.07 12.62 -39.22
N ILE B 248 14.86 12.13 -39.01
CA ILE B 248 13.71 12.66 -39.71
C ILE B 248 12.99 13.51 -38.68
N THR B 249 12.59 14.71 -39.08
CA THR B 249 11.91 15.57 -38.12
C THR B 249 10.42 15.62 -38.45
N ALA B 250 9.58 15.51 -37.43
CA ALA B 250 8.15 15.53 -37.64
C ALA B 250 7.67 16.74 -38.46
N PRO B 251 6.54 16.59 -39.13
CA PRO B 251 5.98 17.69 -39.94
C PRO B 251 5.68 18.96 -39.12
N ALA B 252 5.83 20.11 -39.78
CA ALA B 252 5.62 21.41 -39.17
C ALA B 252 4.32 21.58 -38.40
N SER B 253 3.25 21.02 -38.94
CA SER B 253 1.94 21.11 -38.32
C SER B 253 1.80 20.28 -37.04
N VAL B 254 2.91 19.78 -36.54
CA VAL B 254 2.90 18.92 -35.36
C VAL B 254 3.93 19.36 -34.28
N THR B 255 4.92 20.12 -34.74
CA THR B 255 6.03 20.63 -33.95
C THR B 255 5.79 21.82 -33.03
N THR B 256 4.71 22.56 -33.25
CA THR B 256 4.43 23.75 -32.44
C THR B 256 4.25 23.44 -30.96
N GLY B 257 3.81 22.22 -30.66
CA GLY B 257 3.60 21.80 -29.28
C GLY B 257 3.79 20.30 -29.08
N ASP B 258 3.37 19.80 -27.92
CA ASP B 258 3.52 18.39 -27.59
C ASP B 258 2.92 17.49 -28.67
N HIS B 259 3.61 16.40 -29.01
CA HIS B 259 3.11 15.48 -30.02
C HIS B 259 3.62 14.06 -29.82
N TYR B 260 3.12 13.11 -30.62
CA TYR B 260 3.57 11.74 -30.51
C TYR B 260 3.89 11.12 -31.87
N LEU B 261 4.66 10.04 -31.85
CA LEU B 261 4.99 9.31 -33.05
C LEU B 261 3.94 8.19 -33.03
N CYS B 262 3.01 8.26 -33.97
CA CYS B 262 1.90 7.33 -34.10
C CYS B 262 2.20 5.93 -34.58
N ASP B 263 2.85 5.84 -35.73
CA ASP B 263 3.14 4.57 -36.35
C ASP B 263 4.24 4.67 -37.43
N VAL B 264 4.98 3.59 -37.62
CA VAL B 264 6.05 3.52 -38.60
C VAL B 264 5.73 2.38 -39.57
N ALA B 265 5.98 2.60 -40.85
CA ALA B 265 5.69 1.58 -41.85
C ALA B 265 6.57 1.74 -43.10
N TRP B 266 7.51 0.82 -43.28
CA TRP B 266 8.38 0.87 -44.46
C TRP B 266 7.58 0.61 -45.74
N VAL B 267 7.68 1.52 -46.73
CA VAL B 267 6.95 1.30 -47.97
C VAL B 267 7.80 0.43 -48.88
N SER B 268 9.00 0.90 -49.18
CA SER B 268 9.93 0.16 -50.02
C SER B 268 11.24 0.45 -49.33
N GLU B 269 12.37 0.20 -49.96
CA GLU B 269 13.61 0.48 -49.26
C GLU B 269 14.15 1.89 -49.44
N ASP B 270 13.38 2.74 -50.11
CA ASP B 270 13.78 4.14 -50.32
C ASP B 270 12.62 5.02 -49.91
N ARG B 271 11.62 4.41 -49.29
CA ARG B 271 10.44 5.13 -48.85
C ARG B 271 9.94 4.54 -47.56
N ILE B 272 9.63 5.41 -46.62
CA ILE B 272 9.13 4.99 -45.32
C ILE B 272 7.91 5.86 -44.98
N SER B 273 6.98 5.28 -44.23
CA SER B 273 5.77 5.99 -43.82
C SER B 273 5.77 6.23 -42.33
N LEU B 274 5.50 7.47 -41.93
CA LEU B 274 5.47 7.84 -40.51
C LEU B 274 4.19 8.62 -40.18
N GLN B 275 3.56 8.26 -39.07
CA GLN B 275 2.35 8.95 -38.65
C GLN B 275 2.62 9.70 -37.35
N TRP B 276 2.19 10.95 -37.30
CA TRP B 276 2.38 11.77 -36.12
C TRP B 276 1.04 12.24 -35.59
N LEU B 277 0.97 12.44 -34.30
CA LEU B 277 -0.26 12.86 -33.65
C LEU B 277 0.01 14.03 -32.70
N ARG B 278 -0.93 14.95 -32.59
CA ARG B 278 -0.77 16.08 -31.68
C ARG B 278 -1.19 15.58 -30.30
N ARG B 279 -0.68 16.22 -29.23
CA ARG B 279 -1.05 15.79 -27.89
C ARG B 279 -2.56 15.73 -27.75
N ILE B 280 -3.23 16.68 -28.43
CA ILE B 280 -4.68 16.69 -28.48
C ILE B 280 -4.91 15.91 -29.76
N GLN B 281 -5.19 14.61 -29.62
CA GLN B 281 -5.39 13.69 -30.74
C GLN B 281 -6.55 14.00 -31.72
N ASN B 282 -6.77 15.30 -31.91
CA ASN B 282 -7.76 15.93 -32.78
C ASN B 282 -7.26 15.78 -34.22
N TYR B 283 -5.96 16.05 -34.37
CA TYR B 283 -5.23 16.10 -35.63
C TYR B 283 -4.09 15.07 -35.79
N SER B 284 -3.95 14.53 -36.99
CA SER B 284 -2.92 13.55 -37.29
C SER B 284 -2.32 13.79 -38.68
N VAL B 285 -1.02 13.52 -38.86
CA VAL B 285 -0.37 13.69 -40.16
C VAL B 285 0.46 12.46 -40.47
N MET B 286 0.31 11.94 -41.69
CA MET B 286 1.05 10.76 -42.12
C MET B 286 1.98 11.17 -43.24
N ALA B 287 3.25 11.37 -42.94
CA ALA B 287 4.20 11.77 -43.95
C ALA B 287 4.86 10.56 -44.64
N ILE B 288 5.15 10.72 -45.93
CA ILE B 288 5.79 9.67 -46.70
C ILE B 288 7.14 10.24 -47.04
N CYS B 289 8.21 9.58 -46.59
CA CYS B 289 9.54 10.09 -46.84
C CYS B 289 10.36 9.25 -47.80
N ASP B 290 11.08 9.95 -48.67
CA ASP B 290 11.90 9.35 -49.70
C ASP B 290 13.40 9.52 -49.46
N TYR B 291 14.16 8.49 -49.80
CA TYR B 291 15.59 8.56 -49.62
C TYR B 291 16.30 9.20 -50.81
N ASP B 292 17.01 10.30 -50.55
CA ASP B 292 17.77 11.03 -51.57
C ASP B 292 19.16 10.38 -51.67
N LYS B 293 19.41 9.68 -52.77
CA LYS B 293 20.70 9.02 -52.96
C LYS B 293 21.88 9.98 -53.07
N THR B 294 21.61 11.19 -53.58
CA THR B 294 22.66 12.20 -53.74
C THR B 294 23.12 12.74 -52.39
N THR B 295 22.32 13.64 -51.84
CA THR B 295 22.64 14.27 -50.57
C THR B 295 22.47 13.33 -49.37
N LEU B 296 22.34 12.02 -49.64
CA LEU B 296 22.17 10.98 -48.61
C LEU B 296 21.36 11.51 -47.42
N VAL B 297 20.12 11.86 -47.72
CA VAL B 297 19.20 12.43 -46.75
C VAL B 297 17.80 11.92 -47.05
N TRP B 298 16.92 11.92 -46.06
CA TRP B 298 15.54 11.51 -46.31
C TRP B 298 14.71 12.78 -46.41
N ASN B 299 13.80 12.81 -47.38
CA ASN B 299 12.96 13.97 -47.56
C ASN B 299 11.51 13.63 -47.34
N CYS B 300 10.81 14.50 -46.62
CA CYS B 300 9.40 14.28 -46.38
C CYS B 300 8.65 15.50 -46.88
N PRO B 301 8.53 15.65 -48.20
CA PRO B 301 7.84 16.78 -48.81
C PRO B 301 6.38 16.89 -48.38
N THR B 302 5.94 18.11 -48.06
CA THR B 302 4.57 18.32 -47.63
C THR B 302 3.56 17.96 -48.75
N THR B 303 4.08 17.65 -49.93
CA THR B 303 3.21 17.28 -51.04
C THR B 303 2.65 15.87 -50.76
N GLN B 304 3.39 15.14 -49.92
CA GLN B 304 3.02 13.77 -49.54
C GLN B 304 2.64 13.75 -48.06
N GLU B 305 2.11 14.88 -47.58
CA GLU B 305 1.75 15.01 -46.19
C GLU B 305 0.59 14.16 -45.70
N HIS B 306 -0.61 14.33 -46.25
CA HIS B 306 -1.81 13.55 -45.82
C HIS B 306 -2.28 13.81 -44.40
N ILE B 307 -3.37 14.56 -44.26
CA ILE B 307 -3.91 14.92 -42.95
C ILE B 307 -5.17 14.15 -42.55
N GLU B 308 -5.22 13.67 -41.32
CA GLU B 308 -6.39 12.96 -40.80
C GLU B 308 -6.96 13.80 -39.66
N THR B 309 -8.28 13.93 -39.59
CA THR B 309 -8.88 14.75 -38.56
C THR B 309 -10.14 14.19 -37.95
N SER B 310 -10.64 14.85 -36.91
CA SER B 310 -11.86 14.40 -36.25
C SER B 310 -12.51 15.56 -35.51
N ALA B 311 -13.75 15.87 -35.87
CA ALA B 311 -14.43 16.97 -35.20
C ALA B 311 -15.36 16.40 -34.16
N THR B 312 -15.38 15.07 -34.03
CA THR B 312 -16.26 14.40 -33.07
C THR B 312 -15.51 13.87 -31.86
N GLY B 313 -14.22 13.61 -32.05
CA GLY B 313 -13.44 13.10 -30.95
C GLY B 313 -11.96 13.01 -31.22
N TRP B 314 -11.47 11.78 -31.40
CA TRP B 314 -10.05 11.55 -31.63
C TRP B 314 -9.84 10.82 -32.95
N CYS B 315 -8.59 10.55 -33.30
CA CYS B 315 -8.30 9.86 -34.54
C CYS B 315 -8.13 8.37 -34.42
N GLY B 316 -8.86 7.65 -35.26
CA GLY B 316 -8.81 6.20 -35.25
C GLY B 316 -9.53 5.61 -34.07
N ARG B 317 -9.42 4.30 -33.90
CA ARG B 317 -10.05 3.63 -32.79
C ARG B 317 -9.25 3.90 -31.50
N PHE B 318 -7.94 3.66 -31.55
CA PHE B 318 -7.07 3.93 -30.40
C PHE B 318 -5.87 4.74 -30.87
N ARG B 319 -5.86 4.99 -32.18
CA ARG B 319 -4.81 5.74 -32.86
C ARG B 319 -5.01 5.53 -34.34
N PRO B 320 -4.53 6.46 -35.17
CA PRO B 320 -4.67 6.36 -36.62
C PRO B 320 -4.38 4.93 -37.09
N ALA B 321 -5.14 4.44 -38.06
CA ALA B 321 -4.98 3.09 -38.59
C ALA B 321 -3.72 3.01 -39.44
N GLU B 322 -3.19 1.81 -39.63
CA GLU B 322 -1.96 1.65 -40.41
C GLU B 322 -2.15 1.61 -41.93
N PRO B 323 -1.22 2.22 -42.68
CA PRO B 323 -1.29 2.21 -44.15
C PRO B 323 -0.79 0.90 -44.76
N HIS B 324 -1.34 0.55 -45.92
CA HIS B 324 -0.94 -0.66 -46.64
C HIS B 324 -0.66 -0.23 -48.07
N PHE B 325 0.61 -0.11 -48.40
CA PHE B 325 1.04 0.33 -49.72
C PHE B 325 1.04 -0.74 -50.80
N THR B 326 0.85 -0.29 -52.03
CA THR B 326 0.87 -1.20 -53.17
C THR B 326 2.32 -1.62 -53.37
N SER B 327 2.54 -2.61 -54.22
CA SER B 327 3.90 -3.10 -54.44
C SER B 327 4.90 -1.99 -54.75
N ASP B 328 4.47 -1.03 -55.57
CA ASP B 328 5.31 0.08 -55.98
C ASP B 328 5.02 1.34 -55.18
N GLY B 329 4.51 1.16 -53.96
CA GLY B 329 4.22 2.28 -53.08
C GLY B 329 3.66 3.56 -53.68
N SER B 330 2.93 3.44 -54.77
CA SER B 330 2.32 4.59 -55.44
C SER B 330 1.02 5.00 -54.76
N SER B 331 0.36 3.99 -54.19
CA SER B 331 -0.91 4.18 -53.49
C SER B 331 -0.90 3.36 -52.20
N PHE B 332 -1.88 3.60 -51.35
CA PHE B 332 -2.00 2.84 -50.12
C PHE B 332 -3.46 2.82 -49.67
N TYR B 333 -3.85 1.73 -49.03
CA TYR B 333 -5.21 1.57 -48.53
C TYR B 333 -5.14 1.72 -47.03
N LYS B 334 -6.09 2.45 -46.45
CA LYS B 334 -6.10 2.68 -45.01
C LYS B 334 -7.53 2.82 -44.48
N ILE B 335 -7.80 2.21 -43.33
CA ILE B 335 -9.12 2.29 -42.74
C ILE B 335 -9.35 3.67 -42.10
N VAL B 336 -10.40 4.35 -42.53
CA VAL B 336 -10.72 5.68 -41.98
C VAL B 336 -12.23 5.84 -41.93
N SER B 337 -12.72 6.79 -41.13
CA SER B 337 -14.16 7.02 -41.04
C SER B 337 -14.70 7.69 -42.30
N ASP B 338 -15.84 7.21 -42.80
CA ASP B 338 -16.43 7.82 -43.98
C ASP B 338 -17.35 8.94 -43.53
N LYS B 339 -17.99 9.58 -44.51
CA LYS B 339 -18.89 10.70 -44.24
C LYS B 339 -19.90 10.39 -43.14
N ASP B 340 -20.34 9.13 -43.05
CA ASP B 340 -21.33 8.72 -42.04
C ASP B 340 -20.73 8.28 -40.71
N GLY B 341 -19.41 8.36 -40.59
CA GLY B 341 -18.78 7.97 -39.35
C GLY B 341 -18.53 6.48 -39.23
N TYR B 342 -18.34 5.81 -40.36
CA TYR B 342 -18.08 4.38 -40.33
C TYR B 342 -16.69 4.05 -40.82
N LYS B 343 -15.93 3.37 -39.97
CA LYS B 343 -14.58 2.99 -40.34
C LYS B 343 -14.58 2.03 -41.55
N HIS B 344 -14.13 2.55 -42.69
CA HIS B 344 -14.04 1.77 -43.92
C HIS B 344 -12.71 1.91 -44.62
N ILE B 345 -12.51 1.12 -45.67
CA ILE B 345 -11.27 1.15 -46.42
C ILE B 345 -11.31 2.13 -47.60
N CYS B 346 -10.31 3.01 -47.70
CA CYS B 346 -10.26 3.86 -48.88
C CYS B 346 -8.84 4.06 -49.39
N GLN B 347 -8.77 4.36 -50.69
CA GLN B 347 -7.52 4.54 -51.41
C GLN B 347 -6.95 5.93 -51.35
N PHE B 348 -5.61 5.96 -51.34
CA PHE B 348 -4.85 7.20 -51.29
C PHE B 348 -3.75 7.11 -52.34
N GLN B 349 -3.29 8.27 -52.80
CA GLN B 349 -2.20 8.34 -53.75
C GLN B 349 -1.06 8.91 -52.95
N LYS B 350 0.17 8.48 -53.24
CA LYS B 350 1.33 9.00 -52.51
C LYS B 350 1.17 10.52 -52.27
N ASP B 351 0.98 11.29 -53.33
CA ASP B 351 0.78 12.73 -53.20
C ASP B 351 -0.64 13.03 -52.73
N ARG B 352 -0.78 13.89 -51.72
CA ARG B 352 -2.11 14.23 -51.23
C ARG B 352 -2.89 14.98 -52.30
N LYS B 353 -4.21 14.98 -52.18
CA LYS B 353 -5.07 15.68 -53.13
C LYS B 353 -6.04 16.55 -52.33
N PRO B 354 -6.15 17.83 -52.69
CA PRO B 354 -7.03 18.79 -52.02
C PRO B 354 -8.48 18.35 -51.74
N GLU B 355 -8.72 17.88 -50.52
CA GLU B 355 -10.04 17.44 -50.09
C GLU B 355 -10.66 16.34 -50.95
N GLN B 356 -9.85 15.34 -51.30
CA GLN B 356 -10.27 14.20 -52.11
C GLN B 356 -9.15 13.18 -52.00
N VAL B 357 -8.40 13.21 -50.89
CA VAL B 357 -7.27 12.31 -50.68
C VAL B 357 -7.72 10.84 -50.66
N CYS B 358 -9.01 10.62 -50.42
CA CYS B 358 -9.55 9.27 -50.36
C CYS B 358 -10.63 8.90 -51.36
N THR B 359 -10.82 7.60 -51.52
CA THR B 359 -11.84 7.02 -52.38
C THR B 359 -12.26 5.78 -51.63
N PHE B 360 -13.38 5.85 -50.93
CA PHE B 360 -13.81 4.69 -50.19
C PHE B 360 -14.13 3.50 -51.08
N ILE B 361 -13.58 2.36 -50.70
CA ILE B 361 -13.74 1.10 -51.41
C ILE B 361 -14.75 0.21 -50.68
N THR B 362 -15.31 0.75 -49.60
CA THR B 362 -16.29 0.06 -48.78
C THR B 362 -17.30 1.08 -48.24
N LYS B 363 -18.56 0.67 -48.19
CA LYS B 363 -19.65 1.52 -47.69
C LYS B 363 -20.50 0.61 -46.82
N GLY B 364 -21.33 1.20 -45.97
CA GLY B 364 -22.19 0.39 -45.12
C GLY B 364 -22.24 0.79 -43.67
N ALA B 365 -23.32 0.36 -43.02
CA ALA B 365 -23.52 0.63 -41.60
C ALA B 365 -22.93 -0.55 -40.86
N TRP B 366 -21.63 -0.73 -41.04
CA TRP B 366 -20.85 -1.77 -40.41
C TRP B 366 -19.44 -1.24 -40.58
N GLU B 367 -18.46 -1.92 -40.00
CA GLU B 367 -17.09 -1.43 -40.11
C GLU B 367 -16.07 -2.48 -40.50
N VAL B 368 -14.98 -2.02 -41.10
CA VAL B 368 -13.91 -2.90 -41.46
C VAL B 368 -13.03 -2.97 -40.23
N ILE B 369 -12.84 -4.17 -39.71
CA ILE B 369 -12.02 -4.33 -38.54
C ILE B 369 -10.55 -4.15 -38.86
N SER B 370 -10.07 -4.82 -39.89
CA SER B 370 -8.65 -4.74 -40.23
C SER B 370 -8.30 -5.22 -41.62
N ILE B 371 -7.25 -4.65 -42.19
CA ILE B 371 -6.78 -5.06 -43.51
C ILE B 371 -5.76 -6.19 -43.33
N GLU B 372 -6.13 -7.40 -43.72
CA GLU B 372 -5.28 -8.57 -43.56
C GLU B 372 -4.16 -8.81 -44.57
N ALA B 373 -4.37 -8.40 -45.82
CA ALA B 373 -3.33 -8.60 -46.84
C ALA B 373 -3.68 -7.81 -48.10
N LEU B 374 -2.67 -7.45 -48.87
CA LEU B 374 -2.89 -6.71 -50.10
C LEU B 374 -2.08 -7.30 -51.25
N THR B 375 -2.75 -8.07 -52.11
CA THR B 375 -2.12 -8.69 -53.26
C THR B 375 -2.12 -7.67 -54.40
N SER B 376 -1.46 -8.00 -55.50
CA SER B 376 -1.40 -7.10 -56.64
C SER B 376 -2.78 -6.91 -57.28
N ASP B 377 -3.73 -7.77 -56.89
CA ASP B 377 -5.07 -7.71 -57.44
C ASP B 377 -6.18 -7.85 -56.39
N TYR B 378 -5.80 -8.31 -55.19
CA TYR B 378 -6.76 -8.49 -54.11
C TYR B 378 -6.42 -7.80 -52.81
N LEU B 379 -7.47 -7.46 -52.06
CA LEU B 379 -7.30 -6.84 -50.75
C LEU B 379 -8.13 -7.67 -49.78
N TYR B 380 -7.48 -8.45 -48.92
CA TYR B 380 -8.17 -9.27 -47.94
C TYR B 380 -8.36 -8.47 -46.66
N TYR B 381 -9.58 -8.43 -46.16
CA TYR B 381 -9.86 -7.69 -44.93
C TYR B 381 -10.82 -8.47 -44.04
N ILE B 382 -11.06 -7.97 -42.83
CA ILE B 382 -11.99 -8.61 -41.89
C ILE B 382 -13.01 -7.59 -41.42
N SER B 383 -14.29 -7.95 -41.46
CA SER B 383 -15.34 -7.02 -41.04
C SER B 383 -16.43 -7.68 -40.20
N ASN B 384 -17.33 -6.85 -39.70
CA ASN B 384 -18.44 -7.31 -38.88
C ASN B 384 -19.71 -6.97 -39.67
N GLU B 385 -19.62 -7.12 -40.98
CA GLU B 385 -20.72 -6.83 -41.90
C GLU B 385 -21.81 -7.88 -41.91
N TYR B 386 -21.39 -9.14 -42.04
CA TYR B 386 -22.32 -10.26 -42.09
C TYR B 386 -23.43 -10.25 -41.04
N LYS B 387 -24.64 -10.61 -41.48
CA LYS B 387 -25.82 -10.67 -40.61
C LYS B 387 -25.99 -9.45 -39.71
N GLU B 388 -25.41 -8.32 -40.10
CA GLU B 388 -25.51 -7.09 -39.33
C GLU B 388 -25.08 -7.27 -37.87
N MET B 389 -24.16 -8.21 -37.63
CA MET B 389 -23.68 -8.49 -36.28
C MET B 389 -22.34 -7.81 -35.99
N PRO B 390 -22.35 -6.68 -35.27
CA PRO B 390 -21.10 -5.99 -34.95
C PRO B 390 -20.18 -6.85 -34.07
N GLY B 391 -20.77 -7.83 -33.39
CA GLY B 391 -20.00 -8.71 -32.54
C GLY B 391 -19.43 -9.92 -33.26
N GLY B 392 -19.62 -10.00 -34.57
CA GLY B 392 -19.11 -11.12 -35.33
C GLY B 392 -17.89 -10.72 -36.17
N ARG B 393 -17.12 -11.70 -36.63
CA ARG B 393 -15.92 -11.42 -37.43
C ARG B 393 -15.76 -12.34 -38.64
N ASN B 394 -15.79 -11.77 -39.85
CA ASN B 394 -15.61 -12.60 -41.03
C ASN B 394 -14.54 -12.07 -41.99
N LEU B 395 -13.93 -12.99 -42.73
CA LEU B 395 -12.89 -12.67 -43.70
C LEU B 395 -13.47 -12.37 -45.08
N TYR B 396 -13.13 -11.20 -45.62
CA TYR B 396 -13.63 -10.81 -46.92
C TYR B 396 -12.52 -10.70 -47.96
N LYS B 397 -12.89 -10.30 -49.17
CA LYS B 397 -11.94 -10.20 -50.26
C LYS B 397 -12.47 -9.30 -51.39
N ILE B 398 -11.74 -8.25 -51.73
CA ILE B 398 -12.15 -7.40 -52.83
C ILE B 398 -11.08 -7.41 -53.90
N GLN B 399 -11.52 -7.36 -55.15
CA GLN B 399 -10.60 -7.33 -56.27
C GLN B 399 -10.34 -5.86 -56.53
N LEU B 400 -9.07 -5.50 -56.57
CA LEU B 400 -8.69 -4.12 -56.77
C LEU B 400 -9.27 -3.53 -58.05
N THR B 401 -9.05 -4.21 -59.17
CA THR B 401 -9.54 -3.76 -60.48
C THR B 401 -11.06 -3.68 -60.58
N ASP B 402 -11.75 -4.43 -59.72
CA ASP B 402 -13.21 -4.46 -59.72
C ASP B 402 -13.72 -4.46 -58.28
N HIS B 403 -14.14 -3.30 -57.77
CA HIS B 403 -14.63 -3.23 -56.41
C HIS B 403 -15.98 -3.90 -56.21
N THR B 404 -16.57 -4.41 -57.28
CA THR B 404 -17.85 -5.08 -57.16
C THR B 404 -17.58 -6.53 -56.79
N ASN B 405 -16.42 -7.01 -57.22
CA ASN B 405 -16.02 -8.39 -56.95
C ASN B 405 -15.58 -8.50 -55.49
N LYS B 406 -16.56 -8.40 -54.58
CA LYS B 406 -16.33 -8.50 -53.14
C LYS B 406 -16.97 -9.78 -52.60
N LYS B 407 -16.15 -10.73 -52.15
CA LYS B 407 -16.67 -12.00 -51.67
C LYS B 407 -16.27 -12.37 -50.23
N CYS B 408 -17.26 -12.84 -49.45
CA CYS B 408 -16.99 -13.28 -48.08
C CYS B 408 -16.44 -14.70 -48.19
N LEU B 409 -15.39 -15.01 -47.45
CA LEU B 409 -14.81 -16.34 -47.54
C LEU B 409 -15.07 -17.25 -46.35
N SER B 410 -15.75 -16.74 -45.31
CA SER B 410 -16.02 -17.57 -44.12
C SER B 410 -17.49 -17.61 -43.70
N CYS B 411 -18.29 -16.70 -44.26
CA CYS B 411 -19.72 -16.63 -43.95
C CYS B 411 -20.44 -17.99 -44.10
N ASP B 412 -20.21 -18.70 -45.19
CA ASP B 412 -20.85 -19.99 -45.45
C ASP B 412 -20.32 -21.06 -44.50
N LEU B 413 -19.02 -21.35 -44.64
CA LEU B 413 -18.31 -22.35 -43.87
C LEU B 413 -18.99 -23.12 -42.73
N ASN B 414 -19.39 -22.44 -41.66
CA ASN B 414 -20.06 -23.10 -40.52
C ASN B 414 -20.90 -22.08 -39.77
N PRO B 415 -21.94 -21.54 -40.42
CA PRO B 415 -22.82 -20.54 -39.82
C PRO B 415 -23.28 -20.81 -38.39
N GLU B 416 -23.36 -22.09 -38.04
CA GLU B 416 -23.79 -22.51 -36.72
C GLU B 416 -22.66 -22.34 -35.70
N ARG B 417 -21.56 -23.03 -35.95
CA ARG B 417 -20.40 -23.03 -35.08
C ARG B 417 -19.52 -21.77 -35.15
N CYS B 418 -19.31 -21.25 -36.35
CA CYS B 418 -18.42 -20.09 -36.53
C CYS B 418 -19.01 -18.79 -37.00
N GLN B 419 -18.78 -17.74 -36.22
CA GLN B 419 -19.26 -16.40 -36.55
C GLN B 419 -18.21 -15.36 -36.19
N TYR B 420 -17.08 -15.83 -35.65
CA TYR B 420 -15.99 -14.98 -35.23
C TYR B 420 -14.70 -15.58 -35.77
N TYR B 421 -14.24 -15.08 -36.92
CA TYR B 421 -13.02 -15.60 -37.51
C TYR B 421 -11.79 -14.73 -37.32
N SER B 422 -10.64 -15.39 -37.27
CA SER B 422 -9.34 -14.75 -37.17
C SER B 422 -8.70 -15.33 -38.42
N VAL B 423 -7.77 -14.63 -39.05
CA VAL B 423 -7.16 -15.17 -40.26
C VAL B 423 -5.64 -15.19 -40.19
N SER B 424 -5.00 -15.71 -41.23
CA SER B 424 -3.55 -15.78 -41.29
C SER B 424 -3.13 -16.27 -42.66
N LEU B 425 -2.84 -15.35 -43.57
CA LEU B 425 -2.45 -15.71 -44.93
C LEU B 425 -0.95 -15.94 -45.08
N SER B 426 -0.59 -16.82 -46.02
CA SER B 426 0.82 -17.12 -46.26
C SER B 426 1.52 -15.87 -46.80
N LYS B 427 2.84 -15.91 -46.89
CA LYS B 427 3.64 -14.79 -47.35
C LYS B 427 3.08 -13.99 -48.53
N GLU B 428 2.36 -14.66 -49.42
CA GLU B 428 1.78 -13.95 -50.56
C GLU B 428 0.36 -14.36 -50.81
N ALA B 429 -0.35 -14.64 -49.73
CA ALA B 429 -1.76 -15.02 -49.78
C ALA B 429 -2.08 -16.19 -50.69
N LYS B 430 -1.13 -17.10 -50.89
CA LYS B 430 -1.43 -18.25 -51.73
C LYS B 430 -2.38 -19.15 -50.94
N TYR B 431 -2.14 -19.27 -49.64
CA TYR B 431 -2.98 -20.07 -48.76
C TYR B 431 -3.40 -19.19 -47.62
N TYR B 432 -4.32 -19.68 -46.82
CA TYR B 432 -4.75 -18.93 -45.65
C TYR B 432 -5.31 -19.91 -44.64
N GLN B 433 -5.18 -19.57 -43.37
CA GLN B 433 -5.70 -20.41 -42.32
C GLN B 433 -6.75 -19.63 -41.57
N LEU B 434 -7.89 -20.27 -41.30
CA LEU B 434 -8.97 -19.61 -40.58
C LEU B 434 -9.04 -20.05 -39.14
N GLY B 435 -9.32 -19.08 -38.28
CA GLY B 435 -9.43 -19.34 -36.86
C GLY B 435 -10.87 -19.08 -36.46
N CYS B 436 -11.62 -20.15 -36.31
CA CYS B 436 -13.00 -20.05 -35.90
C CYS B 436 -12.95 -19.91 -34.38
N ARG B 437 -13.26 -18.70 -33.90
CA ARG B 437 -13.29 -18.44 -32.47
C ARG B 437 -14.76 -18.45 -32.17
N GLY B 438 -15.53 -18.49 -33.28
CA GLY B 438 -16.98 -18.49 -33.31
C GLY B 438 -17.72 -19.09 -32.16
N PRO B 439 -19.06 -18.96 -32.17
CA PRO B 439 -19.99 -19.46 -31.14
C PRO B 439 -19.60 -20.82 -30.55
N GLY B 440 -19.47 -21.83 -31.41
CA GLY B 440 -19.12 -23.17 -30.95
C GLY B 440 -17.66 -23.34 -30.63
N LEU B 441 -17.22 -24.56 -30.32
CA LEU B 441 -15.81 -24.79 -29.99
C LEU B 441 -14.93 -24.32 -31.15
N PRO B 442 -13.84 -23.59 -30.85
CA PRO B 442 -12.93 -23.09 -31.89
C PRO B 442 -12.48 -24.15 -32.90
N LEU B 443 -12.49 -23.76 -34.17
CA LEU B 443 -12.13 -24.65 -35.28
C LEU B 443 -11.09 -24.04 -36.24
N TYR B 444 -9.98 -24.75 -36.43
CA TYR B 444 -8.93 -24.26 -37.29
C TYR B 444 -8.78 -25.07 -38.58
N THR B 445 -8.85 -24.36 -39.70
CA THR B 445 -8.75 -24.98 -41.01
C THR B 445 -7.93 -24.10 -41.92
N LEU B 446 -7.29 -24.69 -42.93
CA LEU B 446 -6.52 -23.91 -43.88
C LEU B 446 -7.07 -24.19 -45.28
N HIS B 447 -7.07 -23.15 -46.12
CA HIS B 447 -7.61 -23.26 -47.48
C HIS B 447 -6.64 -22.72 -48.54
N ARG B 448 -6.78 -23.18 -49.79
CA ARG B 448 -5.93 -22.66 -50.86
C ARG B 448 -6.69 -21.42 -51.34
N SER B 449 -6.00 -20.29 -51.30
CA SER B 449 -6.60 -19.02 -51.66
C SER B 449 -7.35 -18.95 -53.00
N THR B 450 -6.83 -19.63 -54.02
CA THR B 450 -7.44 -19.62 -55.37
C THR B 450 -8.96 -19.82 -55.40
N ASP B 451 -9.35 -21.03 -55.05
CA ASP B 451 -10.75 -21.44 -55.04
C ASP B 451 -11.37 -21.55 -53.65
N GLN B 452 -10.55 -21.38 -52.60
CA GLN B 452 -11.01 -21.48 -51.22
C GLN B 452 -11.19 -22.93 -50.76
N LYS B 453 -10.72 -23.87 -51.57
CA LYS B 453 -10.83 -25.27 -51.22
C LYS B 453 -10.23 -25.51 -49.84
N GLU B 454 -11.02 -26.06 -48.92
CA GLU B 454 -10.51 -26.34 -47.60
C GLU B 454 -9.58 -27.55 -47.69
N LEU B 455 -8.28 -27.29 -47.81
CA LEU B 455 -7.31 -28.38 -47.91
C LEU B 455 -7.46 -29.38 -46.77
N ARG B 456 -7.62 -28.89 -45.54
CA ARG B 456 -7.80 -29.80 -44.40
C ARG B 456 -8.12 -29.08 -43.12
N VAL B 457 -8.48 -29.87 -42.11
CA VAL B 457 -8.81 -29.35 -40.81
C VAL B 457 -7.60 -29.53 -39.92
N LEU B 458 -7.08 -28.40 -39.44
CA LEU B 458 -5.90 -28.35 -38.59
C LEU B 458 -6.19 -28.65 -37.13
N GLU B 459 -7.38 -28.24 -36.69
CA GLU B 459 -7.77 -28.47 -35.31
C GLU B 459 -9.24 -28.17 -35.06
N ASP B 460 -9.95 -29.17 -34.56
CA ASP B 460 -11.37 -29.09 -34.21
C ASP B 460 -11.29 -29.62 -32.79
N ASN B 461 -11.87 -28.92 -31.83
CA ASN B 461 -11.74 -29.42 -30.47
C ASN B 461 -12.59 -30.62 -30.10
N SER B 462 -12.40 -31.70 -30.86
CA SER B 462 -13.11 -32.95 -30.63
C SER B 462 -12.74 -33.45 -29.23
N ALA B 463 -11.46 -33.35 -28.91
CA ALA B 463 -10.97 -33.76 -27.60
C ALA B 463 -11.78 -33.05 -26.51
N LEU B 464 -11.77 -31.72 -26.59
CA LEU B 464 -12.52 -30.92 -25.63
C LEU B 464 -13.99 -31.30 -25.66
N ASP B 465 -14.53 -31.41 -26.88
CA ASP B 465 -15.94 -31.75 -27.07
C ASP B 465 -16.33 -33.01 -26.30
N LYS B 466 -15.53 -34.07 -26.44
CA LYS B 466 -15.77 -35.34 -25.75
C LYS B 466 -15.93 -35.13 -24.25
N MET B 467 -15.06 -34.28 -23.70
CA MET B 467 -15.08 -33.99 -22.26
C MET B 467 -16.27 -33.15 -21.83
N LEU B 468 -16.57 -32.10 -22.58
CA LEU B 468 -17.68 -31.23 -22.24
C LEU B 468 -19.02 -31.94 -22.37
N GLN B 469 -18.96 -33.21 -22.77
CA GLN B 469 -20.16 -34.03 -22.92
C GLN B 469 -20.73 -34.40 -21.55
N ASP B 470 -19.84 -34.75 -20.63
CA ASP B 470 -20.21 -35.14 -19.29
C ASP B 470 -20.34 -33.93 -18.36
N VAL B 471 -20.46 -32.74 -18.93
CA VAL B 471 -20.58 -31.53 -18.13
C VAL B 471 -21.75 -30.65 -18.55
N GLN B 472 -22.41 -30.03 -17.57
CA GLN B 472 -23.55 -29.16 -17.83
C GLN B 472 -23.16 -27.74 -18.17
N MET B 473 -22.75 -27.52 -19.42
CA MET B 473 -22.32 -26.19 -19.89
C MET B 473 -23.46 -25.18 -20.02
N PRO B 474 -23.16 -23.91 -19.71
CA PRO B 474 -24.21 -22.88 -19.83
C PRO B 474 -24.27 -22.49 -21.30
N SER B 475 -25.24 -21.68 -21.69
CA SER B 475 -25.35 -21.26 -23.07
C SER B 475 -25.03 -19.76 -23.18
N LYS B 476 -25.01 -19.23 -24.39
CA LYS B 476 -24.69 -17.81 -24.56
C LYS B 476 -25.59 -17.12 -25.57
N LYS B 477 -26.51 -16.29 -25.09
CA LYS B 477 -27.37 -15.57 -26.01
C LYS B 477 -26.62 -14.30 -26.40
N LEU B 478 -26.68 -13.95 -27.68
CA LEU B 478 -26.05 -12.75 -28.18
C LEU B 478 -27.11 -12.05 -29.01
N ASP B 479 -27.74 -11.05 -28.41
CA ASP B 479 -28.79 -10.35 -29.13
C ASP B 479 -28.61 -8.87 -28.89
N PHE B 480 -29.64 -8.11 -29.23
CA PHE B 480 -29.60 -6.67 -29.05
C PHE B 480 -30.94 -6.16 -28.50
N ILE B 481 -30.86 -5.01 -27.85
CA ILE B 481 -32.02 -4.35 -27.28
C ILE B 481 -32.00 -3.02 -28.04
N VAL B 482 -33.11 -2.30 -28.08
CA VAL B 482 -33.10 -1.02 -28.79
C VAL B 482 -33.50 0.13 -27.87
N LEU B 483 -32.62 1.12 -27.79
CA LEU B 483 -32.84 2.31 -26.96
C LEU B 483 -32.77 3.53 -27.87
N ASN B 484 -33.55 4.56 -27.55
CA ASN B 484 -33.58 5.79 -28.35
C ASN B 484 -33.48 5.50 -29.85
N GLU B 485 -34.16 4.44 -30.31
CA GLU B 485 -34.16 4.06 -31.73
C GLU B 485 -32.83 3.55 -32.29
N THR B 486 -31.98 2.97 -31.44
CA THR B 486 -30.69 2.45 -31.88
C THR B 486 -30.43 1.06 -31.34
N ARG B 487 -29.80 0.23 -32.15
CA ARG B 487 -29.50 -1.13 -31.71
C ARG B 487 -28.32 -1.07 -30.75
N PHE B 488 -28.42 -1.82 -29.65
CA PHE B 488 -27.34 -1.90 -28.67
C PHE B 488 -27.21 -3.35 -28.25
N TRP B 489 -26.21 -4.04 -28.76
CA TRP B 489 -26.02 -5.44 -28.45
C TRP B 489 -25.58 -5.80 -27.03
N TYR B 490 -25.87 -7.03 -26.65
CA TYR B 490 -25.54 -7.55 -25.33
C TYR B 490 -25.42 -9.05 -25.46
N GLN B 491 -24.90 -9.67 -24.41
CA GLN B 491 -24.79 -11.12 -24.41
C GLN B 491 -25.13 -11.62 -23.02
N MET B 492 -25.47 -12.90 -22.92
CA MET B 492 -25.82 -13.49 -21.63
C MET B 492 -25.30 -14.91 -21.54
N ILE B 493 -24.77 -15.25 -20.37
CA ILE B 493 -24.30 -16.60 -20.16
C ILE B 493 -25.39 -17.18 -19.29
N LEU B 494 -26.27 -17.97 -19.91
CA LEU B 494 -27.39 -18.58 -19.23
C LEU B 494 -27.00 -19.92 -18.65
N PRO B 495 -27.34 -20.16 -17.37
CA PRO B 495 -27.00 -21.43 -16.72
C PRO B 495 -27.69 -22.59 -17.43
N PRO B 496 -27.08 -23.77 -17.42
CA PRO B 496 -27.60 -24.97 -18.06
C PRO B 496 -29.07 -25.00 -18.46
N HIS B 497 -29.86 -25.83 -17.79
CA HIS B 497 -31.28 -25.98 -18.11
C HIS B 497 -32.10 -24.71 -17.86
N PHE B 498 -31.57 -23.58 -18.32
CA PHE B 498 -32.18 -22.28 -18.14
C PHE B 498 -33.65 -22.21 -18.48
N ASP B 499 -34.49 -22.04 -17.45
CA ASP B 499 -35.92 -21.93 -17.65
C ASP B 499 -36.41 -20.48 -17.61
N LYS B 500 -36.73 -19.98 -18.79
CA LYS B 500 -37.20 -18.61 -18.98
C LYS B 500 -38.34 -18.17 -18.03
N SER B 501 -38.94 -19.12 -17.32
CA SER B 501 -40.03 -18.77 -16.42
C SER B 501 -39.53 -18.50 -15.01
N LYS B 502 -38.51 -19.24 -14.57
CA LYS B 502 -37.95 -19.06 -13.24
C LYS B 502 -37.22 -17.72 -13.17
N LYS B 503 -36.71 -17.36 -11.99
CA LYS B 503 -35.99 -16.10 -11.84
C LYS B 503 -34.60 -16.32 -11.28
N TYR B 504 -33.58 -15.91 -12.05
CA TYR B 504 -32.20 -16.07 -11.64
C TYR B 504 -31.56 -14.74 -11.21
N PRO B 505 -30.45 -14.82 -10.45
CA PRO B 505 -29.73 -13.62 -10.00
C PRO B 505 -28.88 -13.17 -11.19
N LEU B 506 -28.70 -11.87 -11.34
CA LEU B 506 -27.96 -11.31 -12.47
C LEU B 506 -26.62 -10.67 -12.11
N LEU B 507 -25.60 -10.98 -12.91
CA LEU B 507 -24.27 -10.41 -12.73
C LEU B 507 -23.87 -9.66 -14.01
N ILE B 508 -23.73 -8.35 -13.92
CA ILE B 508 -23.32 -7.58 -15.08
C ILE B 508 -21.80 -7.61 -15.16
N ASP B 509 -21.27 -7.97 -16.33
CA ASP B 509 -19.83 -8.00 -16.54
C ASP B 509 -19.56 -6.70 -17.29
N VAL B 510 -18.67 -5.85 -16.75
CA VAL B 510 -18.39 -4.57 -17.39
C VAL B 510 -16.94 -4.27 -17.77
N TYR B 511 -16.85 -3.38 -18.75
CA TYR B 511 -15.60 -2.82 -19.23
C TYR B 511 -16.09 -1.46 -19.69
N ALA B 512 -16.79 -1.44 -20.82
CA ALA B 512 -17.38 -0.21 -21.34
C ALA B 512 -16.46 0.98 -21.59
N GLY B 513 -15.17 0.73 -21.85
CA GLY B 513 -14.29 1.84 -22.12
C GLY B 513 -14.48 2.23 -23.57
N PRO B 514 -13.99 3.42 -23.99
CA PRO B 514 -14.19 3.80 -25.39
C PRO B 514 -13.72 2.72 -26.37
N CYS B 515 -14.56 2.48 -27.38
CA CYS B 515 -14.28 1.48 -28.42
C CYS B 515 -14.11 0.05 -27.91
N SER B 516 -14.81 -0.29 -26.83
CA SER B 516 -14.70 -1.63 -26.29
C SER B 516 -15.82 -2.48 -26.85
N GLN B 517 -15.76 -3.79 -26.62
CA GLN B 517 -16.81 -4.69 -27.08
C GLN B 517 -16.87 -5.96 -26.24
N LYS B 518 -17.81 -5.98 -25.30
CA LYS B 518 -18.00 -7.10 -24.41
C LYS B 518 -18.99 -8.13 -24.91
N ALA B 519 -19.79 -7.73 -25.89
CA ALA B 519 -20.78 -8.62 -26.48
C ALA B 519 -20.34 -9.04 -27.87
N ASP B 520 -19.92 -10.30 -27.99
CA ASP B 520 -19.48 -10.81 -29.27
C ASP B 520 -19.82 -12.28 -29.37
N ALA B 521 -19.47 -12.89 -30.49
CA ALA B 521 -19.74 -14.29 -30.76
C ALA B 521 -18.57 -15.23 -30.55
N ALA B 522 -17.66 -14.89 -29.64
CA ALA B 522 -16.50 -15.75 -29.39
C ALA B 522 -16.70 -16.73 -28.24
N PHE B 523 -16.22 -17.96 -28.44
CA PHE B 523 -16.33 -19.01 -27.43
C PHE B 523 -15.29 -18.85 -26.33
N ARG B 524 -15.74 -18.96 -25.08
CA ARG B 524 -14.85 -18.82 -23.94
C ARG B 524 -15.22 -19.71 -22.77
N LEU B 525 -14.21 -20.05 -21.96
CA LEU B 525 -14.40 -20.85 -20.76
C LEU B 525 -13.77 -20.08 -19.61
N ASN B 526 -14.49 -19.11 -19.06
CA ASN B 526 -13.97 -18.31 -17.97
C ASN B 526 -14.72 -18.46 -16.65
N TRP B 527 -14.55 -17.47 -15.78
CA TRP B 527 -15.20 -17.48 -14.48
C TRP B 527 -16.73 -17.33 -14.69
N ALA B 528 -17.13 -16.67 -15.78
CA ALA B 528 -18.56 -16.51 -16.05
C ALA B 528 -19.17 -17.88 -16.33
N THR B 529 -18.38 -18.78 -16.91
CA THR B 529 -18.87 -20.11 -17.21
C THR B 529 -19.19 -20.80 -15.90
N TYR B 530 -18.25 -20.74 -14.96
CA TYR B 530 -18.46 -21.34 -13.64
C TYR B 530 -19.70 -20.75 -12.97
N LEU B 531 -19.80 -19.43 -13.00
CA LEU B 531 -20.92 -18.75 -12.36
C LEU B 531 -22.28 -19.21 -12.83
N ALA B 532 -22.43 -19.48 -14.12
CA ALA B 532 -23.72 -19.93 -14.66
C ALA B 532 -23.90 -21.43 -14.47
N SER B 533 -22.91 -22.21 -14.87
CA SER B 533 -22.97 -23.66 -14.76
C SER B 533 -23.09 -24.24 -13.35
N THR B 534 -22.61 -23.51 -12.35
CA THR B 534 -22.66 -24.04 -10.98
C THR B 534 -23.38 -23.18 -9.95
N GLU B 535 -23.39 -21.86 -10.15
CA GLU B 535 -24.07 -21.00 -9.18
C GLU B 535 -25.43 -20.58 -9.71
N ASN B 536 -25.72 -20.96 -10.95
CA ASN B 536 -26.99 -20.63 -11.59
C ASN B 536 -27.15 -19.13 -11.69
N ILE B 537 -26.05 -18.45 -11.97
CA ILE B 537 -26.10 -17.00 -12.09
C ILE B 537 -25.99 -16.62 -13.55
N ILE B 538 -26.83 -15.69 -13.98
CA ILE B 538 -26.79 -15.21 -15.35
C ILE B 538 -25.80 -14.04 -15.40
N VAL B 539 -24.72 -14.24 -16.16
CA VAL B 539 -23.68 -13.22 -16.34
C VAL B 539 -23.92 -12.53 -17.69
N ALA B 540 -24.21 -11.24 -17.68
CA ALA B 540 -24.45 -10.56 -18.95
C ALA B 540 -23.61 -9.30 -19.15
N SER B 541 -23.25 -9.03 -20.40
CA SER B 541 -22.45 -7.84 -20.74
C SER B 541 -23.26 -7.00 -21.72
N PHE B 542 -23.03 -5.69 -21.72
CA PHE B 542 -23.78 -4.80 -22.62
C PHE B 542 -22.90 -3.72 -23.20
N ASP B 543 -22.80 -3.65 -24.53
CA ASP B 543 -21.99 -2.64 -25.21
C ASP B 543 -22.88 -1.44 -25.48
N GLY B 544 -22.78 -0.42 -24.63
CA GLY B 544 -23.59 0.77 -24.80
C GLY B 544 -22.86 1.88 -25.54
N ARG B 545 -23.23 3.12 -25.23
CA ARG B 545 -22.59 4.25 -25.90
C ARG B 545 -21.10 4.37 -25.63
N GLY B 546 -20.38 4.88 -26.62
CA GLY B 546 -18.94 5.05 -26.53
C GLY B 546 -18.29 3.70 -26.77
N SER B 547 -19.03 2.75 -27.29
CA SER B 547 -18.48 1.42 -27.51
C SER B 547 -18.09 0.98 -28.91
N GLY B 548 -17.88 -0.33 -28.99
CA GLY B 548 -17.50 -1.05 -30.19
C GLY B 548 -17.19 -0.45 -31.53
N TYR B 549 -17.52 -1.25 -32.55
CA TYR B 549 -17.27 -0.95 -33.95
C TYR B 549 -18.61 -0.74 -34.64
N GLN B 550 -19.29 0.34 -34.26
CA GLN B 550 -20.59 0.64 -34.81
C GLN B 550 -20.65 2.10 -35.24
N GLY B 551 -19.53 2.61 -35.73
CA GLY B 551 -19.51 3.98 -36.18
C GLY B 551 -19.13 4.97 -35.08
N ASP B 552 -18.65 6.13 -35.49
CA ASP B 552 -18.24 7.15 -34.54
C ASP B 552 -19.41 7.77 -33.81
N LYS B 553 -20.60 7.71 -34.38
CA LYS B 553 -21.73 8.31 -33.67
C LYS B 553 -21.80 7.70 -32.29
N ILE B 554 -21.79 6.36 -32.26
CA ILE B 554 -21.86 5.62 -31.01
C ILE B 554 -20.57 5.71 -30.18
N MET B 555 -19.41 5.52 -30.81
CA MET B 555 -18.15 5.58 -30.10
C MET B 555 -17.78 6.96 -29.54
N HIS B 556 -17.82 7.99 -30.38
CA HIS B 556 -17.47 9.34 -29.95
C HIS B 556 -18.51 9.95 -29.03
N ALA B 557 -19.64 9.25 -28.85
CA ALA B 557 -20.72 9.74 -28.00
C ALA B 557 -20.24 10.13 -26.61
N ILE B 558 -19.12 9.54 -26.22
CA ILE B 558 -18.57 9.76 -24.91
C ILE B 558 -17.43 10.78 -24.82
N ASN B 559 -17.05 11.31 -25.97
CA ASN B 559 -15.97 12.28 -26.06
C ASN B 559 -16.02 13.36 -24.99
N LYS B 560 -14.84 13.73 -24.49
CA LYS B 560 -14.71 14.76 -23.47
C LYS B 560 -15.51 14.53 -22.19
N ARG B 561 -16.13 13.36 -22.04
CA ARG B 561 -16.89 13.14 -20.82
C ARG B 561 -17.13 11.67 -20.45
N LEU B 562 -16.06 11.02 -19.99
CA LEU B 562 -16.12 9.63 -19.58
C LEU B 562 -16.85 9.62 -18.23
N GLY B 563 -17.30 8.44 -17.80
CA GLY B 563 -18.01 8.33 -16.54
C GLY B 563 -19.38 8.94 -16.66
N THR B 564 -19.94 8.87 -17.86
CA THR B 564 -21.25 9.44 -18.16
C THR B 564 -22.17 8.40 -18.78
N LEU B 565 -22.40 8.56 -20.08
CA LEU B 565 -23.26 7.69 -20.86
C LEU B 565 -22.92 6.21 -20.75
N GLU B 566 -21.64 5.84 -20.84
CA GLU B 566 -21.29 4.43 -20.73
C GLU B 566 -21.71 3.86 -19.38
N VAL B 567 -21.78 4.72 -18.36
CA VAL B 567 -22.21 4.26 -17.04
C VAL B 567 -23.73 4.11 -17.03
N GLU B 568 -24.43 5.20 -17.37
CA GLU B 568 -25.89 5.19 -17.41
C GLU B 568 -26.43 4.02 -18.23
N ASP B 569 -26.00 3.94 -19.49
CA ASP B 569 -26.43 2.88 -20.39
C ASP B 569 -26.24 1.50 -19.78
N GLN B 570 -25.28 1.35 -18.88
CA GLN B 570 -25.07 0.05 -18.25
C GLN B 570 -26.23 -0.21 -17.29
N ILE B 571 -26.69 0.84 -16.63
CA ILE B 571 -27.80 0.76 -15.70
C ILE B 571 -29.08 0.52 -16.49
N GLU B 572 -29.26 1.30 -17.57
CA GLU B 572 -30.43 1.17 -18.44
C GLU B 572 -30.58 -0.27 -18.90
N ALA B 573 -29.48 -0.83 -19.40
CA ALA B 573 -29.50 -2.20 -19.89
C ALA B 573 -29.93 -3.20 -18.81
N ALA B 574 -29.56 -2.93 -17.57
CA ALA B 574 -29.93 -3.83 -16.48
C ALA B 574 -31.44 -3.77 -16.29
N ARG B 575 -32.00 -2.56 -16.40
CA ARG B 575 -33.44 -2.39 -16.26
C ARG B 575 -34.12 -3.24 -17.31
N GLN B 576 -33.67 -3.08 -18.56
CA GLN B 576 -34.20 -3.82 -19.70
C GLN B 576 -34.10 -5.33 -19.50
N PHE B 577 -33.04 -5.78 -18.85
CA PHE B 577 -32.86 -7.21 -18.59
C PHE B 577 -33.90 -7.65 -17.58
N LEU B 578 -34.17 -6.79 -16.60
CA LEU B 578 -35.16 -7.10 -15.57
C LEU B 578 -36.53 -7.23 -16.22
N LYS B 579 -36.83 -6.32 -17.14
CA LYS B 579 -38.10 -6.33 -17.84
C LYS B 579 -38.22 -7.62 -18.64
N MET B 580 -37.09 -8.27 -18.92
CA MET B 580 -37.15 -9.51 -19.67
C MET B 580 -37.70 -10.64 -18.80
N GLY B 581 -38.16 -10.28 -17.60
CA GLY B 581 -38.77 -11.26 -16.70
C GLY B 581 -38.00 -12.24 -15.83
N PHE B 582 -37.08 -13.02 -16.40
CA PHE B 582 -36.32 -14.04 -15.66
C PHE B 582 -35.17 -13.61 -14.76
N VAL B 583 -35.17 -12.35 -14.33
CA VAL B 583 -34.11 -11.86 -13.46
C VAL B 583 -34.72 -11.53 -12.12
N ASP B 584 -34.12 -12.09 -11.06
CA ASP B 584 -34.56 -11.86 -9.69
C ASP B 584 -34.08 -10.48 -9.27
N SER B 585 -34.85 -9.44 -9.55
CA SER B 585 -34.46 -8.08 -9.23
C SER B 585 -33.86 -7.88 -7.83
N LYS B 586 -34.19 -8.75 -6.88
CA LYS B 586 -33.65 -8.60 -5.53
C LYS B 586 -32.21 -9.13 -5.36
N ARG B 587 -31.62 -9.55 -6.46
CA ARG B 587 -30.24 -10.04 -6.44
C ARG B 587 -29.51 -9.80 -7.77
N VAL B 588 -29.16 -8.53 -7.99
CA VAL B 588 -28.46 -8.07 -9.18
C VAL B 588 -27.11 -7.44 -8.76
N ALA B 589 -26.03 -7.90 -9.39
CA ALA B 589 -24.68 -7.39 -9.09
C ALA B 589 -23.96 -6.92 -10.34
N ILE B 590 -22.81 -6.27 -10.15
CA ILE B 590 -22.00 -5.77 -11.26
C ILE B 590 -20.52 -5.75 -10.88
N TRP B 591 -19.66 -6.22 -11.77
CA TRP B 591 -18.22 -6.21 -11.50
C TRP B 591 -17.39 -5.83 -12.73
N GLY B 592 -16.12 -5.49 -12.50
CA GLY B 592 -15.25 -5.09 -13.58
C GLY B 592 -13.81 -4.89 -13.17
N TRP B 593 -12.92 -4.92 -14.16
CA TRP B 593 -11.48 -4.76 -13.98
C TRP B 593 -11.03 -3.48 -14.69
N SER B 594 -9.95 -2.85 -14.25
CA SER B 594 -9.43 -1.59 -14.86
C SER B 594 -10.59 -0.62 -15.16
N TYR B 595 -10.82 -0.31 -16.43
CA TYR B 595 -11.91 0.59 -16.81
C TYR B 595 -13.22 0.04 -16.26
N GLY B 596 -13.33 -1.28 -16.31
CA GLY B 596 -14.52 -1.96 -15.84
C GLY B 596 -14.78 -1.74 -14.36
N GLY B 597 -13.72 -1.66 -13.57
CA GLY B 597 -13.86 -1.44 -12.15
C GLY B 597 -14.32 -0.01 -11.92
N TYR B 598 -13.91 0.88 -12.81
CA TYR B 598 -14.29 2.28 -12.72
C TYR B 598 -15.80 2.35 -12.86
N VAL B 599 -16.31 1.79 -13.95
CA VAL B 599 -17.75 1.82 -14.20
C VAL B 599 -18.52 1.10 -13.10
N THR B 600 -18.02 -0.05 -12.66
CA THR B 600 -18.71 -0.76 -11.58
C THR B 600 -18.91 0.25 -10.46
N SER B 601 -17.80 0.86 -10.02
CA SER B 601 -17.82 1.85 -8.95
C SER B 601 -18.71 3.05 -9.26
N MET B 602 -18.67 3.53 -10.49
CA MET B 602 -19.50 4.67 -10.87
C MET B 602 -21.00 4.31 -10.84
N VAL B 603 -21.29 3.04 -11.09
CA VAL B 603 -22.65 2.54 -11.10
C VAL B 603 -23.10 2.33 -9.65
N LEU B 604 -22.30 1.62 -8.88
CA LEU B 604 -22.65 1.40 -7.49
C LEU B 604 -22.86 2.73 -6.78
N GLY B 605 -22.06 3.73 -7.13
CA GLY B 605 -22.19 5.03 -6.49
C GLY B 605 -23.21 5.95 -7.13
N SER B 606 -24.01 5.42 -8.04
CA SER B 606 -25.04 6.21 -8.72
C SER B 606 -26.33 6.30 -7.90
N GLY B 607 -26.44 5.46 -6.88
CA GLY B 607 -27.63 5.45 -6.06
C GLY B 607 -28.88 5.12 -6.86
N SER B 608 -28.72 4.44 -7.98
CA SER B 608 -29.84 4.05 -8.85
C SER B 608 -30.71 2.99 -8.21
N GLY B 609 -30.23 2.42 -7.11
CA GLY B 609 -30.98 1.39 -6.44
C GLY B 609 -31.08 0.05 -7.17
N VAL B 610 -30.68 0.03 -8.44
CA VAL B 610 -30.74 -1.19 -9.25
C VAL B 610 -29.79 -2.32 -8.88
N PHE B 611 -28.68 -2.02 -8.22
CA PHE B 611 -27.72 -3.07 -7.84
C PHE B 611 -27.51 -3.27 -6.33
N LYS B 612 -27.35 -4.53 -5.96
CA LYS B 612 -27.17 -4.92 -4.57
C LYS B 612 -25.71 -4.81 -4.16
N CYS B 613 -24.84 -5.45 -4.92
CA CYS B 613 -23.42 -5.43 -4.64
C CYS B 613 -22.61 -5.27 -5.92
N GLY B 614 -21.31 -5.12 -5.76
CA GLY B 614 -20.45 -4.96 -6.91
C GLY B 614 -19.00 -5.15 -6.51
N ILE B 615 -18.17 -5.52 -7.49
CA ILE B 615 -16.75 -5.71 -7.25
C ILE B 615 -15.97 -4.94 -8.31
N ALA B 616 -15.01 -4.15 -7.86
CA ALA B 616 -14.14 -3.35 -8.74
C ALA B 616 -12.69 -3.77 -8.50
N VAL B 617 -12.03 -4.28 -9.54
CA VAL B 617 -10.63 -4.69 -9.42
C VAL B 617 -9.74 -3.66 -10.14
N ALA B 618 -8.75 -3.12 -9.43
CA ALA B 618 -7.83 -2.11 -9.96
C ALA B 618 -8.59 -1.09 -10.78
N PRO B 619 -9.55 -0.41 -10.15
CA PRO B 619 -10.36 0.59 -10.85
C PRO B 619 -9.66 1.92 -10.97
N VAL B 620 -10.19 2.78 -11.82
CA VAL B 620 -9.66 4.11 -11.99
C VAL B 620 -10.63 4.91 -11.13
N SER B 621 -10.14 5.87 -10.33
CA SER B 621 -11.05 6.63 -9.49
C SER B 621 -11.25 8.06 -9.96
N ARG B 622 -10.27 8.61 -10.65
CA ARG B 622 -10.39 9.95 -11.24
C ARG B 622 -9.34 10.05 -12.31
N TRP B 623 -9.72 10.59 -13.46
CA TRP B 623 -8.80 10.65 -14.59
C TRP B 623 -7.47 11.38 -14.45
N GLU B 624 -7.33 12.28 -13.48
CA GLU B 624 -6.03 12.94 -13.33
C GLU B 624 -4.98 11.92 -12.87
N TYR B 625 -5.42 10.81 -12.28
CA TYR B 625 -4.48 9.80 -11.84
C TYR B 625 -3.96 8.93 -12.97
N TYR B 626 -4.74 8.80 -14.03
CA TYR B 626 -4.30 7.96 -15.14
C TYR B 626 -3.35 8.67 -16.07
N ASP B 627 -2.66 7.90 -16.91
CA ASP B 627 -1.66 8.46 -17.82
C ASP B 627 -2.20 9.43 -18.88
N SER B 628 -1.28 10.22 -19.45
CA SER B 628 -1.64 11.22 -20.44
C SER B 628 -2.18 10.72 -21.79
N VAL B 629 -1.38 9.93 -22.51
CA VAL B 629 -1.79 9.44 -23.81
C VAL B 629 -3.19 8.83 -23.84
N TYR B 630 -3.54 8.04 -22.84
CA TYR B 630 -4.86 7.45 -22.81
C TYR B 630 -5.94 8.47 -22.41
N THR B 631 -5.85 8.98 -21.20
CA THR B 631 -6.84 9.93 -20.71
C THR B 631 -7.16 11.09 -21.66
N GLU B 632 -6.12 11.85 -22.00
CA GLU B 632 -6.29 13.01 -22.88
C GLU B 632 -6.94 12.72 -24.23
N ARG B 633 -6.77 11.49 -24.73
CA ARG B 633 -7.37 11.14 -26.02
C ARG B 633 -8.89 11.28 -25.94
N TYR B 634 -9.45 11.02 -24.77
CA TYR B 634 -10.90 11.11 -24.60
C TYR B 634 -11.32 12.28 -23.73
N MET B 635 -10.41 12.75 -22.88
CA MET B 635 -10.75 13.83 -21.95
C MET B 635 -10.12 15.19 -22.16
N GLY B 636 -9.15 15.29 -23.08
CA GLY B 636 -8.49 16.56 -23.31
C GLY B 636 -7.55 16.84 -22.17
N LEU B 637 -7.23 18.11 -21.93
CA LEU B 637 -6.34 18.47 -20.84
C LEU B 637 -7.13 18.89 -19.60
N PRO B 638 -6.70 18.43 -18.43
CA PRO B 638 -7.34 18.75 -17.14
C PRO B 638 -7.12 20.18 -16.68
N THR B 639 -7.26 21.13 -17.60
CA THR B 639 -7.05 22.53 -17.28
C THR B 639 -8.35 23.31 -17.43
N PRO B 640 -8.48 24.43 -16.71
CA PRO B 640 -9.69 25.27 -16.78
C PRO B 640 -9.92 25.77 -18.18
N GLU B 641 -8.84 25.80 -18.97
CA GLU B 641 -8.94 26.27 -20.34
C GLU B 641 -9.51 25.18 -21.25
N ASP B 642 -9.53 23.95 -20.75
CA ASP B 642 -10.05 22.84 -21.53
C ASP B 642 -11.20 22.10 -20.84
N ASN B 643 -10.92 20.91 -20.32
CA ASN B 643 -11.95 20.06 -19.71
C ASN B 643 -11.82 19.80 -18.20
N LEU B 644 -11.13 20.67 -17.48
CA LEU B 644 -10.96 20.44 -16.04
C LEU B 644 -12.24 20.08 -15.31
N ASP B 645 -13.33 20.73 -15.69
CA ASP B 645 -14.60 20.47 -15.06
C ASP B 645 -15.04 19.04 -15.19
N HIS B 646 -15.06 18.52 -16.41
CA HIS B 646 -15.49 17.13 -16.60
C HIS B 646 -14.57 16.17 -15.83
N TYR B 647 -13.29 16.53 -15.70
CA TYR B 647 -12.38 15.67 -14.96
C TYR B 647 -12.85 15.56 -13.52
N ARG B 648 -13.02 16.71 -12.88
CA ARG B 648 -13.44 16.75 -11.49
C ARG B 648 -14.86 16.24 -11.24
N ASN B 649 -15.68 16.26 -12.27
CA ASN B 649 -17.05 15.81 -12.15
C ASN B 649 -17.20 14.28 -12.20
N SER B 650 -16.32 13.61 -12.94
CA SER B 650 -16.39 12.16 -13.08
C SER B 650 -15.61 11.34 -12.07
N THR B 651 -15.47 11.86 -10.86
CA THR B 651 -14.74 11.18 -9.80
C THR B 651 -15.55 10.08 -9.12
N VAL B 652 -14.89 9.01 -8.67
CA VAL B 652 -15.62 7.94 -7.97
C VAL B 652 -15.81 8.38 -6.54
N MET B 653 -14.81 9.00 -5.95
CA MET B 653 -14.93 9.44 -4.57
C MET B 653 -16.04 10.46 -4.40
N SER B 654 -16.37 11.17 -5.47
CA SER B 654 -17.43 12.17 -5.37
C SER B 654 -18.80 11.50 -5.15
N ARG B 655 -18.82 10.17 -5.14
CA ARG B 655 -20.08 9.47 -4.95
C ARG B 655 -20.08 8.54 -3.76
N ALA B 656 -19.12 8.75 -2.84
CA ALA B 656 -18.98 7.92 -1.66
C ALA B 656 -20.29 7.73 -0.90
N GLU B 657 -21.05 8.81 -0.76
CA GLU B 657 -22.32 8.72 -0.06
C GLU B 657 -23.20 7.60 -0.60
N ASN B 658 -23.52 7.64 -1.88
CA ASN B 658 -24.38 6.60 -2.47
C ASN B 658 -23.97 5.16 -2.26
N PHE B 659 -22.78 4.94 -1.70
CA PHE B 659 -22.31 3.57 -1.47
C PHE B 659 -22.91 2.96 -0.22
N LYS B 660 -23.63 3.75 0.57
CA LYS B 660 -24.23 3.22 1.79
C LYS B 660 -25.28 2.22 1.40
N GLN B 661 -25.87 2.42 0.22
CA GLN B 661 -26.92 1.53 -0.27
C GLN B 661 -26.39 0.32 -1.03
N VAL B 662 -25.15 -0.10 -0.79
CA VAL B 662 -24.56 -1.22 -1.54
C VAL B 662 -23.42 -1.93 -0.84
N GLU B 663 -23.25 -3.22 -1.11
CA GLU B 663 -22.12 -3.99 -0.57
C GLU B 663 -21.03 -3.83 -1.64
N TYR B 664 -19.87 -3.30 -1.25
CA TYR B 664 -18.81 -3.06 -2.21
C TYR B 664 -17.51 -3.78 -1.86
N LEU B 665 -16.90 -4.43 -2.87
CA LEU B 665 -15.63 -5.12 -2.70
C LEU B 665 -14.59 -4.48 -3.61
N LEU B 666 -13.59 -3.85 -3.00
CA LEU B 666 -12.52 -3.16 -3.72
C LEU B 666 -11.22 -3.98 -3.69
N ILE B 667 -10.71 -4.35 -4.85
CA ILE B 667 -9.49 -5.14 -4.94
C ILE B 667 -8.42 -4.42 -5.76
N HIS B 668 -7.19 -4.39 -5.26
CA HIS B 668 -6.14 -3.72 -6.02
C HIS B 668 -4.78 -4.34 -5.83
N GLY B 669 -4.01 -4.36 -6.91
CA GLY B 669 -2.66 -4.91 -6.86
C GLY B 669 -1.70 -3.88 -6.29
N THR B 670 -0.78 -4.35 -5.46
CA THR B 670 0.21 -3.50 -4.82
C THR B 670 1.31 -2.94 -5.71
N ALA B 671 1.68 -3.69 -6.75
CA ALA B 671 2.72 -3.28 -7.67
C ALA B 671 2.11 -2.97 -9.03
N ASP B 672 0.91 -2.41 -9.02
CA ASP B 672 0.22 -2.05 -10.26
C ASP B 672 0.85 -0.77 -10.85
N ASP B 673 1.64 -0.94 -11.89
CA ASP B 673 2.30 0.20 -12.54
C ASP B 673 1.37 0.89 -13.53
N ASN B 674 0.27 0.24 -13.92
CA ASN B 674 -0.67 0.83 -14.87
C ASN B 674 -1.69 1.75 -14.16
N VAL B 675 -2.54 1.14 -13.33
CA VAL B 675 -3.53 1.87 -12.54
C VAL B 675 -2.89 1.82 -11.15
N HIS B 676 -2.36 2.96 -10.73
CA HIS B 676 -1.57 3.09 -9.51
C HIS B 676 -1.90 2.74 -8.06
N PHE B 677 -3.02 2.09 -7.77
CA PHE B 677 -3.33 1.76 -6.36
C PHE B 677 -3.72 3.04 -5.67
N GLN B 678 -2.95 4.08 -5.94
CA GLN B 678 -3.24 5.40 -5.42
C GLN B 678 -4.74 5.57 -5.64
N GLN B 679 -5.20 5.11 -6.81
CA GLN B 679 -6.60 5.20 -7.21
C GLN B 679 -7.57 4.56 -6.22
N SER B 680 -7.33 3.30 -5.84
CA SER B 680 -8.19 2.63 -4.88
C SER B 680 -7.99 3.22 -3.48
N ALA B 681 -6.74 3.53 -3.15
CA ALA B 681 -6.40 4.12 -1.85
C ALA B 681 -7.18 5.40 -1.66
N GLN B 682 -7.41 6.09 -2.77
CA GLN B 682 -8.12 7.34 -2.76
C GLN B 682 -9.62 7.06 -2.55
N ILE B 683 -10.11 5.96 -3.14
CA ILE B 683 -11.53 5.55 -3.02
C ILE B 683 -11.88 5.10 -1.62
N SER B 684 -11.06 4.22 -1.05
CA SER B 684 -11.31 3.71 0.29
C SER B 684 -11.32 4.85 1.29
N LYS B 685 -10.40 5.79 1.14
CA LYS B 685 -10.34 6.94 2.03
C LYS B 685 -11.63 7.76 1.93
N ALA B 686 -12.16 7.91 0.72
CA ALA B 686 -13.39 8.67 0.51
C ALA B 686 -14.58 8.01 1.19
N LEU B 687 -14.64 6.67 1.10
CA LEU B 687 -15.73 5.92 1.73
C LEU B 687 -15.60 5.96 3.26
N VAL B 688 -14.36 5.92 3.75
CA VAL B 688 -14.10 5.96 5.17
C VAL B 688 -14.54 7.31 5.71
N ASP B 689 -14.28 8.35 4.95
CA ASP B 689 -14.67 9.69 5.38
C ASP B 689 -16.18 9.82 5.33
N ALA B 690 -16.81 9.06 4.45
CA ALA B 690 -18.27 9.08 4.30
C ALA B 690 -18.96 8.15 5.27
N GLY B 691 -18.18 7.44 6.07
CA GLY B 691 -18.74 6.51 7.03
C GLY B 691 -19.44 5.35 6.35
N VAL B 692 -18.94 4.95 5.19
CA VAL B 692 -19.52 3.84 4.45
C VAL B 692 -18.70 2.58 4.62
N ASP B 693 -19.29 1.55 5.23
CA ASP B 693 -18.53 0.32 5.40
C ASP B 693 -18.46 -0.40 4.07
N PHE B 694 -17.39 -1.15 3.85
CA PHE B 694 -17.19 -1.87 2.58
C PHE B 694 -16.08 -2.89 2.82
N GLN B 695 -15.80 -3.70 1.80
CA GLN B 695 -14.74 -4.71 1.90
C GLN B 695 -13.59 -4.38 0.98
N ALA B 696 -12.37 -4.58 1.44
CA ALA B 696 -11.21 -4.29 0.62
C ALA B 696 -10.28 -5.49 0.58
N MET B 697 -9.32 -5.45 -0.34
CA MET B 697 -8.37 -6.54 -0.48
C MET B 697 -7.22 -6.08 -1.36
N TRP B 698 -6.01 -6.11 -0.80
CA TRP B 698 -4.84 -5.73 -1.55
C TRP B 698 -4.09 -7.01 -1.91
N TYR B 699 -3.33 -6.97 -2.99
CA TYR B 699 -2.55 -8.14 -3.37
C TYR B 699 -1.09 -7.73 -3.43
N THR B 700 -0.37 -8.16 -2.42
CA THR B 700 1.04 -7.86 -2.25
C THR B 700 1.89 -8.19 -3.46
N ASP B 701 2.55 -7.17 -4.01
CA ASP B 701 3.42 -7.35 -5.16
C ASP B 701 2.77 -7.82 -6.46
N GLU B 702 1.44 -7.78 -6.53
CA GLU B 702 0.78 -8.19 -7.75
C GLU B 702 0.70 -7.07 -8.76
N ASP B 703 0.68 -7.48 -10.02
CA ASP B 703 0.62 -6.62 -11.19
C ASP B 703 -0.73 -5.93 -11.36
N HIS B 704 -0.95 -5.41 -12.56
CA HIS B 704 -2.23 -4.78 -12.88
C HIS B 704 -3.15 -5.94 -13.20
N GLY B 705 -2.56 -7.07 -13.56
CA GLY B 705 -3.33 -8.24 -13.91
C GLY B 705 -3.56 -9.21 -12.77
N ILE B 706 -2.86 -9.02 -11.65
CA ILE B 706 -3.01 -9.93 -10.50
C ILE B 706 -3.06 -11.34 -11.11
N ALA B 707 -2.13 -11.60 -12.02
CA ALA B 707 -2.11 -12.87 -12.72
C ALA B 707 -1.08 -13.90 -12.30
N SER B 708 -0.45 -13.72 -11.15
CA SER B 708 0.51 -14.72 -10.70
C SER B 708 -0.39 -15.90 -10.39
N SER B 709 0.14 -17.12 -10.46
CA SER B 709 -0.70 -18.30 -10.20
C SER B 709 -1.52 -18.27 -8.90
N THR B 710 -0.87 -18.25 -7.75
CA THR B 710 -1.62 -18.24 -6.49
C THR B 710 -2.56 -17.05 -6.37
N ALA B 711 -2.10 -15.87 -6.76
CA ALA B 711 -2.94 -14.68 -6.69
C ALA B 711 -4.19 -14.86 -7.54
N HIS B 712 -3.99 -15.34 -8.76
CA HIS B 712 -5.09 -15.56 -9.68
C HIS B 712 -6.21 -16.39 -9.07
N GLN B 713 -5.83 -17.52 -8.46
CA GLN B 713 -6.79 -18.41 -7.85
C GLN B 713 -7.46 -17.75 -6.64
N HIS B 714 -6.64 -17.11 -5.82
CA HIS B 714 -7.09 -16.44 -4.62
C HIS B 714 -8.10 -15.34 -4.88
N ILE B 715 -7.81 -14.50 -5.87
CA ILE B 715 -8.70 -13.40 -6.18
C ILE B 715 -10.05 -13.85 -6.75
N TYR B 716 -10.08 -14.95 -7.47
CA TYR B 716 -11.35 -15.41 -8.01
C TYR B 716 -12.16 -16.15 -6.97
N SER B 717 -11.46 -16.85 -6.08
CA SER B 717 -12.14 -17.56 -5.02
C SER B 717 -12.75 -16.53 -4.08
N HIS B 718 -11.99 -15.49 -3.78
CA HIS B 718 -12.48 -14.44 -2.89
C HIS B 718 -13.68 -13.74 -3.50
N MET B 719 -13.66 -13.50 -4.81
CA MET B 719 -14.79 -12.83 -5.45
C MET B 719 -16.00 -13.75 -5.48
N SER B 720 -15.75 -15.04 -5.69
CA SER B 720 -16.81 -16.02 -5.74
C SER B 720 -17.54 -16.00 -4.40
N HIS B 721 -16.78 -16.11 -3.30
CA HIS B 721 -17.39 -16.08 -1.99
C HIS B 721 -18.12 -14.76 -1.78
N PHE B 722 -17.61 -13.66 -2.33
CA PHE B 722 -18.28 -12.37 -2.14
C PHE B 722 -19.67 -12.39 -2.75
N LEU B 723 -19.78 -12.96 -3.95
CA LEU B 723 -21.06 -13.05 -4.64
C LEU B 723 -21.98 -14.02 -3.90
N GLN B 724 -21.42 -15.16 -3.51
CA GLN B 724 -22.19 -16.14 -2.78
C GLN B 724 -22.79 -15.47 -1.54
N GLN B 725 -21.97 -14.77 -0.77
CA GLN B 725 -22.48 -14.08 0.41
C GLN B 725 -23.54 -13.07 -0.02
N CYS B 726 -23.23 -12.27 -1.04
CA CYS B 726 -24.18 -11.26 -1.50
C CYS B 726 -25.50 -11.81 -2.05
N PHE B 727 -25.42 -12.91 -2.80
CA PHE B 727 -26.62 -13.51 -3.39
C PHE B 727 -27.29 -14.52 -2.49
N SER B 728 -26.96 -14.49 -1.20
CA SER B 728 -27.55 -15.40 -0.22
C SER B 728 -27.34 -16.87 -0.60
N LEU B 729 -26.42 -17.14 -1.53
CA LEU B 729 -26.11 -18.52 -1.99
C LEU B 729 -25.25 -19.19 -0.93
N ARG B 730 -24.17 -19.86 -1.34
CA ARG B 730 -23.30 -20.53 -0.38
C ARG B 730 -24.12 -21.04 0.80
#